data_7TZF
#
_entry.id   7TZF
#
_cell.length_a   1.00
_cell.length_b   1.00
_cell.length_c   1.00
_cell.angle_alpha   90.00
_cell.angle_beta   90.00
_cell.angle_gamma   90.00
#
_symmetry.space_group_name_H-M   'P 1'
#
loop_
_entity.id
_entity.type
_entity.pdbx_description
1 polymer 'Receptor activity-modifying protein 3'
2 polymer 'amylin peptide'
3 polymer 'Calcitonin receptor'
4 polymer 'Guanine nucleotide-binding protein G(s) subunit alpha isoforms short'
5 polymer 'Guanine nucleotide-binding protein G(I)/G(S)/G(T) subunit beta-1'
6 polymer 'Guanine nucleotide-binding protein G(I)/G(S)/G(O) subunit gamma-2'
7 polymer 'nanobody 35'
8 non-polymer 2-acetamido-2-deoxy-beta-D-glucopyranose
9 non-polymer '(2S)-2-{[(1R)-1-hydroxyhexadecyl]oxy}-3-{[(1R)-1-hydroxyoctadecyl]oxy}propyl 2-(trimethylammonio)ethyl phosphate'
10 non-polymer 'PALMITIC ACID'
11 non-polymer 'CHOLESTEROL HEMISUCCINATE'
12 water water
#
loop_
_entity_poly.entity_id
_entity_poly.type
_entity_poly.pdbx_seq_one_letter_code
_entity_poly.pdbx_strand_id
1 'polypeptide(L)'
;MKTIIALSYIFCLVFADYKDDDDKRAGGCNETGMLERLPLCGKAFADMMGKVDVWKWCNLSEFIVYYESFTNCTEMEANV
VGCYWPNPLAQGFITGIHRQFFSNCTVDRVHLEDPPDEVLIPLIVIPVVLTVAMAGLVVWRSKRTDTLL
;
E
2 'polypeptide(L)' KCNTATCATQRLANFLVRSSNNLGPVLPPTNVGSNTY(NH2) P
3 'polypeptide(L)'
;MKTIIALSYIFCLVFADYKDDDDLEVLFQGPAAFSNQTYPTIEPKPFLYVVGRKKMMDAQYKCYDRMQQLPAYQGEGPYC
NRTWDGWLCWDDTPAGVLSYQFCPDYFPDFDPSEKVTKYCDEKGVWFKHPENNRTWSNYTMCNAFTPEKLKNAYVLYYLA
IVGHSLSIFTLVISLGIFVFFRSLGCQRVTLHKNMFLTYILNSMIIIIHLVEVVPNGELVRRDPVSCKILHFFHQYMMAC
NYFWMLCEGIYLHTLIVVAVFTEKQRLRWYYLLGWGFPLVPTTIHAITRAVYFNDNCWLSVETHLLYIIHGPVMAALVVN
FFFLLNIVRVLVTKMRETHEAESHMYLKAVKATMILVPLLGIQFVVFPWRPSNKMLGKIYDYVMHSLIHFQGFFVATIYC
FCNNEVQTTVKRQWAQFKIQWNQRWGRRPSNRSARAAAAAAEAGDIPIYICHQELRNEPANNQGEESAEIIPLNIIEQES
SAPAGLEVLFQGPHHHHHHHH
;
R
4 'polypeptide(L)'
;MGCLGNSKTEDQRNEEKAQREANKKIEKQLQKDKQVYRATHRLLLLGAGESGKNTIVKQMRILHVNGFNGEGGEEDPQAA
RSNSDGEKATKVQDIKNNLKEAIETIVAAMSNLVPPVELANPENQFRVDYILSVMNVPDFDFPPEFYEHAKALWEDEGVR
ACYERSNEYQLIDCAQYFLDKIDVIKQADYVPSDQDLLRCRVLTSGIFETKFQVDKVNFHMFDVGAQRDERRKWIQCFND
VTAIIFVVASSSYNMVIREDNQTNRLQAALKLFDSIWNNKWLRDTSVILFLNKQDLLAEKVLAGKSKIEDYFPEFARYTT
PEDATPEPGEDPRVTRAKYFIRDEFLRISTASGDGRHYCYPHFTCSVDTENIRRVFNDCRDIIQRMHLRQYELL
;
A
5 'polypeptide(L)'
;MHHHHHHGSSGSELDQLRQEAEQLKNQIRDARKACADATLSQITNNIDPVGRIQMRTRRTLRGHLAKIYAMHWGTDSRLL
VSASQDGKLIIWDSYTTNKVHAIPLRSSWVMTCAYAPSGNYVACGGLDNICSIYNLKTREGNVRVSRELAGHTGYLSCCR
FLDDNQIVTSSGDTTCALWDIETGQQTTTFTGHTGDVMSLSLAPDTRLFVSGACDASAKLWDVREGMCRQTFTGHESDIN
AICFFPNGNAFATGSDDATCRLFDLRADQELMTYSHDNIICGITSVSFSKSGRLLLAGYDDFNCNVWDALKADRAGVLAG
HDNRVSCLGVTDDGMAVATGSWDSFLKIWN
;
B
6 'polypeptide(L)' MASNNTASIAQARKLVEQLKMEANIDRIKVSKAAADLMAYCEAHAKEDPLLTPVPASENPFREKKFFCAIL G
7 'polypeptide(L)'
;QVQLQESGGGLVQPGGSLRLSCAASGFTFSNYKMNWVRQAPGKGLEWVSDISQSGASISYTGSVKGRFTISRDNAKNTLY
LQMNSLKPEDTAVYYCARCPAPFTRDCFDVTSTTYAYRGQGTQVTVSSHHHHHHEPEA
;
N
#
# COMPACT_ATOMS: atom_id res chain seq x y z
N GLU A 31 -74.90 45.65 8.83
CA GLU A 31 -73.72 45.87 8.01
C GLU A 31 -73.64 47.31 7.52
N THR A 32 -74.74 48.05 7.70
CA THR A 32 -74.77 49.44 7.28
C THR A 32 -74.00 50.35 8.23
N GLY A 33 -73.84 49.94 9.49
CA GLY A 33 -73.07 50.75 10.42
C GLY A 33 -71.59 50.81 10.09
N MET A 34 -71.09 49.79 9.38
CA MET A 34 -69.69 49.79 8.99
C MET A 34 -69.40 50.89 7.97
N LEU A 35 -70.23 51.00 6.94
CA LEU A 35 -70.03 52.03 5.92
C LEU A 35 -70.20 53.44 6.48
N GLU A 36 -70.74 53.58 7.69
CA GLU A 36 -70.82 54.89 8.33
C GLU A 36 -69.66 55.14 9.29
N ARG A 37 -69.07 54.08 9.84
CA ARG A 37 -67.93 54.21 10.75
C ARG A 37 -66.59 54.00 10.09
N LEU A 38 -66.55 53.24 8.99
CA LEU A 38 -65.28 53.04 8.29
C LEU A 38 -64.70 54.32 7.71
N PRO A 39 -65.47 55.26 7.14
CA PRO A 39 -64.86 56.53 6.68
C PRO A 39 -64.20 57.35 7.77
N LEU A 40 -64.26 56.92 9.04
CA LEU A 40 -63.54 57.63 10.09
C LEU A 40 -62.03 57.58 9.85
N CYS A 41 -61.52 56.42 9.43
CA CYS A 41 -60.13 56.33 8.98
C CYS A 41 -59.92 56.98 7.61
N GLY A 42 -61.00 57.42 6.95
CA GLY A 42 -60.84 58.12 5.69
C GLY A 42 -60.09 59.43 5.85
N LYS A 43 -60.29 60.10 6.97
CA LYS A 43 -59.53 61.31 7.31
C LYS A 43 -58.30 61.00 8.16
N ALA A 44 -58.24 59.82 8.78
CA ALA A 44 -57.04 59.45 9.54
C ALA A 44 -55.88 59.13 8.61
N PHE A 45 -56.14 58.39 7.53
CA PHE A 45 -55.10 58.12 6.55
C PHE A 45 -54.65 59.39 5.85
N ALA A 46 -55.48 60.43 5.81
CA ALA A 46 -55.10 61.70 5.24
C ALA A 46 -54.36 62.59 6.23
N ASP A 47 -54.41 62.27 7.53
CA ASP A 47 -53.65 63.04 8.51
C ASP A 47 -52.15 62.89 8.28
N MET A 48 -51.67 61.65 8.16
CA MET A 48 -50.28 61.37 7.89
C MET A 48 -49.94 61.46 6.41
N MET A 49 -50.92 61.71 5.55
CA MET A 49 -50.65 61.87 4.12
C MET A 49 -49.85 63.14 3.87
N GLY A 50 -50.32 64.26 4.43
CA GLY A 50 -49.59 65.52 4.29
C GLY A 50 -48.32 65.57 5.12
N LYS A 51 -48.16 64.66 6.08
CA LYS A 51 -46.93 64.63 6.87
C LYS A 51 -45.72 64.39 5.98
N VAL A 52 -45.86 63.54 4.97
CA VAL A 52 -44.81 63.32 3.98
C VAL A 52 -45.19 64.08 2.71
N ASP A 53 -44.20 64.32 1.86
CA ASP A 53 -44.41 65.05 0.62
C ASP A 53 -45.17 64.20 -0.39
N VAL A 54 -45.55 64.84 -1.49
CA VAL A 54 -46.24 64.14 -2.57
C VAL A 54 -45.32 63.16 -3.29
N TRP A 55 -44.03 63.46 -3.37
CA TRP A 55 -43.08 62.51 -3.94
C TRP A 55 -42.80 61.35 -3.00
N LYS A 56 -43.07 61.52 -1.71
CA LYS A 56 -42.92 60.45 -0.73
C LYS A 56 -44.15 59.56 -0.66
N TRP A 57 -45.19 59.86 -1.44
CA TRP A 57 -46.39 59.02 -1.46
C TRP A 57 -46.08 57.63 -2.03
N CYS A 58 -45.16 57.58 -2.99
CA CYS A 58 -44.75 56.32 -3.61
C CYS A 58 -43.68 55.59 -2.81
N ASN A 59 -43.00 56.26 -1.89
CA ASN A 59 -41.93 55.61 -1.15
C ASN A 59 -42.52 54.65 -0.12
N LEU A 60 -42.13 53.38 -0.21
CA LEU A 60 -42.63 52.39 0.74
C LEU A 60 -42.14 52.67 2.15
N SER A 61 -40.95 53.27 2.27
CA SER A 61 -40.38 53.55 3.58
C SER A 61 -41.11 54.67 4.30
N GLU A 62 -41.88 55.49 3.58
CA GLU A 62 -42.54 56.63 4.22
C GLU A 62 -43.89 56.26 4.83
N PHE A 63 -44.61 55.32 4.24
CA PHE A 63 -45.95 54.94 4.70
C PHE A 63 -45.99 53.55 5.31
N ILE A 64 -44.85 53.05 5.81
CA ILE A 64 -44.83 51.72 6.42
C ILE A 64 -45.61 51.72 7.72
N VAL A 65 -45.45 52.78 8.53
CA VAL A 65 -46.16 52.86 9.79
C VAL A 65 -47.55 53.47 9.64
N TYR A 66 -47.76 54.25 8.57
CA TYR A 66 -49.08 54.86 8.38
C TYR A 66 -50.08 53.84 7.84
N TYR A 67 -49.62 52.88 7.02
CA TYR A 67 -50.53 51.89 6.46
C TYR A 67 -51.01 50.92 7.52
N GLU A 68 -50.13 50.52 8.44
CA GLU A 68 -50.53 49.64 9.52
C GLU A 68 -51.48 50.31 10.51
N SER A 69 -51.49 51.64 10.55
CA SER A 69 -52.44 52.35 11.40
C SER A 69 -53.81 52.45 10.73
N PHE A 70 -53.82 52.66 9.42
CA PHE A 70 -55.07 52.81 8.69
C PHE A 70 -55.84 51.49 8.63
N THR A 71 -55.12 50.39 8.34
CA THR A 71 -55.77 49.08 8.31
C THR A 71 -56.24 48.66 9.70
N ASN A 72 -55.56 49.15 10.74
CA ASN A 72 -55.88 48.74 12.11
C ASN A 72 -57.30 49.14 12.49
N CYS A 73 -57.67 50.41 12.28
CA CYS A 73 -59.01 50.84 12.67
C CYS A 73 -60.06 50.22 11.76
N THR A 74 -59.74 50.09 10.47
CA THR A 74 -60.66 49.44 9.53
C THR A 74 -60.96 48.01 9.96
N GLU A 75 -60.01 47.35 10.62
CA GLU A 75 -60.25 46.03 11.17
C GLU A 75 -61.04 46.12 12.48
N MET A 76 -60.59 47.00 13.39
CA MET A 76 -61.26 47.12 14.68
C MET A 76 -62.67 47.70 14.55
N GLU A 77 -62.92 48.50 13.52
CA GLU A 77 -64.24 49.11 13.36
C GLU A 77 -65.29 48.06 13.03
N ALA A 78 -64.93 47.08 12.20
CA ALA A 78 -65.90 46.05 11.82
C ALA A 78 -66.25 45.16 13.00
N ASN A 79 -65.33 44.98 13.95
CA ASN A 79 -65.62 44.17 15.12
C ASN A 79 -66.50 44.88 16.13
N VAL A 80 -66.52 46.21 16.12
CA VAL A 80 -67.36 46.95 17.06
C VAL A 80 -68.83 46.70 16.75
N VAL A 81 -69.17 46.50 15.48
CA VAL A 81 -70.54 46.20 15.11
C VAL A 81 -70.82 44.70 15.05
N GLY A 82 -69.84 43.91 14.62
CA GLY A 82 -70.00 42.46 14.60
C GLY A 82 -69.54 41.81 13.32
N CYS A 83 -68.98 42.58 12.40
CA CYS A 83 -68.53 42.07 11.12
C CYS A 83 -67.05 41.70 11.19
N TYR A 84 -66.68 40.68 10.41
CA TYR A 84 -65.28 40.30 10.28
C TYR A 84 -64.56 41.33 9.41
N TRP A 85 -63.25 41.46 9.64
CA TRP A 85 -62.50 42.49 8.94
C TRP A 85 -62.48 42.30 7.43
N PRO A 86 -62.07 41.16 6.88
CA PRO A 86 -62.07 41.04 5.40
C PRO A 86 -63.48 40.86 4.87
N ASN A 87 -64.02 41.90 4.26
CA ASN A 87 -65.36 41.90 3.69
C ASN A 87 -65.37 42.76 2.46
N PRO A 88 -66.33 42.55 1.54
CA PRO A 88 -66.32 43.32 0.28
C PRO A 88 -66.43 44.82 0.47
N LEU A 89 -67.27 45.29 1.39
CA LEU A 89 -67.52 46.74 1.47
C LEU A 89 -66.30 47.49 2.00
N ALA A 90 -65.65 46.97 3.03
CA ALA A 90 -64.45 47.64 3.55
C ALA A 90 -63.26 47.45 2.62
N GLN A 91 -63.23 46.36 1.86
CA GLN A 91 -62.20 46.20 0.84
C GLN A 91 -62.33 47.29 -0.23
N GLY A 92 -63.56 47.58 -0.64
CA GLY A 92 -63.77 48.71 -1.54
C GLY A 92 -63.34 50.02 -0.92
N PHE A 93 -63.47 50.13 0.40
CA PHE A 93 -63.01 51.33 1.10
C PHE A 93 -61.49 51.46 1.00
N ILE A 94 -60.77 50.34 1.15
CA ILE A 94 -59.31 50.40 1.07
C ILE A 94 -58.87 50.67 -0.36
N THR A 95 -59.50 49.99 -1.32
CA THR A 95 -59.19 50.26 -2.73
C THR A 95 -59.60 51.67 -3.14
N GLY A 96 -60.61 52.25 -2.51
CA GLY A 96 -60.93 53.65 -2.76
C GLY A 96 -59.81 54.57 -2.33
N ILE A 97 -59.24 54.32 -1.15
CA ILE A 97 -58.07 55.07 -0.71
C ILE A 97 -56.83 54.66 -1.49
N HIS A 98 -56.80 53.45 -2.05
CA HIS A 98 -55.63 53.00 -2.79
C HIS A 98 -55.56 53.59 -4.19
N ARG A 99 -56.67 54.15 -4.69
CA ARG A 99 -56.68 54.79 -6.00
C ARG A 99 -56.46 56.29 -5.95
N GLN A 100 -56.57 56.89 -4.76
CA GLN A 100 -56.35 58.32 -4.61
C GLN A 100 -54.92 58.67 -4.26
N PHE A 101 -54.21 57.78 -3.57
CA PHE A 101 -52.85 58.04 -3.13
C PHE A 101 -51.80 57.24 -3.89
N PHE A 102 -52.12 56.01 -4.29
CA PHE A 102 -51.12 55.11 -4.86
C PHE A 102 -51.42 54.75 -6.31
N SER A 103 -52.14 55.61 -7.03
CA SER A 103 -52.40 55.35 -8.44
C SER A 103 -51.32 55.90 -9.34
N ASN A 104 -50.55 56.88 -8.88
CA ASN A 104 -49.52 57.50 -9.72
C ASN A 104 -48.32 56.58 -9.88
N CYS A 105 -47.77 56.11 -8.77
CA CYS A 105 -46.53 55.35 -8.79
C CYS A 105 -46.79 53.86 -8.92
N THR A 106 -45.73 53.15 -9.30
CA THR A 106 -45.67 51.68 -9.29
C THR A 106 -44.37 51.31 -8.59
N VAL A 107 -44.43 51.20 -7.27
CA VAL A 107 -43.24 50.98 -6.45
C VAL A 107 -43.05 49.48 -6.27
N ASP A 108 -42.00 48.93 -6.89
CA ASP A 108 -41.72 47.51 -6.83
C ASP A 108 -40.21 47.31 -6.66
N ARG A 109 -39.81 46.79 -5.50
CA ARG A 109 -38.41 46.47 -5.22
C ARG A 109 -38.40 45.16 -4.42
N VAL A 110 -38.32 44.04 -5.13
CA VAL A 110 -38.34 42.74 -4.46
C VAL A 110 -37.05 42.52 -3.66
N HIS A 111 -35.91 42.73 -4.30
CA HIS A 111 -34.59 42.71 -3.65
C HIS A 111 -34.19 41.30 -3.19
N LEU A 112 -35.09 40.34 -3.32
CA LEU A 112 -34.82 38.96 -2.93
C LEU A 112 -35.37 38.01 -3.99
N GLU A 113 -35.10 38.34 -5.25
CA GLU A 113 -35.57 37.55 -6.38
C GLU A 113 -34.40 36.92 -7.11
N ASP A 114 -34.69 35.83 -7.82
CA ASP A 114 -33.72 35.15 -8.66
C ASP A 114 -33.66 35.81 -10.03
N PRO A 115 -32.54 35.69 -10.74
CA PRO A 115 -32.45 36.23 -12.09
C PRO A 115 -33.38 35.48 -13.03
N PRO A 116 -33.62 36.00 -14.24
CA PRO A 116 -34.43 35.27 -15.21
C PRO A 116 -33.74 33.98 -15.64
N ASP A 117 -34.48 33.18 -16.41
CA ASP A 117 -33.92 31.91 -16.90
C ASP A 117 -32.76 32.13 -17.85
N GLU A 118 -32.81 33.18 -18.67
CA GLU A 118 -31.74 33.44 -19.62
C GLU A 118 -30.45 33.90 -18.95
N VAL A 119 -30.48 34.20 -17.65
CA VAL A 119 -29.30 34.55 -16.89
C VAL A 119 -28.95 33.48 -15.86
N LEU A 120 -29.96 32.89 -15.24
CA LEU A 120 -29.73 31.90 -14.19
C LEU A 120 -29.18 30.59 -14.76
N ILE A 121 -29.70 30.16 -15.90
CA ILE A 121 -29.32 28.88 -16.50
C ILE A 121 -27.85 28.91 -16.92
N PRO A 122 -27.35 29.94 -17.61
CA PRO A 122 -25.91 29.97 -17.90
C PRO A 122 -25.05 30.03 -16.66
N LEU A 123 -25.55 30.61 -15.56
CA LEU A 123 -24.77 30.65 -14.32
C LEU A 123 -24.61 29.27 -13.70
N ILE A 124 -25.42 28.30 -14.10
CA ILE A 124 -25.30 26.93 -13.62
C ILE A 124 -24.66 26.03 -14.66
N VAL A 125 -24.97 26.24 -15.94
CA VAL A 125 -24.47 25.36 -16.99
C VAL A 125 -22.96 25.55 -17.19
N ILE A 126 -22.48 26.79 -17.12
CA ILE A 126 -21.08 27.09 -17.39
C ILE A 126 -20.18 26.48 -16.31
N PRO A 127 -20.47 26.63 -15.01
CA PRO A 127 -19.63 25.94 -14.01
C PRO A 127 -19.74 24.43 -14.08
N VAL A 128 -20.84 23.89 -14.61
CA VAL A 128 -20.99 22.43 -14.71
C VAL A 128 -20.14 21.88 -15.84
N VAL A 129 -20.15 22.54 -17.01
CA VAL A 129 -19.31 22.07 -18.10
C VAL A 129 -17.84 22.29 -17.76
N LEU A 130 -17.54 23.34 -17.00
CA LEU A 130 -16.16 23.55 -16.54
C LEU A 130 -15.73 22.48 -15.54
N THR A 131 -16.69 21.91 -14.81
CA THR A 131 -16.37 20.83 -13.89
C THR A 131 -16.02 19.55 -14.64
N VAL A 132 -16.82 19.20 -15.64
CA VAL A 132 -16.51 18.03 -16.47
C VAL A 132 -15.25 18.27 -17.28
N ALA A 133 -15.04 19.50 -17.75
CA ALA A 133 -13.84 19.80 -18.52
C ALA A 133 -12.58 19.80 -17.66
N MET A 134 -12.69 20.23 -16.40
CA MET A 134 -11.55 20.18 -15.51
C MET A 134 -11.23 18.75 -15.10
N ALA A 135 -12.27 17.91 -14.94
CA ALA A 135 -12.04 16.51 -14.64
C ALA A 135 -11.35 15.81 -15.80
N GLY A 136 -11.86 16.00 -17.02
CA GLY A 136 -11.22 15.42 -18.18
C GLY A 136 -9.83 15.97 -18.41
N LEU A 137 -9.58 17.20 -17.96
CA LEU A 137 -8.24 17.78 -18.07
C LEU A 137 -7.24 17.06 -17.17
N VAL A 138 -7.70 16.58 -16.02
CA VAL A 138 -6.81 15.84 -15.12
C VAL A 138 -6.60 14.42 -15.61
N VAL A 139 -7.65 13.79 -16.15
CA VAL A 139 -7.49 12.44 -16.71
C VAL A 139 -6.55 12.44 -17.90
N TRP A 140 -6.35 13.59 -18.54
CA TRP A 140 -5.50 13.72 -19.71
C TRP A 140 -4.10 14.22 -19.37
N ARG A 141 -4.00 15.30 -18.59
CA ARG A 141 -2.74 16.00 -18.39
C ARG A 141 -1.97 15.55 -17.15
N SER A 142 -2.50 14.60 -16.37
CA SER A 142 -1.81 14.20 -15.15
C SER A 142 -0.52 13.44 -15.42
N LYS A 143 -0.28 13.02 -16.66
CA LYS A 143 0.94 12.30 -17.03
C LYS A 143 1.72 13.21 -17.99
N ARG A 144 2.55 14.08 -17.42
CA ARG A 144 3.35 15.01 -18.21
C ARG A 144 4.51 15.56 -17.40
N LYS B 1 -35.67 26.58 -4.23
CA LYS B 1 -35.45 25.54 -3.25
C LYS B 1 -34.40 24.53 -3.72
N CYS B 2 -33.40 24.27 -2.89
CA CYS B 2 -32.37 23.29 -3.17
C CYS B 2 -32.76 21.99 -2.47
N ASN B 3 -33.09 20.97 -3.26
CA ASN B 3 -33.59 19.71 -2.73
C ASN B 3 -32.57 18.58 -2.82
N THR B 4 -31.35 18.86 -3.24
CA THR B 4 -30.34 17.83 -3.40
C THR B 4 -29.80 17.38 -2.04
N ALA B 5 -29.14 16.23 -2.05
CA ALA B 5 -28.56 15.70 -0.82
C ALA B 5 -27.40 16.57 -0.32
N THR B 6 -26.70 17.24 -1.22
CA THR B 6 -25.61 18.13 -0.82
C THR B 6 -26.10 19.39 -0.14
N CYS B 7 -27.40 19.69 -0.20
CA CYS B 7 -27.97 20.85 0.46
C CYS B 7 -28.62 20.49 1.80
N ALA B 8 -28.45 19.24 2.25
CA ALA B 8 -29.15 18.78 3.46
C ALA B 8 -28.72 19.58 4.68
N THR B 9 -27.41 19.80 4.84
CA THR B 9 -26.92 20.58 5.97
C THR B 9 -27.46 21.99 5.93
N GLN B 10 -27.48 22.61 4.74
CA GLN B 10 -27.95 23.98 4.62
C GLN B 10 -29.45 24.08 4.82
N ARG B 11 -30.22 23.06 4.42
CA ARG B 11 -31.65 23.06 4.69
C ARG B 11 -31.94 22.92 6.17
N LEU B 12 -31.08 22.18 6.90
CA LEU B 12 -31.29 22.04 8.34
C LEU B 12 -30.95 23.33 9.07
N ALA B 13 -29.84 23.98 8.69
CA ALA B 13 -29.47 25.25 9.33
C ALA B 13 -30.50 26.33 9.02
N ASN B 14 -31.02 26.36 7.79
CA ASN B 14 -32.02 27.36 7.45
C ASN B 14 -33.33 27.13 8.18
N PHE B 15 -33.69 25.87 8.43
CA PHE B 15 -34.93 25.59 9.14
C PHE B 15 -34.82 25.95 10.62
N LEU B 16 -33.62 25.85 11.20
CA LEU B 16 -33.46 26.10 12.62
C LEU B 16 -33.44 27.59 12.93
N VAL B 17 -32.75 28.39 12.10
CA VAL B 17 -32.70 29.83 12.33
C VAL B 17 -34.04 30.49 12.04
N ARG B 18 -34.89 29.84 11.24
N ARG B 18 -34.89 29.84 11.24
CA ARG B 18 -36.15 30.42 10.80
CA ARG B 18 -36.15 30.42 10.80
C ARG B 18 -37.35 29.92 11.59
C ARG B 18 -37.35 29.92 11.60
N SER B 19 -37.41 28.62 11.89
CA SER B 19 -38.57 28.04 12.55
C SER B 19 -38.35 27.72 14.01
N SER B 20 -37.13 27.84 14.53
CA SER B 20 -36.86 27.66 15.95
C SER B 20 -36.34 28.96 16.54
N ASN B 21 -36.78 29.28 17.76
CA ASN B 21 -36.37 30.50 18.45
C ASN B 21 -35.03 30.25 19.12
N ASN B 22 -33.98 30.28 18.30
CA ASN B 22 -32.60 30.07 18.75
C ASN B 22 -32.45 28.74 19.49
N LEU B 23 -33.10 27.71 18.97
CA LEU B 23 -33.14 26.38 19.61
C LEU B 23 -33.60 26.50 21.05
N GLY B 24 -34.64 27.30 21.26
CA GLY B 24 -35.18 27.53 22.57
C GLY B 24 -36.47 26.76 22.81
N PRO B 25 -37.31 27.26 23.72
CA PRO B 25 -38.54 26.55 24.06
C PRO B 25 -39.57 26.63 22.94
N VAL B 26 -40.67 25.92 23.15
CA VAL B 26 -41.76 25.91 22.19
C VAL B 26 -42.62 27.15 22.38
N LEU B 27 -43.26 27.58 21.30
CA LEU B 27 -44.13 28.75 21.31
C LEU B 27 -45.55 28.34 20.94
N PRO B 28 -46.56 29.14 21.27
CA PRO B 28 -47.92 28.83 20.82
C PRO B 28 -48.00 28.86 19.31
N PRO B 29 -48.46 27.78 18.69
CA PRO B 29 -48.57 27.76 17.23
C PRO B 29 -49.54 28.81 16.72
N THR B 30 -49.26 29.32 15.53
CA THR B 30 -50.10 30.33 14.90
C THR B 30 -51.52 29.80 14.75
N ASN B 31 -52.47 30.44 15.43
CA ASN B 31 -53.84 29.96 15.43
C ASN B 31 -54.43 30.02 14.03
N VAL B 32 -54.82 28.89 13.45
CA VAL B 32 -55.26 28.90 12.02
C VAL B 32 -56.68 28.33 11.90
N GLY B 33 -57.51 28.56 12.91
CA GLY B 33 -58.89 28.02 12.92
C GLY B 33 -59.90 28.95 12.29
N SER B 34 -61.18 28.74 12.56
CA SER B 34 -62.26 29.55 11.94
C SER B 34 -62.09 31.02 12.29
N ASN B 35 -61.70 31.32 13.53
CA ASN B 35 -61.61 32.74 13.97
C ASN B 35 -60.55 33.48 13.15
N THR B 36 -59.56 32.75 12.60
CA THR B 36 -58.49 33.38 11.79
C THR B 36 -58.93 33.54 10.33
N TYR B 37 -58.08 34.17 9.51
CA TYR B 37 -58.39 34.41 8.08
C TYR B 37 -58.35 33.07 7.35
N TYR C 49 -42.45 40.08 15.76
CA TYR C 49 -43.74 40.32 15.12
C TYR C 49 -43.67 41.56 14.22
N VAL C 50 -42.56 42.29 14.32
CA VAL C 50 -42.39 43.49 13.50
C VAL C 50 -42.02 43.11 12.07
N VAL C 51 -41.21 42.06 11.90
CA VAL C 51 -40.85 41.61 10.55
C VAL C 51 -42.03 40.92 9.89
N GLY C 52 -42.81 40.16 10.67
CA GLY C 52 -43.96 39.46 10.11
C GLY C 52 -45.03 40.41 9.62
N ARG C 53 -45.31 41.47 10.38
CA ARG C 53 -46.31 42.44 9.95
C ARG C 53 -45.78 43.35 8.85
N LYS C 54 -44.47 43.56 8.79
CA LYS C 54 -43.89 44.35 7.72
C LYS C 54 -44.08 43.67 6.37
N LYS C 55 -43.75 42.38 6.29
CA LYS C 55 -44.00 41.62 5.08
C LYS C 55 -45.49 41.45 4.81
N MET C 56 -46.30 41.42 5.89
CA MET C 56 -47.74 41.31 5.72
C MET C 56 -48.32 42.58 5.12
N MET C 57 -47.90 43.74 5.61
CA MET C 57 -48.35 45.01 5.04
C MET C 57 -47.73 45.28 3.68
N ASP C 58 -46.55 44.70 3.40
CA ASP C 58 -45.97 44.82 2.07
C ASP C 58 -46.78 44.02 1.06
N ALA C 59 -47.11 42.77 1.40
CA ALA C 59 -47.92 41.94 0.52
C ALA C 59 -49.30 42.55 0.31
N GLN C 60 -49.85 43.21 1.34
CA GLN C 60 -51.16 43.83 1.20
C GLN C 60 -51.12 44.99 0.23
N TYR C 61 -50.09 45.84 0.31
CA TYR C 61 -49.95 46.93 -0.63
C TYR C 61 -49.84 46.41 -2.07
N LYS C 62 -49.07 45.33 -2.27
CA LYS C 62 -48.94 44.76 -3.60
C LYS C 62 -50.23 44.10 -4.06
N CYS C 63 -51.03 43.59 -3.12
CA CYS C 63 -52.29 42.96 -3.47
C CYS C 63 -53.29 43.99 -3.98
N TYR C 64 -53.59 45.01 -3.16
CA TYR C 64 -54.54 46.03 -3.58
C TYR C 64 -54.07 46.76 -4.83
N ASP C 65 -52.75 46.83 -5.03
CA ASP C 65 -52.21 47.37 -6.27
C ASP C 65 -52.54 46.46 -7.44
N ARG C 66 -52.59 45.15 -7.19
CA ARG C 66 -52.80 44.19 -8.27
C ARG C 66 -54.25 44.19 -8.75
N MET C 67 -55.19 44.54 -7.87
CA MET C 67 -56.61 44.43 -8.22
C MET C 67 -57.00 45.40 -9.33
N GLN C 68 -56.49 46.63 -9.27
CA GLN C 68 -56.95 47.67 -10.19
C GLN C 68 -56.29 47.57 -11.57
N GLN C 69 -55.18 46.86 -11.69
CA GLN C 69 -54.47 46.77 -12.97
C GLN C 69 -54.84 45.54 -13.78
N LEU C 70 -55.24 44.46 -13.12
CA LEU C 70 -55.52 43.22 -13.84
C LEU C 70 -56.82 43.34 -14.62
N PRO C 71 -56.90 42.72 -15.80
CA PRO C 71 -58.14 42.76 -16.56
C PRO C 71 -59.23 41.92 -15.91
N ALA C 72 -60.48 42.30 -16.17
CA ALA C 72 -61.62 41.61 -15.56
C ALA C 72 -61.69 40.17 -16.06
N TYR C 73 -62.56 39.39 -15.41
CA TYR C 73 -62.67 37.97 -15.73
C TYR C 73 -63.22 37.77 -17.14
N GLN C 74 -62.80 36.69 -17.78
CA GLN C 74 -63.14 36.42 -19.16
C GLN C 74 -63.92 35.13 -19.37
N GLY C 75 -64.19 34.36 -18.32
CA GLY C 75 -64.90 33.11 -18.45
C GLY C 75 -66.36 33.31 -18.84
N GLU C 76 -67.04 32.18 -19.05
CA GLU C 76 -68.45 32.21 -19.42
C GLU C 76 -69.35 32.20 -18.18
N GLY C 77 -69.11 31.26 -17.27
CA GLY C 77 -69.91 31.14 -16.08
C GLY C 77 -69.51 32.12 -15.00
N PRO C 78 -70.11 31.96 -13.82
CA PRO C 78 -69.78 32.83 -12.70
C PRO C 78 -68.37 32.58 -12.18
N TYR C 79 -67.94 33.47 -11.27
CA TYR C 79 -66.58 33.42 -10.75
C TYR C 79 -66.57 33.97 -9.33
N CYS C 80 -65.45 33.77 -8.66
CA CYS C 80 -65.22 34.29 -7.31
C CYS C 80 -64.36 35.55 -7.40
N ASN C 81 -64.92 36.66 -6.93
CA ASN C 81 -64.24 37.95 -7.03
C ASN C 81 -62.94 37.93 -6.24
N ARG C 82 -61.92 38.58 -6.80
CA ARG C 82 -60.60 38.58 -6.20
C ARG C 82 -60.57 39.46 -4.95
N THR C 83 -59.91 38.97 -3.91
CA THR C 83 -59.92 39.67 -2.64
C THR C 83 -58.63 39.40 -1.88
N TRP C 84 -58.41 40.19 -0.83
CA TRP C 84 -57.28 40.06 0.07
C TRP C 84 -57.81 39.51 1.40
N ASP C 85 -57.43 38.27 1.72
CA ASP C 85 -57.99 37.59 2.88
C ASP C 85 -57.33 37.98 4.20
N GLY C 86 -56.28 38.80 4.16
CA GLY C 86 -55.55 39.21 5.34
C GLY C 86 -54.12 38.74 5.35
N TRP C 87 -53.82 37.61 4.71
CA TRP C 87 -52.47 37.10 4.62
C TRP C 87 -51.98 36.87 3.19
N LEU C 88 -52.89 36.72 2.23
CA LEU C 88 -52.50 36.41 0.86
C LEU C 88 -53.46 37.07 -0.11
N CYS C 89 -53.02 37.16 -1.36
CA CYS C 89 -53.80 37.74 -2.44
C CYS C 89 -54.31 36.62 -3.34
N TRP C 90 -55.61 36.65 -3.64
CA TRP C 90 -56.27 35.61 -4.42
C TRP C 90 -56.78 36.24 -5.72
N ASP C 91 -56.33 35.69 -6.85
CA ASP C 91 -56.81 36.15 -8.14
C ASP C 91 -58.24 35.65 -8.38
N ASP C 92 -58.84 36.17 -9.45
CA ASP C 92 -60.19 35.77 -9.81
C ASP C 92 -60.25 34.27 -10.08
N THR C 93 -61.02 33.56 -9.26
CA THR C 93 -61.11 32.12 -9.34
C THR C 93 -62.43 31.71 -9.98
N PRO C 94 -62.40 30.83 -10.98
CA PRO C 94 -63.66 30.38 -11.59
C PRO C 94 -64.52 29.61 -10.61
N ALA C 95 -65.78 29.44 -10.98
CA ALA C 95 -66.72 28.71 -10.14
C ALA C 95 -66.28 27.26 -9.96
N GLY C 96 -66.37 26.77 -8.74
CA GLY C 96 -66.01 25.40 -8.43
C GLY C 96 -64.56 25.05 -8.68
N VAL C 97 -63.65 25.92 -8.24
CA VAL C 97 -62.21 25.69 -8.36
C VAL C 97 -61.58 25.96 -7.00
N LEU C 98 -60.73 25.04 -6.56
CA LEU C 98 -60.01 25.17 -5.30
C LEU C 98 -58.60 25.70 -5.58
N SER C 99 -58.30 26.88 -5.05
CA SER C 99 -57.05 27.55 -5.37
C SER C 99 -55.88 26.91 -4.61
N TYR C 100 -54.66 27.29 -5.02
CA TYR C 100 -53.45 26.72 -4.44
C TYR C 100 -52.32 27.73 -4.58
N GLN C 101 -51.78 28.17 -3.44
CA GLN C 101 -50.53 28.92 -3.41
C GLN C 101 -49.75 28.55 -2.16
N PHE C 102 -48.47 28.91 -2.17
CA PHE C 102 -47.58 28.52 -1.08
C PHE C 102 -47.82 29.37 0.16
N CYS C 103 -47.61 28.78 1.33
CA CYS C 103 -47.81 29.45 2.61
C CYS C 103 -46.92 30.67 2.74
N PRO C 104 -47.36 31.71 3.45
CA PRO C 104 -46.50 32.87 3.68
C PRO C 104 -45.42 32.56 4.71
N ASP C 105 -44.52 33.52 4.87
CA ASP C 105 -43.41 33.42 5.82
C ASP C 105 -43.53 34.47 6.93
N TYR C 106 -44.74 34.91 7.24
CA TYR C 106 -44.91 35.91 8.30
C TYR C 106 -44.58 35.33 9.66
N PHE C 107 -44.90 34.05 9.86
CA PHE C 107 -44.75 33.38 11.14
C PHE C 107 -43.64 32.34 11.09
N PRO C 108 -42.92 32.14 12.19
CA PRO C 108 -41.82 31.16 12.16
C PRO C 108 -42.28 29.73 12.00
N ASP C 109 -43.47 29.38 12.52
CA ASP C 109 -43.94 28.01 12.45
C ASP C 109 -44.56 27.65 11.11
N PHE C 110 -44.59 28.57 10.15
CA PHE C 110 -45.14 28.30 8.84
C PHE C 110 -44.11 27.60 7.96
N ASP C 111 -44.60 26.71 7.10
CA ASP C 111 -43.77 26.01 6.15
C ASP C 111 -43.97 26.60 4.77
N PRO C 112 -42.97 27.29 4.19
CA PRO C 112 -43.16 27.87 2.85
C PRO C 112 -43.25 26.85 1.74
N SER C 113 -43.09 25.56 2.04
CA SER C 113 -43.22 24.51 1.03
C SER C 113 -44.62 23.94 0.93
N GLU C 114 -45.48 24.19 1.92
CA GLU C 114 -46.85 23.71 1.88
C GLU C 114 -47.74 24.69 1.11
N LYS C 115 -48.93 24.22 0.76
CA LYS C 115 -49.86 24.99 -0.05
C LYS C 115 -51.01 25.52 0.80
N VAL C 116 -51.50 26.70 0.43
CA VAL C 116 -52.69 27.29 1.04
C VAL C 116 -53.88 26.98 0.14
N THR C 117 -55.02 26.66 0.77
CA THR C 117 -56.21 26.22 0.06
C THR C 117 -57.33 27.24 0.23
N LYS C 118 -57.95 27.61 -0.88
CA LYS C 118 -59.11 28.50 -0.87
C LYS C 118 -60.11 27.99 -1.90
N TYR C 119 -61.32 27.66 -1.45
CA TYR C 119 -62.32 27.00 -2.29
C TYR C 119 -63.34 28.02 -2.75
N CYS C 120 -63.64 28.00 -4.05
CA CYS C 120 -64.65 28.84 -4.66
C CYS C 120 -65.89 28.00 -4.95
N ASP C 121 -67.04 28.41 -4.41
CA ASP C 121 -68.27 27.69 -4.65
C ASP C 121 -68.76 27.92 -6.07
N GLU C 122 -69.87 27.24 -6.42
CA GLU C 122 -70.41 27.36 -7.77
C GLU C 122 -71.04 28.73 -8.00
N LYS C 123 -71.82 29.23 -7.03
CA LYS C 123 -72.47 30.51 -7.19
C LYS C 123 -71.51 31.69 -7.09
N GLY C 124 -70.24 31.45 -6.80
CA GLY C 124 -69.26 32.51 -6.67
C GLY C 124 -68.99 32.97 -5.26
N VAL C 125 -69.66 32.40 -4.27
CA VAL C 125 -69.37 32.76 -2.88
C VAL C 125 -68.15 31.99 -2.40
N TRP C 126 -67.24 32.69 -1.74
CA TRP C 126 -66.05 32.04 -1.21
C TRP C 126 -66.44 31.07 -0.09
N PHE C 127 -65.58 30.08 0.13
CA PHE C 127 -65.85 29.07 1.16
C PHE C 127 -65.99 29.69 2.53
N LYS C 128 -67.07 29.35 3.22
CA LYS C 128 -67.33 29.83 4.57
C LYS C 128 -67.18 28.68 5.55
N HIS C 129 -66.43 28.91 6.61
CA HIS C 129 -66.21 27.88 7.62
C HIS C 129 -67.51 27.60 8.36
N PRO C 130 -67.98 26.35 8.39
CA PRO C 130 -69.32 26.07 8.93
C PRO C 130 -69.48 26.38 10.42
N GLU C 131 -68.38 26.61 11.15
CA GLU C 131 -68.49 26.91 12.58
C GLU C 131 -69.05 28.31 12.81
N ASN C 132 -68.39 29.32 12.25
CA ASN C 132 -68.78 30.71 12.45
C ASN C 132 -69.33 31.38 11.20
N ASN C 133 -69.24 30.72 10.04
CA ASN C 133 -69.75 31.24 8.77
C ASN C 133 -69.11 32.57 8.40
N ARG C 134 -67.78 32.54 8.26
CA ARG C 134 -67.02 33.65 7.74
C ARG C 134 -66.24 33.20 6.51
N THR C 135 -66.01 34.13 5.59
CA THR C 135 -65.13 33.84 4.45
C THR C 135 -63.75 33.45 4.97
N TRP C 136 -63.38 32.20 4.74
CA TRP C 136 -62.21 31.62 5.41
C TRP C 136 -61.30 30.96 4.39
N SER C 137 -60.00 31.21 4.54
CA SER C 137 -58.97 30.57 3.74
C SER C 137 -58.27 29.52 4.58
N ASN C 138 -57.93 28.39 3.96
CA ASN C 138 -57.41 27.23 4.67
C ASN C 138 -55.89 27.33 4.77
N TYR C 139 -55.40 27.63 5.98
CA TYR C 139 -53.96 27.71 6.25
C TYR C 139 -53.48 26.60 7.18
N THR C 140 -54.29 25.55 7.36
CA THR C 140 -53.98 24.54 8.37
C THR C 140 -52.69 23.81 8.05
N MET C 141 -52.43 23.53 6.78
CA MET C 141 -51.24 22.78 6.41
C MET C 141 -49.96 23.60 6.51
N CYS C 142 -50.05 24.88 6.86
CA CYS C 142 -48.86 25.71 6.96
C CYS C 142 -48.04 25.36 8.19
N ASN C 143 -48.70 25.12 9.33
CA ASN C 143 -48.01 24.81 10.58
C ASN C 143 -48.47 23.48 11.17
N ALA C 144 -49.13 22.63 10.38
CA ALA C 144 -49.59 21.36 10.91
C ALA C 144 -48.44 20.39 11.14
N PHE C 145 -47.42 20.44 10.29
CA PHE C 145 -46.30 19.50 10.36
C PHE C 145 -45.04 20.13 10.95
N THR C 146 -45.12 21.36 11.42
CA THR C 146 -43.96 22.06 11.97
C THR C 146 -43.57 21.52 13.36
N PRO C 147 -44.52 21.23 14.26
CA PRO C 147 -44.12 20.68 15.56
C PRO C 147 -43.27 19.42 15.47
N GLU C 148 -43.68 18.44 14.66
CA GLU C 148 -42.92 17.20 14.56
C GLU C 148 -41.67 17.37 13.71
N LYS C 149 -41.70 18.26 12.71
CA LYS C 149 -40.50 18.50 11.91
C LYS C 149 -39.42 19.18 12.72
N LEU C 150 -39.81 20.11 13.60
CA LEU C 150 -38.84 20.76 14.48
C LEU C 150 -38.26 19.77 15.49
N LYS C 151 -39.04 18.76 15.88
CA LYS C 151 -38.54 17.77 16.81
C LYS C 151 -37.49 16.87 16.15
N ASN C 152 -37.69 16.56 14.86
CA ASN C 152 -36.70 15.79 14.13
C ASN C 152 -35.48 16.63 13.77
N ALA C 153 -35.67 17.93 13.59
CA ALA C 153 -34.55 18.80 13.24
C ALA C 153 -33.55 18.91 14.38
N TYR C 154 -34.01 18.82 15.62
CA TYR C 154 -33.09 18.89 16.75
C TYR C 154 -32.23 17.64 16.85
N VAL C 155 -32.76 16.50 16.44
CA VAL C 155 -31.96 15.27 16.43
C VAL C 155 -30.92 15.34 15.31
N LEU C 156 -31.30 15.83 14.14
CA LEU C 156 -30.35 16.00 13.06
C LEU C 156 -29.29 17.04 13.39
N TYR C 157 -29.65 18.01 14.23
CA TYR C 157 -28.68 19.04 14.63
C TYR C 157 -27.56 18.45 15.46
N TYR C 158 -27.91 17.67 16.47
CA TYR C 158 -26.88 17.03 17.31
C TYR C 158 -26.24 15.84 16.61
N LEU C 159 -26.95 15.22 15.67
CA LEU C 159 -26.32 14.22 14.82
C LEU C 159 -25.21 14.85 13.98
N ALA C 160 -25.43 16.08 13.52
CA ALA C 160 -24.41 16.77 12.73
C ALA C 160 -23.21 17.15 13.59
N ILE C 161 -23.44 17.61 14.81
CA ILE C 161 -22.33 18.01 15.67
C ILE C 161 -21.54 16.79 16.12
N VAL C 162 -22.23 15.72 16.52
CA VAL C 162 -21.54 14.50 16.94
C VAL C 162 -20.76 13.90 15.77
N GLY C 163 -21.37 13.86 14.60
CA GLY C 163 -20.69 13.27 13.45
C GLY C 163 -19.47 14.05 13.03
N HIS C 164 -19.59 15.37 12.97
CA HIS C 164 -18.46 16.19 12.54
C HIS C 164 -17.38 16.28 13.60
N SER C 165 -17.76 16.21 14.88
CA SER C 165 -16.75 16.20 15.94
C SER C 165 -16.00 14.87 15.96
N LEU C 166 -16.71 13.76 15.80
CA LEU C 166 -16.06 12.46 15.68
C LEU C 166 -15.23 12.38 14.41
N SER C 167 -15.68 13.03 13.33
CA SER C 167 -14.89 13.06 12.10
C SER C 167 -13.58 13.79 12.30
N ILE C 168 -13.64 15.00 12.89
CA ILE C 168 -12.42 15.76 13.14
C ILE C 168 -11.45 14.96 13.99
N PHE C 169 -11.96 14.25 14.99
CA PHE C 169 -11.10 13.52 15.92
C PHE C 169 -10.33 12.41 15.20
N THR C 170 -11.03 11.58 14.43
CA THR C 170 -10.39 10.45 13.77
C THR C 170 -9.58 10.85 12.56
N LEU C 171 -9.85 12.02 11.97
CA LEU C 171 -9.11 12.43 10.78
C LEU C 171 -7.80 13.10 11.14
N VAL C 172 -7.75 13.86 12.24
CA VAL C 172 -6.48 14.44 12.66
C VAL C 172 -5.55 13.35 13.19
N ILE C 173 -6.10 12.26 13.71
CA ILE C 173 -5.29 11.09 14.04
C ILE C 173 -4.80 10.43 12.76
N SER C 174 -5.71 10.19 11.82
CA SER C 174 -5.32 9.61 10.54
C SER C 174 -4.34 10.49 9.80
N LEU C 175 -4.53 11.82 9.86
CA LEU C 175 -3.58 12.72 9.23
C LEU C 175 -2.24 12.69 9.95
N GLY C 176 -2.25 12.59 11.28
CA GLY C 176 -1.01 12.50 12.02
C GLY C 176 -0.27 11.19 11.79
N ILE C 177 -1.01 10.12 11.50
CA ILE C 177 -0.37 8.84 11.22
C ILE C 177 0.31 8.88 9.85
N PHE C 178 -0.36 9.45 8.86
CA PHE C 178 0.20 9.53 7.51
C PHE C 178 1.29 10.57 7.38
N VAL C 179 1.43 11.47 8.35
CA VAL C 179 2.49 12.47 8.30
C VAL C 179 3.73 12.01 9.05
N PHE C 180 3.53 11.44 10.25
CA PHE C 180 4.67 11.04 11.07
C PHE C 180 5.33 9.79 10.52
N PHE C 181 4.55 8.75 10.22
CA PHE C 181 5.10 7.53 9.63
C PHE C 181 5.44 7.76 8.16
N ARG C 182 6.70 8.12 7.89
CA ARG C 182 7.12 8.44 6.53
C ARG C 182 7.10 7.24 5.61
N SER C 183 7.20 6.02 6.16
CA SER C 183 7.27 4.84 5.32
C SER C 183 5.97 4.59 4.56
N LEU C 184 4.84 5.05 5.10
CA LEU C 184 3.57 4.90 4.41
C LEU C 184 3.41 5.88 3.25
N GLY C 185 4.35 6.80 3.08
CA GLY C 185 4.16 7.84 2.07
C GLY C 185 4.19 7.28 0.66
N CYS C 186 3.27 7.76 -0.16
CA CYS C 186 3.19 7.46 -1.59
C CYS C 186 2.24 8.48 -2.20
N GLN C 187 2.02 8.37 -3.51
CA GLN C 187 1.10 9.30 -4.16
C GLN C 187 -0.33 9.07 -3.72
N ARG C 188 -0.71 7.82 -3.45
CA ARG C 188 -2.05 7.56 -2.93
C ARG C 188 -2.25 8.20 -1.56
N VAL C 189 -1.22 8.13 -0.70
CA VAL C 189 -1.33 8.71 0.63
C VAL C 189 -1.31 10.22 0.58
N THR C 190 -0.52 10.79 -0.33
CA THR C 190 -0.46 12.24 -0.47
C THR C 190 -1.82 12.82 -0.85
N LEU C 191 -2.55 12.14 -1.74
CA LEU C 191 -3.89 12.60 -2.09
C LEU C 191 -4.87 12.36 -0.94
N HIS C 192 -4.67 11.30 -0.15
CA HIS C 192 -5.51 11.07 1.00
C HIS C 192 -5.32 12.16 2.05
N LYS C 193 -4.09 12.63 2.23
CA LYS C 193 -3.84 13.67 3.23
C LYS C 193 -4.58 14.96 2.88
N ASN C 194 -4.57 15.34 1.61
CA ASN C 194 -5.37 16.48 1.17
C ASN C 194 -6.85 16.19 1.38
N MET C 195 -7.30 15.00 0.97
CA MET C 195 -8.69 14.60 1.18
C MET C 195 -9.05 14.64 2.67
N PHE C 196 -8.15 14.17 3.53
CA PHE C 196 -8.41 14.21 4.96
C PHE C 196 -8.47 15.64 5.47
N LEU C 197 -7.69 16.54 4.89
CA LEU C 197 -7.65 17.93 5.38
C LEU C 197 -8.93 18.67 5.01
N THR C 198 -9.49 18.40 3.82
CA THR C 198 -10.76 19.03 3.46
C THR C 198 -11.86 18.63 4.42
N TYR C 199 -11.92 17.34 4.78
CA TYR C 199 -12.90 16.88 5.75
C TYR C 199 -12.75 17.61 7.07
N ILE C 200 -11.51 17.81 7.52
CA ILE C 200 -11.28 18.48 8.80
C ILE C 200 -11.76 19.93 8.75
N LEU C 201 -11.39 20.65 7.69
CA LEU C 201 -11.76 22.06 7.59
C LEU C 201 -13.25 22.21 7.30
N ASN C 202 -13.82 21.30 6.52
CA ASN C 202 -15.27 21.34 6.28
C ASN C 202 -16.03 21.06 7.57
N SER C 203 -15.57 20.09 8.35
CA SER C 203 -16.25 19.77 9.61
C SER C 203 -16.09 20.89 10.63
N MET C 204 -14.93 21.55 10.65
CA MET C 204 -14.71 22.63 11.59
C MET C 204 -15.60 23.82 11.29
N ILE C 205 -15.72 24.20 10.01
CA ILE C 205 -16.55 25.35 9.64
C ILE C 205 -18.02 25.04 9.90
N ILE C 206 -18.45 23.81 9.64
CA ILE C 206 -19.85 23.46 9.86
C ILE C 206 -20.18 23.51 11.35
N ILE C 207 -19.26 23.03 12.20
CA ILE C 207 -19.49 23.10 13.64
C ILE C 207 -19.62 24.54 14.10
N ILE C 208 -18.71 25.42 13.64
CA ILE C 208 -18.76 26.82 14.00
C ILE C 208 -20.06 27.45 13.49
N HIS C 209 -20.47 27.10 12.27
CA HIS C 209 -21.71 27.63 11.75
C HIS C 209 -22.92 27.13 12.53
N LEU C 210 -22.84 25.93 13.10
CA LEU C 210 -23.96 25.37 13.85
C LEU C 210 -24.00 25.83 15.30
N VAL C 211 -22.89 26.29 15.86
CA VAL C 211 -22.88 26.72 17.27
C VAL C 211 -22.86 28.24 17.42
N GLU C 212 -22.46 28.99 16.39
CA GLU C 212 -22.33 30.43 16.48
C GLU C 212 -23.33 31.19 15.64
N VAL C 213 -23.81 30.63 14.54
CA VAL C 213 -24.72 31.33 13.65
C VAL C 213 -26.14 30.83 13.86
N VAL C 214 -26.31 29.52 13.99
CA VAL C 214 -27.63 28.92 14.01
C VAL C 214 -28.38 29.24 15.31
N PRO C 215 -27.81 29.02 16.50
CA PRO C 215 -28.54 29.36 17.73
C PRO C 215 -28.46 30.83 18.11
N ASN C 216 -27.99 31.70 17.22
CA ASN C 216 -27.83 33.13 17.49
C ASN C 216 -28.74 33.90 16.54
N GLY C 217 -29.97 34.16 16.99
CA GLY C 217 -30.90 34.94 16.20
C GLY C 217 -30.61 36.42 16.18
N GLU C 218 -29.86 36.92 17.16
CA GLU C 218 -29.45 38.33 17.15
C GLU C 218 -28.45 38.60 16.03
N LEU C 219 -27.53 37.65 15.80
CA LEU C 219 -26.54 37.84 14.74
C LEU C 219 -27.20 37.84 13.36
N VAL C 220 -28.10 36.90 13.11
CA VAL C 220 -28.79 36.87 11.82
C VAL C 220 -29.64 38.12 11.64
N ARG C 221 -30.11 38.71 12.75
CA ARG C 221 -30.88 39.95 12.66
C ARG C 221 -30.04 41.10 12.15
N ARG C 222 -28.85 41.29 12.71
CA ARG C 222 -27.99 42.41 12.34
C ARG C 222 -27.46 42.31 10.92
N ASP C 223 -27.47 41.13 10.32
CA ASP C 223 -26.85 40.84 9.03
C ASP C 223 -25.43 41.43 8.93
N PRO C 224 -24.50 40.97 9.77
CA PRO C 224 -23.13 41.47 9.65
C PRO C 224 -22.42 40.88 8.45
N VAL C 225 -21.34 41.54 8.03
CA VAL C 225 -20.53 41.04 6.94
C VAL C 225 -19.75 39.81 7.37
N SER C 226 -19.59 39.60 8.67
CA SER C 226 -18.77 38.49 9.15
C SER C 226 -19.46 37.15 8.91
N CYS C 227 -20.79 37.09 9.08
CA CYS C 227 -21.48 35.83 8.87
C CYS C 227 -21.55 35.46 7.39
N LYS C 228 -21.56 36.47 6.51
CA LYS C 228 -21.49 36.18 5.08
C LYS C 228 -20.10 35.71 4.66
N ILE C 229 -19.06 36.28 5.28
CA ILE C 229 -17.70 35.82 5.02
C ILE C 229 -17.55 34.36 5.46
N LEU C 230 -18.11 34.02 6.61
CA LEU C 230 -18.08 32.63 7.07
C LEU C 230 -18.83 31.71 6.11
N HIS C 231 -19.90 32.22 5.51
CA HIS C 231 -20.67 31.41 4.57
C HIS C 231 -19.88 31.16 3.28
N PHE C 232 -19.10 32.15 2.85
CA PHE C 232 -18.28 31.97 1.65
C PHE C 232 -17.20 30.92 1.87
N PHE C 233 -16.59 30.90 3.05
CA PHE C 233 -15.58 29.88 3.35
C PHE C 233 -16.21 28.52 3.61
N HIS C 234 -17.43 28.50 4.13
CA HIS C 234 -18.13 27.22 4.28
C HIS C 234 -18.44 26.59 2.93
N GLN C 235 -18.90 27.40 1.97
CA GLN C 235 -19.19 26.88 0.65
C GLN C 235 -17.94 26.51 -0.11
N TYR C 236 -16.85 27.27 0.08
CA TYR C 236 -15.59 26.93 -0.56
C TYR C 236 -15.07 25.59 -0.06
N MET C 237 -15.02 25.41 1.25
CA MET C 237 -14.50 24.17 1.80
C MET C 237 -15.45 23.01 1.55
N MET C 238 -16.75 23.29 1.42
CA MET C 238 -17.69 22.24 1.02
C MET C 238 -17.43 21.79 -0.40
N ALA C 239 -17.21 22.75 -1.31
CA ALA C 239 -16.87 22.40 -2.68
C ALA C 239 -15.50 21.74 -2.79
N CYS C 240 -14.55 22.17 -1.95
CA CYS C 240 -13.25 21.52 -1.92
C CYS C 240 -13.37 20.07 -1.46
N ASN C 241 -14.26 19.81 -0.50
CA ASN C 241 -14.47 18.45 -0.02
C ASN C 241 -14.99 17.55 -1.13
N TYR C 242 -16.01 18.01 -1.86
CA TYR C 242 -16.59 17.20 -2.91
C TYR C 242 -15.66 17.08 -4.12
N PHE C 243 -14.87 18.10 -4.41
CA PHE C 243 -13.96 18.03 -5.53
C PHE C 243 -12.72 17.20 -5.24
N TRP C 244 -12.37 17.04 -3.96
CA TRP C 244 -11.31 16.11 -3.61
C TRP C 244 -11.80 14.66 -3.60
N MET C 245 -13.10 14.44 -3.40
CA MET C 245 -13.68 13.13 -3.67
C MET C 245 -13.55 12.79 -5.15
N LEU C 246 -13.72 13.79 -6.02
CA LEU C 246 -13.52 13.58 -7.45
C LEU C 246 -12.05 13.32 -7.77
N CYS C 247 -11.14 14.01 -7.07
CA CYS C 247 -9.72 13.76 -7.26
C CYS C 247 -9.37 12.33 -6.88
N GLU C 248 -9.95 11.83 -5.80
CA GLU C 248 -9.72 10.44 -5.40
C GLU C 248 -10.20 9.47 -6.48
N GLY C 249 -11.38 9.74 -7.05
CA GLY C 249 -11.90 8.86 -8.09
C GLY C 249 -11.09 8.91 -9.36
N ILE C 250 -10.65 10.11 -9.76
CA ILE C 250 -9.84 10.26 -10.97
C ILE C 250 -8.53 9.51 -10.81
N TYR C 251 -7.85 9.70 -9.68
CA TYR C 251 -6.59 9.01 -9.44
C TYR C 251 -6.79 7.50 -9.40
N LEU C 252 -7.85 7.05 -8.72
CA LEU C 252 -8.14 5.63 -8.67
C LEU C 252 -8.46 5.08 -10.06
N HIS C 253 -9.16 5.86 -10.88
CA HIS C 253 -9.50 5.42 -12.22
C HIS C 253 -8.27 5.40 -13.13
N THR C 254 -7.31 6.28 -12.91
CA THR C 254 -6.11 6.34 -13.71
C THR C 254 -5.00 5.41 -13.20
N LEU C 255 -5.31 4.55 -12.24
CA LEU C 255 -4.36 3.52 -11.81
C LEU C 255 -4.81 2.12 -12.15
N ILE C 256 -6.13 1.91 -12.30
CA ILE C 256 -6.69 0.59 -12.50
C ILE C 256 -7.24 0.40 -13.90
N VAL C 257 -7.93 1.42 -14.43
CA VAL C 257 -8.54 1.31 -15.75
C VAL C 257 -7.55 1.78 -16.82
N VAL C 258 -7.11 3.04 -16.71
CA VAL C 258 -6.18 3.61 -17.66
C VAL C 258 -4.86 3.89 -16.95
N ALA C 259 -3.82 4.15 -17.73
CA ALA C 259 -2.53 4.61 -17.23
C ALA C 259 -1.98 3.71 -16.13
N VAL C 260 -1.88 2.42 -16.44
CA VAL C 260 -1.45 1.45 -15.44
C VAL C 260 0.07 1.41 -15.32
N PHE C 261 0.77 1.49 -16.45
CA PHE C 261 2.21 1.23 -16.47
C PHE C 261 3.06 2.41 -16.00
N THR C 262 2.52 3.63 -16.04
CA THR C 262 3.32 4.79 -15.66
C THR C 262 3.53 4.85 -14.15
N GLU C 263 2.43 4.95 -13.39
CA GLU C 263 2.42 5.02 -11.94
C GLU C 263 3.18 6.22 -11.39
N LYS C 264 3.46 7.23 -12.23
CA LYS C 264 4.05 8.48 -11.78
C LYS C 264 3.27 9.62 -12.40
N GLN C 265 2.38 10.23 -11.61
CA GLN C 265 1.59 11.35 -12.06
C GLN C 265 2.03 12.62 -11.33
N ARG C 266 1.91 13.75 -12.02
CA ARG C 266 2.14 15.04 -11.39
C ARG C 266 0.88 15.47 -10.67
N LEU C 267 0.97 15.60 -9.35
CA LEU C 267 -0.20 15.91 -8.53
C LEU C 267 -0.61 17.36 -8.61
N ARG C 268 0.08 18.19 -9.40
CA ARG C 268 -0.27 19.61 -9.47
C ARG C 268 -1.68 19.82 -10.03
N TRP C 269 -2.14 18.93 -10.90
CA TRP C 269 -3.48 19.07 -11.45
C TRP C 269 -4.55 18.67 -10.45
N TYR C 270 -4.24 17.70 -9.58
CA TYR C 270 -5.18 17.35 -8.52
C TYR C 270 -5.33 18.47 -7.51
N TYR C 271 -4.20 19.11 -7.13
CA TYR C 271 -4.27 20.28 -6.26
C TYR C 271 -5.09 21.38 -6.90
N LEU C 272 -4.93 21.59 -8.21
CA LEU C 272 -5.68 22.63 -8.90
C LEU C 272 -7.16 22.31 -8.94
N LEU C 273 -7.51 21.03 -9.10
CA LEU C 273 -8.91 20.65 -9.17
C LEU C 273 -9.55 20.63 -7.78
N GLY C 274 -8.84 20.13 -6.78
CA GLY C 274 -9.40 20.01 -5.46
C GLY C 274 -9.40 21.29 -4.65
N TRP C 275 -8.32 22.07 -4.74
CA TRP C 275 -8.19 23.29 -3.96
C TRP C 275 -8.44 24.55 -4.78
N GLY C 276 -8.16 24.53 -6.08
CA GLY C 276 -8.21 25.74 -6.87
C GLY C 276 -9.52 25.97 -7.59
N PHE C 277 -9.98 24.96 -8.33
CA PHE C 277 -11.22 25.12 -9.09
C PHE C 277 -12.45 25.41 -8.24
N PRO C 278 -12.62 24.87 -7.02
CA PRO C 278 -13.81 25.23 -6.23
C PRO C 278 -13.94 26.72 -5.96
N LEU C 279 -12.88 27.51 -6.15
CA LEU C 279 -13.01 28.95 -6.04
C LEU C 279 -13.91 29.51 -7.12
N VAL C 280 -13.98 28.84 -8.28
CA VAL C 280 -14.78 29.36 -9.39
C VAL C 280 -16.28 29.35 -9.09
N PRO C 281 -16.90 28.22 -8.70
CA PRO C 281 -18.35 28.27 -8.47
C PRO C 281 -18.73 29.07 -7.24
N THR C 282 -17.84 29.17 -6.25
CA THR C 282 -18.20 29.86 -5.01
C THR C 282 -18.17 31.38 -5.19
N THR C 283 -17.13 31.91 -5.85
CA THR C 283 -17.10 33.35 -6.10
C THR C 283 -18.21 33.77 -7.06
N ILE C 284 -18.51 32.93 -8.05
CA ILE C 284 -19.62 33.22 -8.95
C ILE C 284 -20.94 33.25 -8.18
N HIS C 285 -21.13 32.29 -7.26
CA HIS C 285 -22.31 32.31 -6.41
C HIS C 285 -22.33 33.54 -5.53
N ALA C 286 -21.16 33.94 -5.01
CA ALA C 286 -21.10 35.09 -4.11
C ALA C 286 -21.43 36.38 -4.82
N ILE C 287 -20.99 36.53 -6.07
CA ILE C 287 -21.28 37.74 -6.83
C ILE C 287 -22.78 37.84 -7.11
N THR C 288 -23.39 36.73 -7.54
CA THR C 288 -24.82 36.73 -7.78
C THR C 288 -25.62 36.85 -6.50
N ARG C 289 -25.13 36.26 -5.40
CA ARG C 289 -25.82 36.37 -4.13
C ARG C 289 -25.80 37.80 -3.60
N ALA C 290 -24.68 38.50 -3.76
CA ALA C 290 -24.60 39.88 -3.32
C ALA C 290 -25.43 40.82 -4.18
N VAL C 291 -25.87 40.38 -5.35
CA VAL C 291 -26.62 41.21 -6.28
C VAL C 291 -28.11 40.89 -6.26
N TYR C 292 -28.46 39.63 -6.53
CA TYR C 292 -29.86 39.26 -6.73
C TYR C 292 -30.55 38.84 -5.43
N PHE C 293 -29.92 37.95 -4.66
CA PHE C 293 -30.53 37.38 -3.46
C PHE C 293 -29.59 37.62 -2.28
N ASN C 294 -29.66 38.82 -1.71
CA ASN C 294 -28.80 39.19 -0.59
C ASN C 294 -29.59 39.12 0.72
N ASP C 295 -29.83 37.88 1.16
CA ASP C 295 -30.57 37.66 2.40
C ASP C 295 -29.61 37.64 3.58
N ASN C 296 -30.19 37.67 4.78
CA ASN C 296 -29.38 37.74 6.00
C ASN C 296 -28.49 36.51 6.13
N CYS C 297 -27.17 36.76 6.16
CA CYS C 297 -26.14 35.75 6.33
C CYS C 297 -26.13 34.70 5.23
N TRP C 298 -26.84 34.94 4.12
CA TRP C 298 -26.92 33.99 3.01
C TRP C 298 -27.34 32.60 3.50
N LEU C 299 -28.33 32.59 4.40
CA LEU C 299 -28.83 31.35 4.97
C LEU C 299 -29.95 30.72 4.16
N SER C 300 -30.54 31.45 3.22
CA SER C 300 -31.67 30.94 2.47
C SER C 300 -31.27 29.83 1.52
N VAL C 301 -32.17 28.86 1.35
CA VAL C 301 -32.00 27.78 0.39
C VAL C 301 -33.08 27.81 -0.68
N GLU C 302 -33.98 28.80 -0.63
CA GLU C 302 -35.06 28.89 -1.59
C GLU C 302 -34.63 29.55 -2.90
N THR C 303 -33.43 30.11 -2.95
CA THR C 303 -32.92 30.66 -4.19
C THR C 303 -32.31 29.56 -5.06
N HIS C 304 -32.51 29.67 -6.36
CA HIS C 304 -31.90 28.74 -7.30
C HIS C 304 -30.45 29.06 -7.58
N LEU C 305 -29.92 30.15 -7.01
CA LEU C 305 -28.51 30.47 -7.15
C LEU C 305 -27.62 29.48 -6.43
N LEU C 306 -28.18 28.67 -5.52
CA LEU C 306 -27.36 27.68 -4.81
C LEU C 306 -26.85 26.58 -5.74
N TYR C 307 -27.52 26.33 -6.86
CA TYR C 307 -27.06 25.33 -7.81
C TYR C 307 -25.83 25.78 -8.59
N ILE C 308 -25.40 27.02 -8.42
CA ILE C 308 -24.12 27.45 -8.99
C ILE C 308 -22.99 26.66 -8.34
N ILE C 309 -23.17 26.27 -7.08
CA ILE C 309 -22.19 25.47 -6.36
C ILE C 309 -22.59 24.01 -6.32
N HIS C 310 -23.87 23.73 -6.07
CA HIS C 310 -24.30 22.35 -5.88
C HIS C 310 -24.46 21.61 -7.20
N GLY C 311 -24.76 22.35 -8.27
CA GLY C 311 -24.81 21.77 -9.60
C GLY C 311 -23.49 21.16 -10.01
N PRO C 312 -22.43 21.96 -10.04
CA PRO C 312 -21.09 21.40 -10.33
C PRO C 312 -20.68 20.31 -9.35
N VAL C 313 -21.06 20.43 -8.08
CA VAL C 313 -20.76 19.39 -7.11
C VAL C 313 -21.44 18.09 -7.50
N MET C 314 -22.72 18.17 -7.88
CA MET C 314 -23.43 16.97 -8.30
C MET C 314 -22.82 16.37 -9.55
N ALA C 315 -22.39 17.22 -10.49
CA ALA C 315 -21.75 16.71 -11.70
C ALA C 315 -20.43 16.02 -11.38
N ALA C 316 -19.68 16.53 -10.41
CA ALA C 316 -18.44 15.90 -10.01
C ALA C 316 -18.68 14.53 -9.39
N LEU C 317 -19.79 14.37 -8.67
CA LEU C 317 -20.08 13.10 -8.03
C LEU C 317 -20.69 12.10 -9.00
N VAL C 318 -21.40 12.58 -10.03
CA VAL C 318 -21.89 11.68 -11.06
C VAL C 318 -20.73 11.08 -11.84
N VAL C 319 -19.69 11.86 -12.08
CA VAL C 319 -18.48 11.33 -12.70
C VAL C 319 -17.85 10.26 -11.82
N ASN C 320 -17.83 10.50 -10.51
CA ASN C 320 -17.30 9.50 -9.58
C ASN C 320 -18.13 8.22 -9.61
N PHE C 321 -19.45 8.36 -9.77
CA PHE C 321 -20.30 7.19 -9.87
C PHE C 321 -19.96 6.37 -11.11
N PHE C 322 -19.69 7.03 -12.23
CA PHE C 322 -19.29 6.32 -13.44
C PHE C 322 -17.87 5.76 -13.33
N PHE C 323 -17.02 6.34 -12.47
CA PHE C 323 -15.73 5.72 -12.19
C PHE C 323 -15.90 4.44 -11.39
N LEU C 324 -16.81 4.46 -10.41
CA LEU C 324 -17.02 3.28 -9.57
C LEU C 324 -17.51 2.10 -10.38
N LEU C 325 -18.41 2.33 -11.33
CA LEU C 325 -18.91 1.23 -12.15
C LEU C 325 -17.81 0.65 -13.03
N ASN C 326 -16.95 1.50 -13.58
CA ASN C 326 -15.85 1.01 -14.39
C ASN C 326 -14.79 0.33 -13.55
N ILE C 327 -14.70 0.66 -12.27
CA ILE C 327 -13.71 0.04 -11.40
C ILE C 327 -14.21 -1.32 -10.91
N VAL C 328 -15.49 -1.39 -10.53
CA VAL C 328 -16.07 -2.67 -10.13
C VAL C 328 -16.11 -3.63 -11.31
N ARG C 329 -16.30 -3.12 -12.52
CA ARG C 329 -16.30 -3.99 -13.70
C ARG C 329 -14.94 -4.63 -13.91
N VAL C 330 -13.86 -3.85 -13.77
CA VAL C 330 -12.52 -4.40 -13.87
C VAL C 330 -12.27 -5.41 -12.76
N LEU C 331 -12.77 -5.11 -11.56
CA LEU C 331 -12.57 -6.01 -10.43
C LEU C 331 -13.27 -7.34 -10.64
N VAL C 332 -14.51 -7.30 -11.12
CA VAL C 332 -15.27 -8.53 -11.37
C VAL C 332 -14.58 -9.36 -12.45
N THR C 333 -14.05 -8.70 -13.47
CA THR C 333 -13.34 -9.42 -14.53
C THR C 333 -12.05 -10.04 -14.01
N LYS C 334 -11.36 -9.34 -13.09
CA LYS C 334 -10.15 -9.91 -12.50
C LYS C 334 -10.44 -11.18 -11.73
N MET C 335 -11.64 -11.29 -11.15
CA MET C 335 -12.02 -12.49 -10.41
C MET C 335 -12.58 -13.59 -11.31
N ARG C 336 -12.97 -13.25 -12.55
CA ARG C 336 -13.40 -14.28 -13.48
C ARG C 336 -12.22 -14.91 -14.22
N GLU C 337 -11.13 -14.15 -14.40
CA GLU C 337 -9.93 -14.71 -15.00
C GLU C 337 -9.21 -15.66 -14.06
N THR C 338 -9.39 -15.51 -12.75
CA THR C 338 -8.84 -16.43 -11.77
C THR C 338 -9.82 -17.55 -11.40
N HIS C 339 -10.97 -17.60 -12.06
CA HIS C 339 -11.96 -18.66 -11.87
C HIS C 339 -12.42 -18.74 -10.41
N GLU C 340 -12.86 -17.61 -9.88
CA GLU C 340 -13.38 -17.54 -8.53
C GLU C 340 -14.80 -18.10 -8.48
N ALA C 341 -15.21 -18.53 -7.29
CA ALA C 341 -16.57 -19.02 -7.09
C ALA C 341 -17.54 -17.87 -7.23
N GLU C 342 -18.65 -18.11 -7.95
CA GLU C 342 -19.63 -17.06 -8.20
C GLU C 342 -20.20 -16.50 -6.90
N SER C 343 -20.23 -17.31 -5.84
CA SER C 343 -20.68 -16.81 -4.55
C SER C 343 -19.64 -15.90 -3.92
N HIS C 344 -18.35 -16.21 -4.13
CA HIS C 344 -17.28 -15.40 -3.56
C HIS C 344 -17.09 -14.09 -4.30
N MET C 345 -17.36 -14.06 -5.60
CA MET C 345 -17.26 -12.82 -6.35
C MET C 345 -18.31 -11.81 -5.90
N TYR C 346 -19.51 -12.28 -5.56
CA TYR C 346 -20.55 -11.38 -5.08
C TYR C 346 -20.17 -10.77 -3.73
N LEU C 347 -19.47 -11.53 -2.89
CA LEU C 347 -19.06 -11.01 -1.59
C LEU C 347 -17.96 -9.97 -1.75
N LYS C 348 -17.02 -10.19 -2.68
CA LYS C 348 -15.92 -9.25 -2.85
C LYS C 348 -16.32 -8.05 -3.72
N ALA C 349 -17.31 -8.21 -4.60
CA ALA C 349 -17.74 -7.09 -5.42
C ALA C 349 -18.55 -6.08 -4.61
N VAL C 350 -19.22 -6.53 -3.55
CA VAL C 350 -19.95 -5.61 -2.70
C VAL C 350 -19.07 -5.01 -1.60
N LYS C 351 -18.01 -5.72 -1.20
CA LYS C 351 -17.08 -5.15 -0.23
C LYS C 351 -16.30 -4.00 -0.85
N ALA C 352 -15.84 -4.16 -2.09
CA ALA C 352 -15.12 -3.08 -2.76
C ALA C 352 -16.03 -1.89 -3.02
N THR C 353 -17.28 -2.15 -3.42
CA THR C 353 -18.22 -1.06 -3.65
C THR C 353 -18.49 -0.29 -2.37
N MET C 354 -18.72 -1.00 -1.26
CA MET C 354 -18.98 -0.34 0.01
C MET C 354 -17.75 0.39 0.52
N ILE C 355 -16.56 -0.12 0.20
CA ILE C 355 -15.32 0.54 0.59
C ILE C 355 -15.17 1.87 -0.16
N LEU C 356 -15.58 1.89 -1.43
CA LEU C 356 -15.41 3.06 -2.27
C LEU C 356 -16.54 4.06 -2.15
N VAL C 357 -17.66 3.69 -1.52
CA VAL C 357 -18.78 4.62 -1.39
C VAL C 357 -18.43 5.84 -0.56
N PRO C 358 -17.86 5.71 0.65
CA PRO C 358 -17.52 6.93 1.41
C PRO C 358 -16.43 7.76 0.75
N LEU C 359 -15.49 7.12 0.06
CA LEU C 359 -14.38 7.85 -0.54
C LEU C 359 -14.84 8.69 -1.73
N LEU C 360 -15.75 8.16 -2.54
CA LEU C 360 -16.18 8.80 -3.77
C LEU C 360 -17.49 9.55 -3.63
N GLY C 361 -18.13 9.52 -2.46
CA GLY C 361 -19.38 10.22 -2.27
C GLY C 361 -20.52 9.66 -3.10
N ILE C 362 -20.62 8.34 -3.19
CA ILE C 362 -21.67 7.73 -4.01
C ILE C 362 -23.03 7.89 -3.35
N GLN C 363 -23.08 8.04 -2.03
CA GLN C 363 -24.36 8.19 -1.34
C GLN C 363 -25.10 9.46 -1.76
N PHE C 364 -24.38 10.46 -2.26
CA PHE C 364 -25.04 11.65 -2.78
C PHE C 364 -25.67 11.42 -4.15
N VAL C 365 -25.22 10.42 -4.89
CA VAL C 365 -25.75 10.13 -6.21
C VAL C 365 -26.90 9.13 -6.14
N VAL C 366 -26.82 8.15 -5.24
CA VAL C 366 -27.87 7.13 -5.16
C VAL C 366 -29.08 7.60 -4.35
N PHE C 367 -28.93 8.60 -3.49
CA PHE C 367 -30.05 9.24 -2.80
C PHE C 367 -29.95 10.74 -2.99
N PRO C 368 -30.08 11.22 -4.24
CA PRO C 368 -29.85 12.64 -4.50
C PRO C 368 -31.05 13.53 -4.15
N TRP C 369 -32.26 13.00 -4.34
CA TRP C 369 -33.48 13.78 -4.26
C TRP C 369 -34.27 13.38 -3.02
N ARG C 370 -34.64 14.36 -2.21
CA ARG C 370 -35.41 14.09 -1.01
C ARG C 370 -36.87 13.83 -1.38
N PRO C 371 -37.47 12.74 -0.92
CA PRO C 371 -38.85 12.45 -1.29
C PRO C 371 -39.83 13.43 -0.67
N SER C 372 -40.99 13.55 -1.33
CA SER C 372 -42.04 14.44 -0.85
C SER C 372 -42.94 13.78 0.19
N ASN C 373 -43.03 12.46 0.18
CA ASN C 373 -43.81 11.76 1.19
C ASN C 373 -43.26 12.03 2.59
N LYS C 374 -44.17 12.17 3.55
CA LYS C 374 -43.76 12.54 4.90
C LYS C 374 -42.96 11.41 5.56
N MET C 375 -43.44 10.18 5.43
CA MET C 375 -42.73 9.06 6.03
C MET C 375 -41.43 8.76 5.27
N LEU C 376 -41.46 8.87 3.94
CA LEU C 376 -40.26 8.64 3.16
C LEU C 376 -39.22 9.73 3.39
N GLY C 377 -39.67 10.97 3.58
CA GLY C 377 -38.73 12.07 3.78
C GLY C 377 -38.09 12.08 5.15
N LYS C 378 -38.76 11.54 6.17
CA LYS C 378 -38.19 11.53 7.50
C LYS C 378 -37.05 10.52 7.61
N ILE C 379 -37.25 9.31 7.08
CA ILE C 379 -36.19 8.31 7.13
C ILE C 379 -35.06 8.68 6.17
N TYR C 380 -35.39 9.40 5.09
CA TYR C 380 -34.35 9.90 4.20
C TYR C 380 -33.44 10.90 4.93
N ASP C 381 -34.05 11.77 5.76
CA ASP C 381 -33.26 12.74 6.50
C ASP C 381 -32.30 12.05 7.47
N TYR C 382 -32.79 11.05 8.20
CA TYR C 382 -31.94 10.37 9.18
C TYR C 382 -30.83 9.59 8.49
N VAL C 383 -31.12 8.96 7.35
CA VAL C 383 -30.11 8.18 6.66
C VAL C 383 -29.06 9.10 6.04
N MET C 384 -29.50 10.12 5.31
CA MET C 384 -28.54 10.98 4.60
C MET C 384 -27.71 11.80 5.56
N HIS C 385 -28.33 12.39 6.59
CA HIS C 385 -27.56 13.17 7.56
C HIS C 385 -26.53 12.30 8.27
N SER C 386 -26.87 11.03 8.53
CA SER C 386 -25.88 10.12 9.08
C SER C 386 -24.75 9.86 8.11
N LEU C 387 -25.07 9.67 6.82
CA LEU C 387 -24.04 9.40 5.83
C LEU C 387 -23.23 10.65 5.51
N ILE C 388 -23.82 11.83 5.66
CA ILE C 388 -23.12 13.07 5.33
C ILE C 388 -22.18 13.47 6.46
N HIS C 389 -22.70 13.56 7.68
CA HIS C 389 -21.93 14.10 8.78
C HIS C 389 -20.92 13.09 9.34
N PHE C 390 -21.06 11.80 9.02
CA PHE C 390 -20.13 10.78 9.47
C PHE C 390 -19.21 10.30 8.36
N GLN C 391 -19.27 10.91 7.18
CA GLN C 391 -18.46 10.44 6.06
C GLN C 391 -16.97 10.55 6.36
N GLY C 392 -16.55 11.67 6.95
CA GLY C 392 -15.15 11.83 7.31
C GLY C 392 -14.67 10.75 8.27
N PHE C 393 -15.53 10.37 9.21
CA PHE C 393 -15.19 9.30 10.14
C PHE C 393 -15.08 7.97 9.41
N PHE C 394 -15.98 7.70 8.46
CA PHE C 394 -15.94 6.44 7.73
C PHE C 394 -14.70 6.36 6.84
N VAL C 395 -14.34 7.47 6.19
CA VAL C 395 -13.17 7.50 5.33
C VAL C 395 -11.90 7.25 6.13
N ALA C 396 -11.82 7.84 7.34
CA ALA C 396 -10.64 7.64 8.17
C ALA C 396 -10.57 6.21 8.69
N THR C 397 -11.70 5.60 9.02
CA THR C 397 -11.70 4.24 9.53
C THR C 397 -11.36 3.24 8.44
N ILE C 398 -11.89 3.46 7.23
CA ILE C 398 -11.68 2.51 6.15
C ILE C 398 -10.25 2.61 5.61
N TYR C 399 -9.79 3.83 5.35
CA TYR C 399 -8.55 4.01 4.60
C TYR C 399 -7.33 4.26 5.48
N CYS C 400 -7.51 4.47 6.78
CA CYS C 400 -6.35 4.57 7.66
C CYS C 400 -6.34 3.48 8.73
N PHE C 401 -7.42 3.40 9.52
CA PHE C 401 -7.40 2.52 10.69
C PHE C 401 -7.51 1.06 10.28
N CYS C 402 -8.38 0.74 9.33
CA CYS C 402 -8.54 -0.62 8.85
C CYS C 402 -7.63 -0.94 7.67
N ASN C 403 -6.76 0.00 7.28
CA ASN C 403 -5.79 -0.27 6.24
C ASN C 403 -4.71 -1.21 6.77
N ASN C 404 -4.46 -2.30 6.04
CA ASN C 404 -3.55 -3.32 6.55
C ASN C 404 -2.11 -2.81 6.58
N GLU C 405 -1.70 -2.02 5.58
CA GLU C 405 -0.35 -1.48 5.58
C GLU C 405 -0.14 -0.49 6.72
N VAL C 406 -1.19 0.25 7.10
CA VAL C 406 -1.08 1.15 8.24
C VAL C 406 -0.97 0.36 9.54
N GLN C 407 -1.77 -0.69 9.68
CA GLN C 407 -1.77 -1.46 10.92
C GLN C 407 -0.43 -2.13 11.17
N THR C 408 0.17 -2.72 10.13
CA THR C 408 1.46 -3.39 10.29
C THR C 408 2.58 -2.39 10.55
N THR C 409 2.48 -1.19 9.98
CA THR C 409 3.50 -0.18 10.21
C THR C 409 3.36 0.47 11.59
N VAL C 410 2.12 0.71 12.02
CA VAL C 410 1.92 1.35 13.32
C VAL C 410 2.30 0.38 14.45
N LYS C 411 1.94 -0.89 14.31
CA LYS C 411 2.24 -1.86 15.36
C LYS C 411 3.73 -2.20 15.42
N ARG C 412 4.43 -2.14 14.29
CA ARG C 412 5.86 -2.41 14.29
C ARG C 412 6.64 -1.24 14.88
N GLN C 413 6.31 -0.02 14.47
CA GLN C 413 7.01 1.15 14.99
C GLN C 413 6.69 1.41 16.46
N TRP C 414 5.55 0.91 16.93
CA TRP C 414 5.19 1.12 18.33
C TRP C 414 5.80 0.04 19.22
N ALA C 415 5.78 -1.21 18.78
CA ALA C 415 6.36 -2.30 19.55
C ALA C 415 7.88 -2.15 19.65
N ASP D 11 37.38 30.16 8.64
CA ASP D 11 36.32 29.52 9.40
C ASP D 11 35.94 28.17 8.79
N GLN D 12 35.81 27.16 9.65
CA GLN D 12 35.45 25.82 9.21
C GLN D 12 33.97 25.67 8.90
N ARG D 13 33.19 26.75 9.00
CA ARG D 13 31.77 26.68 8.67
C ARG D 13 31.54 26.63 7.17
N ASN D 14 32.51 27.07 6.37
CA ASN D 14 32.35 27.03 4.91
C ASN D 14 32.50 25.62 4.36
N GLU D 15 33.25 24.75 5.06
CA GLU D 15 33.37 23.37 4.60
C GLU D 15 32.03 22.64 4.68
N GLU D 16 31.17 23.02 5.62
CA GLU D 16 29.84 22.44 5.68
C GLU D 16 28.97 22.94 4.53
N LYS D 17 29.11 24.22 4.17
CA LYS D 17 28.40 24.73 3.00
C LYS D 17 28.85 24.06 1.72
N ALA D 18 30.14 23.74 1.61
CA ALA D 18 30.62 23.02 0.44
C ALA D 18 30.13 21.58 0.42
N GLN D 19 29.89 20.99 1.60
CA GLN D 19 29.42 19.61 1.65
C GLN D 19 27.92 19.52 1.39
N ARG D 20 27.14 20.46 1.91
CA ARG D 20 25.72 20.49 1.58
C ARG D 20 25.47 20.98 0.16
N GLU D 21 26.48 21.61 -0.46
CA GLU D 21 26.39 21.93 -1.88
C GLU D 21 26.44 20.66 -2.73
N ALA D 22 27.40 19.79 -2.45
CA ALA D 22 27.49 18.53 -3.17
C ALA D 22 26.31 17.63 -2.87
N ASN D 23 25.64 17.84 -1.73
CA ASN D 23 24.50 17.01 -1.37
C ASN D 23 23.33 17.25 -2.32
N LYS D 24 22.87 18.50 -2.43
CA LYS D 24 21.76 18.80 -3.32
C LYS D 24 22.13 18.57 -4.78
N LYS D 25 23.43 18.65 -5.11
CA LYS D 25 23.88 18.27 -6.43
C LYS D 25 23.62 16.78 -6.68
N ILE D 26 23.74 15.96 -5.63
CA ILE D 26 23.46 14.53 -5.75
C ILE D 26 21.97 14.26 -5.71
N GLU D 27 21.25 14.93 -4.81
CA GLU D 27 19.82 14.68 -4.67
C GLU D 27 19.05 15.01 -5.94
N LYS D 28 19.47 16.06 -6.66
CA LYS D 28 18.82 16.37 -7.93
C LYS D 28 19.15 15.35 -8.99
N GLN D 29 20.31 14.68 -8.89
CA GLN D 29 20.64 13.61 -9.83
C GLN D 29 19.91 12.31 -9.49
N LEU D 30 19.73 12.04 -8.20
CA LEU D 30 18.98 10.86 -7.81
C LEU D 30 17.51 10.97 -8.18
N GLN D 31 16.97 12.19 -8.21
CA GLN D 31 15.58 12.38 -8.64
C GLN D 31 15.41 12.04 -10.11
N LYS D 32 16.41 12.36 -10.93
CA LYS D 32 16.35 11.97 -12.34
C LYS D 32 16.53 10.46 -12.50
N ASP D 33 17.29 9.83 -11.60
CA ASP D 33 17.45 8.38 -11.65
C ASP D 33 16.24 7.67 -11.05
N LYS D 34 15.53 8.31 -10.12
CA LYS D 34 14.32 7.71 -9.57
C LYS D 34 13.21 7.65 -10.61
N GLN D 35 13.22 8.58 -11.57
CA GLN D 35 12.20 8.56 -12.62
C GLN D 35 12.44 7.42 -13.60
N VAL D 36 13.70 7.22 -13.98
CA VAL D 36 14.03 6.14 -14.91
C VAL D 36 13.83 4.78 -14.25
N TYR D 37 14.20 4.67 -12.97
CA TYR D 37 14.11 3.38 -12.29
C TYR D 37 12.65 2.97 -12.05
N ARG D 38 11.82 3.91 -11.60
CA ARG D 38 10.43 3.56 -11.29
C ARG D 38 9.59 3.33 -12.54
N ALA D 39 10.06 3.77 -13.71
CA ALA D 39 9.33 3.56 -14.95
C ALA D 39 9.70 2.25 -15.63
N THR D 40 10.92 1.77 -15.45
CA THR D 40 11.35 0.52 -16.05
C THR D 40 10.89 -0.67 -15.22
N HIS D 41 10.37 -1.68 -15.90
CA HIS D 41 9.92 -2.90 -15.25
C HIS D 41 10.94 -4.00 -15.51
N ARG D 42 11.52 -4.55 -14.43
CA ARG D 42 12.56 -5.55 -14.52
C ARG D 42 11.97 -6.95 -14.54
N LEU D 43 12.51 -7.80 -15.40
CA LEU D 43 12.04 -9.16 -15.58
C LEU D 43 13.19 -10.13 -15.44
N LEU D 44 12.98 -11.21 -14.71
CA LEU D 44 13.96 -12.29 -14.59
C LEU D 44 13.53 -13.42 -15.52
N LEU D 45 14.39 -13.73 -16.49
CA LEU D 45 14.17 -14.87 -17.39
C LEU D 45 14.88 -16.08 -16.80
N LEU D 46 14.11 -17.08 -16.38
CA LEU D 46 14.64 -18.21 -15.65
C LEU D 46 14.23 -19.52 -16.31
N GLY D 47 14.41 -19.60 -17.62
CA GLY D 47 14.20 -20.86 -18.31
C GLY D 47 15.26 -21.88 -17.96
N ALA D 48 14.90 -23.15 -18.14
CA ALA D 48 15.82 -24.24 -17.89
C ALA D 48 16.73 -24.45 -19.11
N GLY D 49 17.64 -25.40 -19.00
CA GLY D 49 18.53 -25.70 -20.11
C GLY D 49 17.79 -26.42 -21.23
N GLU D 50 18.07 -26.00 -22.46
CA GLU D 50 17.42 -26.54 -23.67
C GLU D 50 15.90 -26.41 -23.61
N SER D 51 15.39 -25.46 -22.82
CA SER D 51 13.97 -25.20 -22.74
C SER D 51 13.51 -24.16 -23.77
N GLY D 52 14.40 -23.70 -24.64
CA GLY D 52 14.08 -22.64 -25.56
C GLY D 52 14.25 -21.25 -25.00
N LYS D 53 14.77 -21.12 -23.78
CA LYS D 53 14.99 -19.81 -23.20
C LYS D 53 15.99 -18.99 -24.00
N ASN D 54 17.03 -19.65 -24.51
CA ASN D 54 18.07 -18.94 -25.24
C ASN D 54 17.53 -18.29 -26.51
N THR D 55 16.67 -19.00 -27.23
CA THR D 55 16.15 -18.48 -28.50
C THR D 55 14.97 -17.55 -28.31
N ILE D 56 14.36 -17.50 -27.13
CA ILE D 56 13.34 -16.49 -26.86
C ILE D 56 14.00 -15.12 -26.76
N VAL D 57 15.17 -15.04 -26.13
CA VAL D 57 15.93 -13.79 -26.12
C VAL D 57 16.42 -13.44 -27.52
N LYS D 58 16.89 -14.44 -28.27
CA LYS D 58 17.36 -14.22 -29.63
C LYS D 58 16.29 -13.57 -30.49
N GLN D 59 15.01 -13.86 -30.21
CA GLN D 59 13.92 -13.19 -30.92
C GLN D 59 13.97 -11.69 -30.71
N MET D 60 14.45 -11.24 -29.55
CA MET D 60 14.61 -9.82 -29.23
C MET D 60 13.29 -9.06 -29.32
N THR D 204 30.81 -15.97 -20.10
CA THR D 204 31.77 -15.43 -19.16
C THR D 204 31.12 -14.36 -18.27
N SER D 205 30.22 -13.58 -18.86
CA SER D 205 29.51 -12.57 -18.10
C SER D 205 28.54 -13.23 -17.12
N GLY D 206 28.48 -12.67 -15.90
CA GLY D 206 27.66 -13.26 -14.86
C GLY D 206 26.16 -13.08 -15.05
N ILE D 207 25.77 -12.13 -15.90
CA ILE D 207 24.35 -11.90 -16.17
C ILE D 207 24.25 -11.12 -17.47
N PHE D 208 23.20 -11.40 -18.23
CA PHE D 208 22.93 -10.75 -19.51
C PHE D 208 21.64 -9.94 -19.40
N GLU D 209 21.62 -8.79 -20.08
CA GLU D 209 20.48 -7.90 -20.04
C GLU D 209 19.87 -7.77 -21.43
N THR D 210 18.61 -7.37 -21.47
CA THR D 210 17.90 -7.14 -22.72
C THR D 210 16.85 -6.05 -22.51
N LYS D 211 16.90 -5.02 -23.33
CA LYS D 211 15.95 -3.92 -23.27
C LYS D 211 14.99 -4.00 -24.46
N PHE D 212 13.71 -3.78 -24.20
CA PHE D 212 12.71 -3.72 -25.25
C PHE D 212 11.51 -2.93 -24.76
N GLN D 213 10.92 -2.14 -25.66
CA GLN D 213 9.78 -1.31 -25.35
C GLN D 213 8.53 -1.85 -26.04
N VAL D 214 7.41 -1.81 -25.32
CA VAL D 214 6.11 -2.18 -25.85
C VAL D 214 5.13 -1.09 -25.45
N ASP D 215 4.58 -0.38 -26.43
CA ASP D 215 3.70 0.77 -26.17
C ASP D 215 4.39 1.80 -25.31
N LYS D 216 5.65 2.09 -25.65
CA LYS D 216 6.51 3.03 -24.95
C LYS D 216 6.74 2.69 -23.49
N VAL D 217 6.45 1.46 -23.08
CA VAL D 217 6.75 1.00 -21.73
C VAL D 217 8.08 0.26 -21.74
N ASN D 218 8.97 0.65 -20.82
CA ASN D 218 10.33 0.12 -20.80
C ASN D 218 10.40 -1.16 -19.99
N PHE D 219 11.01 -2.19 -20.57
CA PHE D 219 11.22 -3.47 -19.91
C PHE D 219 12.70 -3.80 -19.92
N HIS D 220 13.21 -4.27 -18.77
CA HIS D 220 14.60 -4.68 -18.63
C HIS D 220 14.60 -6.13 -18.19
N MET D 221 14.81 -7.04 -19.14
CA MET D 221 14.79 -8.47 -18.88
C MET D 221 16.22 -8.96 -18.64
N PHE D 222 16.41 -9.73 -17.58
CA PHE D 222 17.72 -10.24 -17.20
C PHE D 222 17.75 -11.76 -17.31
N ASP D 223 18.84 -12.27 -17.87
CA ASP D 223 19.04 -13.70 -18.05
C ASP D 223 20.32 -14.11 -17.35
N VAL D 224 20.18 -14.99 -16.35
CA VAL D 224 21.32 -15.41 -15.57
C VAL D 224 22.18 -16.35 -16.41
N GLY D 225 23.40 -15.92 -16.71
CA GLY D 225 24.35 -16.75 -17.44
C GLY D 225 25.65 -16.85 -16.67
N ALA D 226 26.29 -18.01 -16.76
CA ALA D 226 27.57 -18.27 -16.09
C ALA D 226 27.42 -18.17 -14.57
N GLN D 227 26.41 -18.86 -14.04
CA GLN D 227 26.24 -19.03 -12.61
C GLN D 227 26.01 -20.51 -12.33
N ARG D 228 26.43 -20.96 -11.16
CA ARG D 228 26.30 -22.37 -10.81
C ARG D 228 24.82 -22.75 -10.70
N ASP D 229 24.58 -24.06 -10.74
CA ASP D 229 23.22 -24.58 -10.69
C ASP D 229 22.57 -24.44 -9.32
N GLU D 230 23.29 -23.95 -8.32
CA GLU D 230 22.73 -23.70 -6.99
C GLU D 230 22.20 -22.28 -6.96
N ARG D 231 20.88 -22.14 -6.86
CA ARG D 231 20.22 -20.85 -7.02
C ARG D 231 19.70 -20.26 -5.71
N ARG D 232 19.75 -20.99 -4.60
CA ARG D 232 19.08 -20.55 -3.39
C ARG D 232 19.63 -19.25 -2.82
N LYS D 233 20.77 -18.76 -3.33
CA LYS D 233 21.32 -17.49 -2.87
C LYS D 233 21.10 -16.36 -3.86
N TRP D 234 21.50 -16.53 -5.12
CA TRP D 234 21.42 -15.43 -6.06
C TRP D 234 20.02 -15.19 -6.59
N ILE D 235 19.11 -16.15 -6.46
CA ILE D 235 17.74 -15.92 -6.88
C ILE D 235 17.02 -14.96 -5.95
N GLN D 236 17.55 -14.74 -4.75
CA GLN D 236 16.96 -13.77 -3.83
C GLN D 236 17.13 -12.34 -4.31
N CYS D 237 18.06 -12.10 -5.24
CA CYS D 237 18.26 -10.75 -5.78
C CYS D 237 17.09 -10.27 -6.62
N PHE D 238 16.18 -11.16 -7.02
CA PHE D 238 15.06 -10.82 -7.89
C PHE D 238 13.72 -10.88 -7.16
N ASN D 239 13.72 -10.49 -5.88
CA ASN D 239 12.47 -10.53 -5.12
C ASN D 239 11.50 -9.43 -5.55
N ASP D 240 12.02 -8.34 -6.11
CA ASP D 240 11.19 -7.18 -6.45
C ASP D 240 11.07 -6.97 -7.96
N VAL D 241 11.34 -8.00 -8.75
CA VAL D 241 11.06 -7.89 -10.19
C VAL D 241 9.55 -7.88 -10.42
N THR D 242 9.14 -7.33 -11.56
CA THR D 242 7.73 -7.32 -11.91
C THR D 242 7.19 -8.73 -12.05
N ALA D 243 7.94 -9.59 -12.76
CA ALA D 243 7.56 -10.98 -12.93
C ALA D 243 8.79 -11.81 -13.26
N ILE D 244 8.74 -13.08 -12.87
CA ILE D 244 9.73 -14.06 -13.28
C ILE D 244 9.17 -14.81 -14.47
N ILE D 245 9.92 -14.82 -15.57
CA ILE D 245 9.52 -15.51 -16.78
C ILE D 245 10.13 -16.90 -16.75
N PHE D 246 9.31 -17.91 -16.46
CA PHE D 246 9.75 -19.29 -16.29
C PHE D 246 9.44 -20.05 -17.57
N VAL D 247 10.48 -20.39 -18.32
CA VAL D 247 10.33 -21.10 -19.59
C VAL D 247 10.56 -22.59 -19.35
N VAL D 248 9.67 -23.42 -19.88
CA VAL D 248 9.72 -24.86 -19.72
C VAL D 248 9.56 -25.51 -21.08
N ALA D 249 10.41 -26.49 -21.38
CA ALA D 249 10.26 -27.31 -22.59
C ALA D 249 9.21 -28.36 -22.31
N SER D 250 8.00 -28.14 -22.82
CA SER D 250 6.90 -29.08 -22.55
C SER D 250 7.18 -30.45 -23.15
N SER D 251 7.87 -30.50 -24.29
CA SER D 251 8.20 -31.75 -24.96
C SER D 251 9.49 -32.37 -24.44
N SER D 252 10.04 -31.88 -23.34
CA SER D 252 11.31 -32.39 -22.83
C SER D 252 11.17 -33.70 -22.08
N TYR D 253 9.95 -34.14 -21.77
CA TYR D 253 9.76 -35.44 -21.14
C TYR D 253 10.11 -36.55 -22.14
N ASN D 254 10.70 -37.61 -21.62
CA ASN D 254 11.14 -38.73 -22.47
C ASN D 254 9.95 -39.50 -23.02
N ASN D 264 13.90 -37.12 -17.10
CA ASN D 264 12.65 -36.44 -16.79
C ASN D 264 12.88 -34.95 -16.57
N ARG D 265 13.02 -34.20 -17.67
CA ARG D 265 13.24 -32.77 -17.56
C ARG D 265 12.01 -32.03 -17.07
N LEU D 266 10.82 -32.55 -17.39
CA LEU D 266 9.59 -31.86 -17.03
C LEU D 266 9.34 -31.90 -15.53
N GLN D 267 9.66 -33.03 -14.89
CA GLN D 267 9.52 -33.11 -13.44
C GLN D 267 10.51 -32.19 -12.74
N ALA D 268 11.71 -32.03 -13.30
CA ALA D 268 12.69 -31.12 -12.73
C ALA D 268 12.22 -29.68 -12.82
N ALA D 269 11.58 -29.32 -13.94
CA ALA D 269 11.01 -27.98 -14.07
C ALA D 269 9.89 -27.76 -13.07
N LEU D 270 9.12 -28.81 -12.78
CA LEU D 270 8.05 -28.69 -11.79
C LEU D 270 8.62 -28.48 -10.39
N LYS D 271 9.71 -29.18 -10.05
CA LYS D 271 10.30 -29.02 -8.72
C LYS D 271 10.94 -27.64 -8.59
N LEU D 272 11.51 -27.11 -9.67
CA LEU D 272 12.08 -25.77 -9.63
C LEU D 272 10.99 -24.73 -9.49
N PHE D 273 9.89 -24.88 -10.23
CA PHE D 273 8.76 -23.97 -10.08
C PHE D 273 8.18 -24.04 -8.67
N ASP D 274 8.19 -25.23 -8.08
CA ASP D 274 7.68 -25.38 -6.71
C ASP D 274 8.52 -24.59 -5.72
N SER D 275 9.84 -24.66 -5.85
CA SER D 275 10.72 -23.96 -4.91
C SER D 275 10.63 -22.45 -5.09
N ILE D 276 10.49 -22.00 -6.35
CA ILE D 276 10.33 -20.57 -6.60
C ILE D 276 9.02 -20.06 -6.03
N TRP D 277 7.93 -20.83 -6.22
CA TRP D 277 6.62 -20.39 -5.79
C TRP D 277 6.54 -20.32 -4.27
N ASN D 278 7.22 -21.22 -3.57
CA ASN D 278 7.12 -21.33 -2.12
C ASN D 278 8.31 -20.71 -1.40
N ASN D 279 9.20 -20.04 -2.12
CA ASN D 279 10.34 -19.39 -1.47
C ASN D 279 9.87 -18.17 -0.67
N LYS D 280 10.51 -17.96 0.48
CA LYS D 280 10.10 -16.90 1.40
C LYS D 280 10.15 -15.53 0.74
N TRP D 281 11.16 -15.29 -0.10
CA TRP D 281 11.36 -13.97 -0.68
C TRP D 281 10.67 -13.77 -2.01
N LEU D 282 10.23 -14.84 -2.66
CA LEU D 282 9.56 -14.75 -3.95
C LEU D 282 8.05 -14.98 -3.85
N ARG D 283 7.50 -14.91 -2.64
CA ARG D 283 6.07 -15.16 -2.45
C ARG D 283 5.20 -14.03 -2.96
N ASP D 284 5.77 -12.84 -3.17
CA ASP D 284 5.04 -11.71 -3.72
C ASP D 284 5.39 -11.46 -5.19
N THR D 285 6.16 -12.34 -5.80
CA THR D 285 6.57 -12.19 -7.20
C THR D 285 5.76 -13.13 -8.08
N SER D 286 5.13 -12.57 -9.10
CA SER D 286 4.35 -13.37 -10.03
C SER D 286 5.27 -14.07 -11.03
N VAL D 287 4.74 -15.11 -11.67
CA VAL D 287 5.49 -15.93 -12.60
C VAL D 287 4.72 -16.01 -13.92
N ILE D 288 5.38 -15.64 -15.01
CA ILE D 288 4.84 -15.81 -16.35
C ILE D 288 5.42 -17.11 -16.90
N LEU D 289 4.59 -18.14 -17.00
CA LEU D 289 5.02 -19.48 -17.37
C LEU D 289 4.90 -19.65 -18.88
N PHE D 290 6.01 -19.94 -19.54
CA PHE D 290 6.04 -20.18 -20.98
C PHE D 290 6.23 -21.68 -21.21
N LEU D 291 5.12 -22.37 -21.44
CA LEU D 291 5.16 -23.79 -21.79
C LEU D 291 5.64 -23.90 -23.24
N ASN D 292 6.96 -23.85 -23.41
CA ASN D 292 7.57 -23.71 -24.71
C ASN D 292 7.58 -25.03 -25.47
N LYS D 293 7.98 -24.95 -26.74
CA LYS D 293 8.14 -26.12 -27.61
C LYS D 293 6.83 -26.89 -27.76
N GLN D 294 5.78 -26.16 -28.16
CA GLN D 294 4.49 -26.80 -28.40
C GLN D 294 4.48 -27.57 -29.71
N ASP D 295 5.24 -27.09 -30.71
CA ASP D 295 5.29 -27.79 -31.98
C ASP D 295 6.00 -29.14 -31.85
N LEU D 296 7.01 -29.22 -30.98
CA LEU D 296 7.67 -30.49 -30.73
C LEU D 296 6.84 -31.40 -29.83
N LEU D 297 5.98 -30.81 -28.99
CA LEU D 297 5.13 -31.62 -28.13
C LEU D 297 4.07 -32.34 -28.94
N ALA D 298 3.43 -31.64 -29.88
CA ALA D 298 2.40 -32.26 -30.70
C ALA D 298 2.97 -33.41 -31.53
N GLU D 299 4.22 -33.30 -31.97
CA GLU D 299 4.81 -34.34 -32.81
C GLU D 299 5.05 -35.62 -32.02
N LYS D 300 5.27 -35.52 -30.71
CA LYS D 300 5.45 -36.72 -29.90
C LYS D 300 4.13 -37.42 -29.64
N VAL D 301 3.04 -36.66 -29.44
CA VAL D 301 1.76 -37.29 -29.14
C VAL D 301 1.22 -38.01 -30.37
N LEU D 302 1.39 -37.41 -31.57
CA LEU D 302 0.96 -38.08 -32.79
C LEU D 302 1.82 -39.30 -33.08
N ALA D 303 3.08 -39.29 -32.66
CA ALA D 303 3.98 -40.40 -32.91
C ALA D 303 3.69 -41.54 -31.95
N GLY D 304 4.40 -42.64 -32.11
CA GLY D 304 4.12 -43.85 -31.36
C GLY D 304 5.00 -44.01 -30.13
N LYS D 305 4.45 -44.72 -29.15
CA LYS D 305 5.17 -45.16 -27.94
C LYS D 305 5.86 -44.00 -27.22
N SER D 306 5.35 -42.77 -27.36
CA SER D 306 5.82 -41.69 -26.50
C SER D 306 5.43 -41.95 -25.05
N LYS D 307 4.14 -42.26 -24.83
CA LYS D 307 3.63 -42.74 -23.55
C LYS D 307 3.93 -41.75 -22.41
N ILE D 308 3.26 -40.59 -22.52
CA ILE D 308 3.31 -39.59 -21.46
C ILE D 308 2.93 -40.19 -20.12
N GLU D 309 2.09 -41.23 -20.12
CA GLU D 309 1.61 -41.83 -18.89
C GLU D 309 2.71 -42.53 -18.09
N ASP D 310 3.84 -42.86 -18.72
CA ASP D 310 4.92 -43.50 -17.98
C ASP D 310 5.53 -42.55 -16.97
N TYR D 311 5.91 -41.34 -17.41
CA TYR D 311 6.50 -40.37 -16.50
C TYR D 311 5.44 -39.72 -15.60
N PHE D 312 4.17 -39.75 -15.99
CA PHE D 312 3.09 -39.18 -15.20
C PHE D 312 1.91 -40.15 -15.25
N PRO D 313 1.77 -41.02 -14.25
CA PRO D 313 0.71 -42.04 -14.31
C PRO D 313 -0.69 -41.46 -14.18
N GLU D 314 -0.85 -40.32 -13.50
CA GLU D 314 -2.15 -39.71 -13.31
C GLU D 314 -2.70 -39.14 -14.62
N PHE D 315 -1.91 -39.21 -15.68
CA PHE D 315 -2.34 -38.72 -16.98
C PHE D 315 -3.39 -39.63 -17.62
N ALA D 316 -3.46 -40.90 -17.20
CA ALA D 316 -4.43 -41.82 -17.80
C ALA D 316 -5.86 -41.40 -17.48
N ARG D 317 -6.13 -41.05 -16.22
CA ARG D 317 -7.46 -40.67 -15.77
C ARG D 317 -7.71 -39.17 -15.86
N TYR D 318 -7.01 -38.48 -16.75
CA TYR D 318 -7.16 -37.03 -16.92
C TYR D 318 -7.87 -36.75 -18.23
N THR D 319 -8.85 -35.84 -18.19
CA THR D 319 -9.59 -35.43 -19.37
C THR D 319 -9.40 -33.94 -19.60
N THR D 320 -9.51 -33.54 -20.87
CA THR D 320 -9.40 -32.14 -21.22
C THR D 320 -10.51 -31.34 -20.55
N PRO D 321 -10.19 -30.27 -19.82
CA PRO D 321 -11.23 -29.51 -19.13
C PRO D 321 -12.05 -28.69 -20.11
N GLU D 322 -13.20 -28.20 -19.63
CA GLU D 322 -14.09 -27.41 -20.47
C GLU D 322 -13.51 -26.02 -20.73
N ASP D 323 -12.77 -25.47 -19.77
CA ASP D 323 -12.16 -24.16 -19.95
C ASP D 323 -11.12 -24.15 -21.05
N ALA D 324 -10.66 -25.32 -21.49
CA ALA D 324 -9.65 -25.40 -22.54
C ALA D 324 -10.18 -24.84 -23.85
N THR D 325 -9.41 -23.93 -24.45
CA THR D 325 -9.73 -23.40 -25.76
C THR D 325 -8.80 -24.03 -26.79
N PRO D 326 -9.21 -25.11 -27.43
CA PRO D 326 -8.30 -25.84 -28.33
C PRO D 326 -8.05 -25.10 -29.63
N GLU D 327 -6.80 -25.15 -30.09
CA GLU D 327 -6.44 -24.58 -31.37
C GLU D 327 -7.23 -25.27 -32.49
N PRO D 328 -7.73 -24.52 -33.46
CA PRO D 328 -8.47 -25.16 -34.57
C PRO D 328 -7.55 -25.99 -35.44
N GLY D 329 -7.94 -27.26 -35.63
CA GLY D 329 -7.22 -28.19 -36.49
C GLY D 329 -6.50 -29.29 -35.74
N GLU D 330 -6.01 -28.99 -34.53
CA GLU D 330 -5.24 -29.95 -33.76
C GLU D 330 -6.15 -30.99 -33.13
N ASP D 331 -5.71 -32.25 -33.15
CA ASP D 331 -6.47 -33.33 -32.58
C ASP D 331 -6.51 -33.22 -31.06
N PRO D 332 -7.59 -33.71 -30.42
CA PRO D 332 -7.71 -33.57 -28.96
C PRO D 332 -6.63 -34.30 -28.18
N ARG D 333 -5.89 -35.22 -28.80
CA ARG D 333 -4.82 -35.92 -28.09
C ARG D 333 -3.70 -34.96 -27.68
N VAL D 334 -3.42 -33.95 -28.51
CA VAL D 334 -2.42 -32.96 -28.16
C VAL D 334 -3.00 -31.95 -27.17
N THR D 335 -4.26 -31.58 -27.33
CA THR D 335 -4.91 -30.70 -26.36
C THR D 335 -4.94 -31.32 -24.98
N ARG D 336 -5.21 -32.63 -24.91
CA ARG D 336 -5.20 -33.32 -23.63
C ARG D 336 -3.79 -33.35 -23.04
N ALA D 337 -2.77 -33.44 -23.89
CA ALA D 337 -1.40 -33.52 -23.40
C ALA D 337 -0.92 -32.17 -22.88
N LYS D 338 -1.04 -31.11 -23.68
CA LYS D 338 -0.51 -29.82 -23.29
C LYS D 338 -1.30 -29.19 -22.14
N TYR D 339 -2.57 -29.53 -21.98
CA TYR D 339 -3.33 -29.01 -20.85
C TYR D 339 -3.05 -29.79 -19.58
N PHE D 340 -2.70 -31.07 -19.70
CA PHE D 340 -2.25 -31.82 -18.53
C PHE D 340 -0.97 -31.23 -17.96
N ILE D 341 -0.04 -30.85 -18.84
CA ILE D 341 1.20 -30.23 -18.39
C ILE D 341 0.93 -28.88 -17.73
N ARG D 342 -0.04 -28.14 -18.27
CA ARG D 342 -0.35 -26.83 -17.70
C ARG D 342 -0.94 -26.95 -16.30
N ASP D 343 -1.86 -27.89 -16.09
CA ASP D 343 -2.44 -28.08 -14.77
C ASP D 343 -1.48 -28.73 -13.79
N GLU D 344 -0.37 -29.30 -14.26
CA GLU D 344 0.68 -29.73 -13.34
C GLU D 344 1.29 -28.54 -12.61
N PHE D 345 1.50 -27.44 -13.33
CA PHE D 345 2.03 -26.23 -12.70
C PHE D 345 0.93 -25.47 -11.95
N LEU D 346 -0.30 -25.46 -12.51
CA LEU D 346 -1.39 -24.78 -11.83
C LEU D 346 -1.74 -25.43 -10.50
N ARG D 347 -1.53 -26.74 -10.37
CA ARG D 347 -1.77 -27.40 -9.11
C ARG D 347 -0.79 -26.90 -8.04
N ILE D 348 0.41 -26.49 -8.44
CA ILE D 348 1.37 -25.97 -7.49
C ILE D 348 1.09 -24.50 -7.17
N SER D 349 0.74 -23.71 -8.18
CA SER D 349 0.54 -22.29 -7.97
C SER D 349 -0.73 -22.02 -7.18
N THR D 350 -1.80 -22.77 -7.45
CA THR D 350 -3.06 -22.60 -6.75
C THR D 350 -3.10 -23.30 -5.41
N ALA D 351 -2.01 -23.96 -4.99
CA ALA D 351 -2.00 -24.65 -3.71
C ALA D 351 -1.51 -23.74 -2.59
N SER D 352 -0.62 -22.80 -2.90
CA SER D 352 -0.03 -21.93 -1.88
C SER D 352 -0.23 -20.44 -2.15
N GLY D 353 -0.81 -20.07 -3.29
CA GLY D 353 -1.07 -18.67 -3.56
C GLY D 353 -2.06 -18.06 -2.60
N ASP D 354 -1.61 -17.07 -1.82
CA ASP D 354 -2.47 -16.37 -0.86
C ASP D 354 -3.00 -15.06 -1.42
N GLY D 355 -3.26 -15.02 -2.73
CA GLY D 355 -3.68 -13.80 -3.38
C GLY D 355 -2.60 -12.79 -3.62
N ARG D 356 -1.35 -13.11 -3.28
CA ARG D 356 -0.24 -12.18 -3.40
C ARG D 356 0.42 -12.23 -4.78
N HIS D 357 0.59 -13.42 -5.34
CA HIS D 357 1.18 -13.58 -6.66
C HIS D 357 0.38 -14.62 -7.44
N TYR D 358 0.49 -14.54 -8.77
CA TYR D 358 -0.29 -15.40 -9.65
C TYR D 358 0.60 -15.93 -10.76
N CYS D 359 0.21 -17.07 -11.31
CA CYS D 359 0.92 -17.71 -12.41
C CYS D 359 0.12 -17.50 -13.70
N TYR D 360 0.81 -17.04 -14.75
CA TYR D 360 0.20 -16.77 -16.05
C TYR D 360 0.75 -17.75 -17.07
N PRO D 361 0.09 -18.88 -17.28
CA PRO D 361 0.63 -19.88 -18.22
C PRO D 361 0.29 -19.55 -19.66
N HIS D 362 1.23 -19.86 -20.55
CA HIS D 362 1.05 -19.64 -21.98
C HIS D 362 1.65 -20.80 -22.75
N PHE D 363 0.97 -21.22 -23.81
CA PHE D 363 1.49 -22.23 -24.73
C PHE D 363 2.26 -21.50 -25.83
N THR D 364 3.58 -21.58 -25.78
CA THR D 364 4.43 -20.78 -26.65
C THR D 364 5.35 -21.69 -27.48
N CYS D 365 5.90 -21.10 -28.54
CA CYS D 365 7.01 -21.67 -29.27
C CYS D 365 8.15 -20.65 -29.28
N SER D 366 9.36 -21.15 -29.56
CA SER D 366 10.53 -20.29 -29.48
C SER D 366 10.48 -19.16 -30.49
N VAL D 367 9.77 -19.35 -31.61
CA VAL D 367 9.71 -18.35 -32.66
C VAL D 367 8.43 -17.54 -32.62
N ASP D 368 7.62 -17.68 -31.58
CA ASP D 368 6.37 -16.94 -31.48
C ASP D 368 6.65 -15.46 -31.22
N THR D 369 6.11 -14.59 -32.08
CA THR D 369 6.18 -13.15 -31.85
C THR D 369 5.19 -12.69 -30.80
N GLU D 370 4.29 -13.56 -30.35
CA GLU D 370 3.33 -13.25 -29.29
C GLU D 370 4.00 -13.16 -27.93
N ASN D 371 5.22 -13.67 -27.77
CA ASN D 371 5.83 -13.77 -26.46
C ASN D 371 6.04 -12.40 -25.84
N ILE D 372 6.48 -11.42 -26.63
CA ILE D 372 6.74 -10.09 -26.10
C ILE D 372 5.43 -9.41 -25.72
N ARG D 373 4.38 -9.60 -26.51
CA ARG D 373 3.08 -9.04 -26.17
C ARG D 373 2.45 -9.76 -24.99
N ARG D 374 2.67 -11.07 -24.89
CA ARG D 374 2.15 -11.84 -23.76
C ARG D 374 2.71 -11.31 -22.45
N VAL D 375 4.02 -11.06 -22.40
CA VAL D 375 4.63 -10.52 -21.19
C VAL D 375 4.05 -9.15 -20.87
N PHE D 376 3.86 -8.31 -21.89
CA PHE D 376 3.28 -6.99 -21.66
C PHE D 376 1.89 -7.08 -21.06
N ASN D 377 1.05 -7.98 -21.59
CA ASN D 377 -0.32 -8.08 -21.09
C ASN D 377 -0.37 -8.67 -19.69
N ASP D 378 0.51 -9.61 -19.37
CA ASP D 378 0.55 -10.15 -18.02
C ASP D 378 1.16 -9.18 -17.02
N CYS D 379 2.15 -8.40 -17.44
CA CYS D 379 2.70 -7.38 -16.57
C CYS D 379 1.67 -6.31 -16.25
N ARG D 380 0.80 -5.98 -17.21
CA ARG D 380 -0.27 -5.03 -16.94
C ARG D 380 -1.25 -5.58 -15.92
N ASP D 381 -1.59 -6.87 -16.03
CA ASP D 381 -2.47 -7.50 -15.05
C ASP D 381 -1.82 -7.56 -13.68
N ILE D 382 -0.49 -7.76 -13.65
CA ILE D 382 0.22 -7.82 -12.37
C ILE D 382 0.17 -6.47 -11.66
N ILE D 383 0.40 -5.39 -12.41
CA ILE D 383 0.39 -4.06 -11.81
C ILE D 383 -1.02 -3.66 -11.42
N GLN D 384 -2.01 -4.01 -12.24
CA GLN D 384 -3.40 -3.72 -11.90
C GLN D 384 -3.79 -4.37 -10.57
N ARG D 385 -3.39 -5.64 -10.38
CA ARG D 385 -3.69 -6.31 -9.12
C ARG D 385 -2.90 -5.73 -7.97
N MET D 386 -1.71 -5.19 -8.24
CA MET D 386 -0.95 -4.52 -7.20
C MET D 386 -1.64 -3.24 -6.75
N HIS D 387 -2.23 -2.50 -7.69
CA HIS D 387 -2.99 -1.30 -7.33
C HIS D 387 -4.29 -1.65 -6.63
N LEU D 388 -4.98 -2.69 -7.10
CA LEU D 388 -6.18 -3.16 -6.42
C LEU D 388 -5.85 -3.65 -5.01
N ARG D 389 -4.62 -4.10 -4.79
CA ARG D 389 -4.21 -4.55 -3.46
C ARG D 389 -3.88 -3.38 -2.54
N GLN D 390 -3.41 -2.27 -3.11
CA GLN D 390 -3.12 -1.09 -2.29
C GLN D 390 -4.40 -0.47 -1.74
N TYR D 391 -5.49 -0.55 -2.49
CA TYR D 391 -6.78 -0.02 -2.06
C TYR D 391 -7.65 -1.08 -1.37
N GLU D 392 -7.10 -2.26 -1.12
CA GLU D 392 -7.81 -3.36 -0.46
C GLU D 392 -9.09 -3.74 -1.21
N LEU D 393 -9.06 -3.63 -2.54
CA LEU D 393 -10.22 -3.97 -3.35
C LEU D 393 -10.20 -5.40 -3.86
N LEU D 394 -9.02 -6.02 -3.95
CA LEU D 394 -8.91 -7.38 -4.46
C LEU D 394 -7.90 -8.18 -3.66
N SER E 12 36.51 -49.35 -4.32
CA SER E 12 37.87 -49.87 -4.16
C SER E 12 38.83 -48.77 -3.76
N GLU E 13 39.41 -48.09 -4.75
CA GLU E 13 40.38 -47.04 -4.47
C GLU E 13 39.71 -45.78 -3.94
N LEU E 14 38.63 -45.34 -4.59
CA LEU E 14 37.91 -44.16 -4.10
C LEU E 14 37.23 -44.45 -2.76
N ASP E 15 36.75 -45.68 -2.55
CA ASP E 15 36.10 -46.02 -1.30
C ASP E 15 37.10 -46.08 -0.15
N GLN E 16 38.30 -46.60 -0.42
CA GLN E 16 39.35 -46.59 0.61
C GLN E 16 39.79 -45.18 0.94
N LEU E 17 39.79 -44.28 -0.04
CA LEU E 17 40.03 -42.87 0.26
C LEU E 17 38.88 -42.27 1.04
N ARG E 18 37.67 -42.82 0.91
CA ARG E 18 36.55 -42.38 1.74
C ARG E 18 36.63 -42.96 3.15
N GLN E 19 37.29 -44.10 3.32
CA GLN E 19 37.52 -44.63 4.66
C GLN E 19 38.70 -43.92 5.33
N GLU E 20 39.70 -43.50 4.54
CA GLU E 20 40.82 -42.77 5.12
C GLU E 20 40.39 -41.39 5.61
N ALA E 21 39.50 -40.73 4.87
CA ALA E 21 38.94 -39.47 5.34
C ALA E 21 38.09 -39.67 6.59
N GLU E 22 37.44 -40.83 6.71
CA GLU E 22 36.66 -41.12 7.91
C GLU E 22 37.53 -41.20 9.15
N GLN E 23 38.69 -41.86 9.05
CA GLN E 23 39.58 -41.98 10.19
C GLN E 23 40.28 -40.67 10.51
N LEU E 24 40.26 -39.70 9.60
CA LEU E 24 40.90 -38.42 9.84
C LEU E 24 39.96 -37.41 10.50
N LYS E 25 38.69 -37.39 10.09
CA LYS E 25 37.73 -36.51 10.75
C LYS E 25 37.47 -36.96 12.17
N ASN E 26 37.47 -38.27 12.42
CA ASN E 26 37.30 -38.76 13.78
C ASN E 26 38.53 -38.46 14.64
N GLN E 27 39.72 -38.56 14.06
CA GLN E 27 40.93 -38.18 14.77
C GLN E 27 40.92 -36.71 15.12
N ILE E 28 40.50 -35.85 14.17
CA ILE E 28 40.33 -34.44 14.46
C ILE E 28 39.23 -34.24 15.50
N ARG E 29 38.16 -35.03 15.41
CA ARG E 29 37.11 -34.96 16.41
C ARG E 29 37.63 -35.35 17.79
N ASP E 30 38.49 -36.37 17.84
CA ASP E 30 39.07 -36.77 19.12
C ASP E 30 40.02 -35.71 19.65
N ALA E 31 40.86 -35.14 18.79
CA ALA E 31 41.77 -34.08 19.21
C ALA E 31 41.04 -32.81 19.61
N ARG E 32 39.85 -32.57 19.06
CA ARG E 32 39.05 -31.43 19.51
C ARG E 32 38.29 -31.75 20.80
N LYS E 33 37.83 -33.00 20.93
CA LYS E 33 37.16 -33.41 22.16
C LYS E 33 38.11 -33.38 23.36
N ALA E 34 39.40 -33.63 23.13
CA ALA E 34 40.38 -33.63 24.20
C ALA E 34 40.74 -32.24 24.67
N CYS E 35 40.48 -31.21 23.87
CA CYS E 35 40.77 -29.84 24.25
C CYS E 35 39.61 -29.15 24.93
N ALA E 36 38.42 -29.73 24.91
CA ALA E 36 37.23 -29.13 25.52
C ALA E 36 37.12 -29.50 26.99
N ASP E 37 38.15 -29.13 27.75
CA ASP E 37 38.13 -29.38 29.19
C ASP E 37 37.10 -28.53 29.91
N ALA E 38 36.66 -27.43 29.31
CA ALA E 38 35.64 -26.57 29.89
C ALA E 38 34.91 -25.84 28.77
N THR E 39 33.73 -25.33 29.10
CA THR E 39 32.92 -24.58 28.17
C THR E 39 33.03 -23.08 28.45
N LEU E 40 32.88 -22.27 27.40
CA LEU E 40 32.96 -20.83 27.55
C LEU E 40 31.90 -20.31 28.52
N SER E 41 30.73 -20.94 28.56
CA SER E 41 29.70 -20.52 29.49
C SER E 41 30.12 -20.74 30.94
N GLN E 42 30.82 -21.84 31.21
CA GLN E 42 31.28 -22.10 32.57
C GLN E 42 32.42 -21.18 32.97
N ILE E 43 33.26 -20.77 32.01
CA ILE E 43 34.34 -19.83 32.33
C ILE E 43 33.78 -18.44 32.59
N THR E 44 32.65 -18.10 31.98
CA THR E 44 32.07 -16.76 32.09
C THR E 44 30.79 -16.74 32.93
N ASN E 45 30.49 -17.82 33.66
CA ASN E 45 29.27 -17.84 34.46
C ASN E 45 29.35 -16.85 35.61
N ASN E 46 30.56 -16.50 36.04
CA ASN E 46 30.75 -15.64 37.20
C ASN E 46 30.81 -14.15 36.87
N ILE E 47 31.10 -13.80 35.61
CA ILE E 47 31.27 -12.40 35.27
C ILE E 47 29.94 -11.66 35.34
N ASP E 48 30.01 -10.36 35.59
CA ASP E 48 28.82 -9.54 35.66
C ASP E 48 28.24 -9.35 34.26
N PRO E 49 26.97 -9.65 34.03
CA PRO E 49 26.37 -9.39 32.71
C PRO E 49 26.38 -7.92 32.36
N VAL E 50 26.08 -7.64 31.09
CA VAL E 50 26.16 -6.27 30.61
C VAL E 50 24.89 -5.48 30.95
N GLY E 51 23.75 -6.15 31.07
CA GLY E 51 22.51 -5.47 31.34
C GLY E 51 21.70 -5.19 30.09
N ARG E 52 21.00 -4.06 30.08
CA ARG E 52 20.16 -3.67 28.95
C ARG E 52 20.98 -2.79 28.01
N ILE E 53 21.30 -3.31 26.83
CA ILE E 53 21.98 -2.55 25.79
C ILE E 53 20.90 -2.08 24.84
N GLN E 54 20.36 -0.89 25.08
CA GLN E 54 19.30 -0.32 24.26
C GLN E 54 19.87 0.88 23.51
N MET E 55 20.02 0.72 22.19
CA MET E 55 20.51 1.78 21.34
C MET E 55 19.35 2.49 20.65
N ARG E 56 19.62 3.70 20.20
CA ARG E 56 18.64 4.52 19.51
C ARG E 56 19.14 4.87 18.11
N THR E 57 18.20 4.96 17.17
CA THR E 57 18.53 5.41 15.83
C THR E 57 18.91 6.88 15.88
N ARG E 58 20.19 7.18 15.60
CA ARG E 58 20.66 8.56 15.60
C ARG E 58 20.60 9.21 14.24
N ARG E 59 20.76 8.43 13.18
CA ARG E 59 20.70 8.95 11.81
C ARG E 59 19.89 7.99 10.95
N THR E 60 19.33 8.52 9.87
CA THR E 60 18.62 7.72 8.89
C THR E 60 19.00 8.20 7.50
N LEU E 61 19.46 7.29 6.65
CA LEU E 61 19.94 7.60 5.32
C LEU E 61 18.91 7.11 4.31
N ARG E 62 18.41 8.03 3.47
CA ARG E 62 17.23 7.78 2.64
C ARG E 62 17.48 7.99 1.16
N GLY E 63 18.70 7.75 0.68
CA GLY E 63 19.02 8.01 -0.71
C GLY E 63 18.66 6.89 -1.67
N HIS E 64 18.84 5.64 -1.24
CA HIS E 64 18.69 4.51 -2.14
C HIS E 64 17.24 4.29 -2.53
N LEU E 65 17.04 3.70 -3.71
CA LEU E 65 15.73 3.35 -4.23
C LEU E 65 15.36 1.90 -3.97
N ALA E 66 16.20 0.97 -4.39
CA ALA E 66 15.96 -0.45 -4.22
C ALA E 66 16.59 -0.94 -2.92
N LYS E 67 16.54 -2.25 -2.68
CA LYS E 67 17.03 -2.82 -1.44
C LYS E 67 18.54 -2.67 -1.34
N ILE E 68 19.01 -2.46 -0.11
CA ILE E 68 20.43 -2.34 0.18
C ILE E 68 20.98 -3.72 0.49
N TYR E 69 22.07 -4.10 -0.18
CA TYR E 69 22.65 -5.42 -0.01
C TYR E 69 23.91 -5.43 0.86
N ALA E 70 24.66 -4.34 0.91
CA ALA E 70 25.91 -4.31 1.66
C ALA E 70 26.22 -2.89 2.09
N MET E 71 27.17 -2.78 3.01
CA MET E 71 27.66 -1.50 3.50
C MET E 71 28.99 -1.74 4.19
N HIS E 72 29.81 -0.68 4.25
CA HIS E 72 31.12 -0.78 4.89
C HIS E 72 31.51 0.59 5.42
N TRP E 73 32.05 0.60 6.64
CA TRP E 73 32.52 1.83 7.25
C TRP E 73 33.93 2.16 6.77
N GLY E 74 34.19 3.44 6.55
CA GLY E 74 35.56 3.89 6.37
C GLY E 74 36.31 3.86 7.68
N THR E 75 37.65 3.81 7.57
CA THR E 75 38.47 3.71 8.77
C THR E 75 38.45 4.99 9.61
N ASP E 76 37.88 6.08 9.10
CA ASP E 76 37.71 7.29 9.89
C ASP E 76 36.47 7.26 10.77
N SER E 77 35.68 6.18 10.72
CA SER E 77 34.46 6.01 11.50
C SER E 77 33.42 7.09 11.21
N ARG E 78 33.60 7.83 10.12
CA ARG E 78 32.67 8.89 9.73
C ARG E 78 32.05 8.63 8.36
N LEU E 79 32.86 8.32 7.36
CA LEU E 79 32.35 8.04 6.01
C LEU E 79 32.02 6.56 5.87
N LEU E 80 30.93 6.27 5.18
CA LEU E 80 30.53 4.89 4.91
C LEU E 80 29.98 4.81 3.50
N VAL E 81 30.15 3.64 2.88
CA VAL E 81 29.65 3.36 1.55
C VAL E 81 28.56 2.30 1.66
N SER E 82 27.53 2.42 0.85
CA SER E 82 26.45 1.44 0.80
C SER E 82 26.15 1.10 -0.65
N ALA E 83 25.65 -0.13 -0.85
CA ALA E 83 25.35 -0.64 -2.18
C ALA E 83 23.90 -1.10 -2.22
N SER E 84 23.16 -0.62 -3.22
CA SER E 84 21.77 -0.99 -3.39
C SER E 84 21.54 -1.56 -4.78
N GLN E 85 20.50 -2.37 -4.90
CA GLN E 85 20.18 -3.02 -6.16
C GLN E 85 19.65 -2.07 -7.22
N ASP E 86 19.44 -0.80 -6.90
CA ASP E 86 19.11 0.17 -7.93
C ASP E 86 20.31 0.54 -8.79
N GLY E 87 21.50 0.02 -8.46
CA GLY E 87 22.69 0.26 -9.24
C GLY E 87 23.44 1.50 -8.81
N LYS E 88 23.52 1.73 -7.49
CA LYS E 88 24.14 2.93 -6.95
C LYS E 88 25.06 2.59 -5.80
N LEU E 89 26.25 3.17 -5.81
CA LEU E 89 27.11 3.25 -4.63
C LEU E 89 27.01 4.67 -4.09
N ILE E 90 26.57 4.80 -2.84
CA ILE E 90 26.45 6.10 -2.19
C ILE E 90 27.41 6.14 -1.01
N ILE E 91 28.25 7.16 -0.97
CA ILE E 91 29.15 7.41 0.16
C ILE E 91 28.51 8.49 1.02
N TRP E 92 28.31 8.20 2.30
CA TRP E 92 27.62 9.09 3.21
C TRP E 92 28.60 9.70 4.21
N ASP E 93 28.25 10.91 4.66
CA ASP E 93 28.85 11.51 5.85
C ASP E 93 27.87 11.22 6.99
N SER E 94 28.15 10.19 7.77
CA SER E 94 27.21 9.77 8.81
C SER E 94 26.96 10.86 9.84
N TYR E 95 27.92 11.76 10.04
CA TYR E 95 27.75 12.82 11.02
C TYR E 95 26.67 13.80 10.59
N THR E 96 26.69 14.20 9.31
CA THR E 96 25.79 15.23 8.79
C THR E 96 24.75 14.69 7.81
N THR E 97 24.72 13.38 7.57
CA THR E 97 23.81 12.73 6.62
C THR E 97 23.98 13.23 5.20
N ASN E 98 25.03 13.99 4.92
CA ASN E 98 25.27 14.48 3.57
C ASN E 98 25.91 13.39 2.71
N LYS E 99 25.48 13.32 1.45
CA LYS E 99 26.04 12.38 0.50
C LYS E 99 27.27 12.99 -0.15
N VAL E 100 28.37 12.24 -0.16
CA VAL E 100 29.63 12.70 -0.72
C VAL E 100 29.77 12.29 -2.18
N HIS E 101 29.35 11.07 -2.51
CA HIS E 101 29.37 10.58 -3.88
C HIS E 101 28.16 9.70 -4.13
N ALA E 102 27.70 9.68 -5.37
CA ALA E 102 26.63 8.78 -5.82
C ALA E 102 27.15 8.13 -7.10
N ILE E 103 27.76 6.96 -6.97
CA ILE E 103 28.43 6.30 -8.08
C ILE E 103 27.42 5.38 -8.75
N PRO E 104 27.08 5.60 -10.03
CA PRO E 104 26.23 4.65 -10.74
C PRO E 104 27.03 3.43 -11.20
N LEU E 105 26.41 2.27 -11.11
CA LEU E 105 27.06 1.02 -11.44
C LEU E 105 26.65 0.54 -12.83
N ARG E 106 27.58 -0.11 -13.52
CA ARG E 106 27.27 -0.68 -14.83
C ARG E 106 26.29 -1.83 -14.70
N SER E 107 26.44 -2.65 -13.66
CA SER E 107 25.51 -3.73 -13.35
C SER E 107 24.81 -3.39 -12.04
N SER E 108 23.48 -3.39 -12.07
CA SER E 108 22.70 -3.01 -10.90
C SER E 108 22.58 -4.13 -9.86
N TRP E 109 22.95 -5.36 -10.21
CA TRP E 109 22.80 -6.48 -9.29
C TRP E 109 24.01 -6.64 -8.38
N VAL E 110 24.34 -5.56 -7.68
CA VAL E 110 25.48 -5.55 -6.77
C VAL E 110 25.10 -6.29 -5.48
N MET E 111 26.03 -7.06 -4.95
CA MET E 111 25.80 -7.82 -3.74
C MET E 111 26.80 -7.52 -2.62
N THR E 112 27.87 -6.80 -2.90
CA THR E 112 28.86 -6.47 -1.88
C THR E 112 29.50 -5.13 -2.22
N CYS E 113 30.05 -4.49 -1.19
CA CYS E 113 30.80 -3.26 -1.37
C CYS E 113 31.83 -3.17 -0.26
N ALA E 114 32.95 -2.51 -0.55
CA ALA E 114 34.05 -2.40 0.38
C ALA E 114 34.61 -0.98 0.35
N TYR E 115 35.14 -0.55 1.49
CA TYR E 115 35.81 0.73 1.62
C TYR E 115 37.28 0.47 1.93
N ALA E 116 38.17 1.01 1.10
CA ALA E 116 39.59 0.83 1.33
C ALA E 116 40.01 1.54 2.61
N PRO E 117 40.96 0.97 3.37
CA PRO E 117 41.38 1.63 4.62
C PRO E 117 41.97 3.01 4.40
N SER E 118 42.68 3.21 3.30
CA SER E 118 43.21 4.54 2.99
C SER E 118 42.10 5.54 2.72
N GLY E 119 40.94 5.08 2.25
CA GLY E 119 39.85 5.94 1.89
C GLY E 119 39.86 6.44 0.47
N ASN E 120 40.82 6.00 -0.35
CA ASN E 120 40.94 6.47 -1.72
C ASN E 120 40.10 5.66 -2.70
N TYR E 121 39.67 4.46 -2.33
CA TYR E 121 38.98 3.57 -3.25
C TYR E 121 37.81 2.89 -2.56
N VAL E 122 36.80 2.54 -3.37
CA VAL E 122 35.73 1.66 -2.95
C VAL E 122 35.59 0.58 -4.00
N ALA E 123 35.14 -0.60 -3.56
CA ALA E 123 34.90 -1.73 -4.45
C ALA E 123 33.45 -2.15 -4.36
N CYS E 124 33.01 -2.92 -5.36
CA CYS E 124 31.65 -3.44 -5.37
C CYS E 124 31.58 -4.56 -6.39
N GLY E 125 30.63 -5.45 -6.19
CA GLY E 125 30.43 -6.57 -7.10
C GLY E 125 29.13 -7.28 -6.79
N GLY E 126 28.77 -8.18 -7.68
CA GLY E 126 27.53 -8.92 -7.54
C GLY E 126 27.33 -9.96 -8.61
N LEU E 127 26.13 -10.01 -9.19
CA LEU E 127 25.80 -11.00 -10.20
C LEU E 127 26.58 -10.82 -11.50
N ASP E 128 27.34 -9.73 -11.64
CA ASP E 128 28.16 -9.53 -12.83
C ASP E 128 29.48 -10.29 -12.77
N ASN E 129 29.81 -10.89 -11.62
CA ASN E 129 31.04 -11.63 -11.39
C ASN E 129 32.29 -10.77 -11.48
N ILE E 130 32.14 -9.45 -11.34
CA ILE E 130 33.25 -8.50 -11.46
C ILE E 130 33.38 -7.74 -10.15
N CYS E 131 34.63 -7.49 -9.74
CA CYS E 131 34.94 -6.59 -8.63
C CYS E 131 35.42 -5.27 -9.22
N SER E 132 34.56 -4.26 -9.18
CA SER E 132 34.86 -2.96 -9.77
C SER E 132 35.49 -2.06 -8.72
N ILE E 133 36.69 -1.57 -9.02
CA ILE E 133 37.41 -0.64 -8.14
C ILE E 133 37.15 0.78 -8.62
N TYR E 134 36.75 1.65 -7.70
CA TYR E 134 36.42 3.03 -8.01
C TYR E 134 37.40 3.96 -7.31
N ASN E 135 38.00 4.87 -8.06
CA ASN E 135 38.93 5.85 -7.51
C ASN E 135 38.14 7.05 -6.98
N LEU E 136 38.27 7.33 -5.69
CA LEU E 136 37.56 8.43 -5.08
C LEU E 136 38.32 9.76 -5.15
N LYS E 137 39.65 9.72 -5.21
CA LYS E 137 40.48 10.90 -5.07
C LYS E 137 41.28 11.20 -6.33
N THR E 138 40.66 11.06 -7.50
CA THR E 138 41.34 11.43 -8.74
C THR E 138 41.46 12.95 -8.84
N ARG E 139 42.51 13.40 -9.53
CA ARG E 139 42.79 14.83 -9.60
C ARG E 139 41.69 15.61 -10.31
N GLU E 140 40.82 14.94 -11.08
CA GLU E 140 39.75 15.64 -11.78
C GLU E 140 38.66 16.09 -10.81
N GLY E 141 38.12 15.15 -10.02
CA GLY E 141 37.09 15.49 -9.06
C GLY E 141 35.94 14.51 -9.01
N ASN E 142 35.66 13.85 -10.14
CA ASN E 142 34.56 12.90 -10.22
C ASN E 142 35.06 11.50 -9.84
N VAL E 143 34.16 10.53 -9.89
CA VAL E 143 34.47 9.14 -9.57
C VAL E 143 34.41 8.33 -10.85
N ARG E 144 35.44 7.52 -11.09
CA ARG E 144 35.51 6.69 -12.27
C ARG E 144 36.03 5.30 -11.90
N VAL E 145 35.78 4.34 -12.79
CA VAL E 145 36.22 2.96 -12.56
C VAL E 145 37.72 2.88 -12.80
N SER E 146 38.47 2.45 -11.79
CA SER E 146 39.91 2.29 -11.91
C SER E 146 40.32 0.91 -12.40
N ARG E 147 39.59 -0.13 -11.99
CA ARG E 147 39.94 -1.49 -12.38
C ARG E 147 38.71 -2.37 -12.28
N GLU E 148 38.61 -3.33 -13.20
CA GLU E 148 37.59 -4.37 -13.15
C GLU E 148 38.27 -5.72 -13.12
N LEU E 149 37.95 -6.51 -12.11
CA LEU E 149 38.57 -7.82 -11.90
C LEU E 149 37.59 -8.89 -12.36
N ALA E 150 38.02 -9.71 -13.33
CA ALA E 150 37.12 -10.55 -14.12
C ALA E 150 37.59 -12.00 -14.15
N GLY E 151 37.85 -12.56 -12.97
CA GLY E 151 38.31 -13.94 -12.90
C GLY E 151 37.33 -14.94 -12.31
N HIS E 152 36.37 -14.46 -11.53
CA HIS E 152 35.42 -15.36 -10.89
C HIS E 152 34.36 -15.84 -11.89
N THR E 153 34.00 -17.12 -11.78
CA THR E 153 32.98 -17.71 -12.63
C THR E 153 31.61 -17.75 -11.95
N GLY E 154 31.44 -16.98 -10.87
CA GLY E 154 30.18 -16.89 -10.18
C GLY E 154 30.07 -15.54 -9.50
N TYR E 155 28.87 -15.23 -9.03
CA TYR E 155 28.61 -13.92 -8.44
C TYR E 155 29.56 -13.65 -7.27
N LEU E 156 29.87 -12.37 -7.07
CA LEU E 156 30.74 -11.95 -5.99
C LEU E 156 29.89 -11.65 -4.75
N SER E 157 30.21 -12.30 -3.65
CA SER E 157 29.45 -12.15 -2.41
C SER E 157 30.08 -11.20 -1.41
N CYS E 158 31.40 -11.05 -1.45
CA CYS E 158 32.08 -10.18 -0.49
C CYS E 158 33.45 -9.82 -1.06
N CYS E 159 33.95 -8.66 -0.62
CA CYS E 159 35.27 -8.19 -1.01
C CYS E 159 35.80 -7.29 0.10
N ARG E 160 37.11 -7.34 0.32
CA ARG E 160 37.74 -6.57 1.38
C ARG E 160 39.13 -6.15 0.93
N PHE E 161 39.40 -4.85 0.97
CA PHE E 161 40.72 -4.35 0.64
C PHE E 161 41.73 -4.77 1.71
N LEU E 162 42.89 -5.26 1.27
CA LEU E 162 44.05 -5.35 2.16
C LEU E 162 44.81 -4.02 2.18
N ASP E 163 44.94 -3.40 1.02
CA ASP E 163 45.46 -2.05 0.88
C ASP E 163 44.94 -1.52 -0.46
N ASP E 164 45.50 -0.40 -0.93
CA ASP E 164 45.06 0.16 -2.20
C ASP E 164 45.45 -0.73 -3.38
N ASN E 165 46.31 -1.73 -3.17
CA ASN E 165 46.75 -2.59 -4.26
C ASN E 165 46.24 -4.02 -4.16
N GLN E 166 45.79 -4.47 -3.00
CA GLN E 166 45.35 -5.85 -2.82
C GLN E 166 43.93 -5.88 -2.28
N ILE E 167 43.17 -6.88 -2.72
CA ILE E 167 41.79 -7.06 -2.30
C ILE E 167 41.44 -8.53 -2.39
N VAL E 168 40.77 -9.05 -1.37
CA VAL E 168 40.31 -10.43 -1.33
C VAL E 168 38.83 -10.46 -1.65
N THR E 169 38.44 -11.33 -2.57
CA THR E 169 37.05 -11.47 -2.99
C THR E 169 36.58 -12.91 -2.78
N SER E 170 35.35 -13.04 -2.34
CA SER E 170 34.68 -14.33 -2.24
C SER E 170 33.54 -14.38 -3.26
N SER E 171 33.31 -15.56 -3.83
CA SER E 171 32.39 -15.66 -4.95
C SER E 171 31.52 -16.91 -4.82
N GLY E 172 30.41 -16.90 -5.56
CA GLY E 172 29.53 -18.04 -5.65
C GLY E 172 30.11 -19.22 -6.38
N ASP E 173 31.29 -19.07 -7.01
CA ASP E 173 31.97 -20.19 -7.65
C ASP E 173 32.72 -21.07 -6.66
N THR E 174 32.42 -20.93 -5.37
CA THR E 174 32.99 -21.72 -4.27
C THR E 174 34.45 -21.39 -4.00
N THR E 175 34.97 -20.30 -4.55
CA THR E 175 36.37 -19.95 -4.37
C THR E 175 36.50 -18.52 -3.83
N CYS E 176 37.63 -18.27 -3.19
CA CYS E 176 38.09 -16.92 -2.87
C CYS E 176 39.34 -16.63 -3.69
N ALA E 177 39.67 -15.34 -3.78
CA ALA E 177 40.78 -14.93 -4.63
C ALA E 177 41.44 -13.68 -4.07
N LEU E 178 42.76 -13.61 -4.23
CA LEU E 178 43.55 -12.44 -3.86
C LEU E 178 44.03 -11.78 -5.14
N TRP E 179 43.71 -10.49 -5.29
CA TRP E 179 43.92 -9.78 -6.54
C TRP E 179 45.04 -8.75 -6.41
N ASP E 180 45.79 -8.58 -7.48
CA ASP E 180 46.69 -7.45 -7.65
C ASP E 180 45.94 -6.40 -8.45
N ILE E 181 45.63 -5.27 -7.82
CA ILE E 181 44.73 -4.29 -8.44
C ILE E 181 45.40 -3.64 -9.64
N GLU E 182 46.71 -3.38 -9.56
CA GLU E 182 47.38 -2.71 -10.66
C GLU E 182 47.40 -3.56 -11.91
N THR E 183 47.80 -4.83 -11.78
CA THR E 183 47.81 -5.72 -12.94
C THR E 183 46.40 -6.21 -13.27
N GLY E 184 45.59 -6.49 -12.25
CA GLY E 184 44.25 -6.97 -12.45
C GLY E 184 44.11 -8.48 -12.52
N GLN E 185 45.09 -9.23 -12.05
CA GLN E 185 45.05 -10.68 -12.09
C GLN E 185 45.04 -11.25 -10.68
N GLN E 186 44.52 -12.47 -10.55
CA GLN E 186 44.50 -13.15 -9.26
C GLN E 186 45.91 -13.59 -8.89
N THR E 187 46.39 -13.12 -7.74
CA THR E 187 47.67 -13.59 -7.23
C THR E 187 47.54 -14.95 -6.56
N THR E 188 46.40 -15.21 -5.93
CA THR E 188 46.17 -16.48 -5.25
C THR E 188 44.69 -16.82 -5.35
N THR E 189 44.40 -18.12 -5.30
CA THR E 189 43.03 -18.63 -5.34
C THR E 189 42.86 -19.65 -4.23
N PHE E 190 41.75 -19.53 -3.50
CA PHE E 190 41.45 -20.40 -2.36
C PHE E 190 40.28 -21.30 -2.74
N THR E 191 40.51 -22.60 -2.76
CA THR E 191 39.61 -23.57 -3.40
C THR E 191 39.23 -24.69 -2.45
N GLY E 192 38.77 -24.33 -1.25
CA GLY E 192 38.37 -25.35 -0.29
C GLY E 192 36.89 -25.63 -0.21
N HIS E 193 36.06 -24.59 -0.34
CA HIS E 193 34.64 -24.71 -0.06
C HIS E 193 33.92 -25.55 -1.12
N THR E 194 32.79 -26.12 -0.72
CA THR E 194 31.94 -26.92 -1.58
C THR E 194 30.81 -26.10 -2.21
N GLY E 195 30.24 -25.17 -1.45
CA GLY E 195 29.18 -24.31 -1.93
C GLY E 195 29.62 -22.87 -2.08
N ASP E 196 28.65 -22.01 -2.40
CA ASP E 196 28.92 -20.60 -2.59
C ASP E 196 29.50 -19.99 -1.33
N VAL E 197 30.66 -19.34 -1.47
CA VAL E 197 31.22 -18.57 -0.37
C VAL E 197 30.43 -17.27 -0.26
N MET E 198 29.87 -17.02 0.92
CA MET E 198 28.94 -15.91 1.10
C MET E 198 29.56 -14.70 1.77
N SER E 199 30.60 -14.87 2.59
CA SER E 199 31.19 -13.75 3.29
C SER E 199 32.66 -14.06 3.59
N LEU E 200 33.40 -13.02 3.96
CA LEU E 200 34.79 -13.15 4.36
C LEU E 200 35.12 -12.02 5.32
N SER E 201 36.07 -12.29 6.21
CA SER E 201 36.52 -11.31 7.19
C SER E 201 38.03 -11.40 7.32
N LEU E 202 38.69 -10.26 7.21
CA LEU E 202 40.14 -10.18 7.33
C LEU E 202 40.53 -10.07 8.78
N ALA E 203 41.64 -10.72 9.14
CA ALA E 203 42.20 -10.56 10.47
C ALA E 203 42.71 -9.13 10.65
N PRO E 204 42.80 -8.65 11.89
CA PRO E 204 43.29 -7.27 12.11
C PRO E 204 44.64 -6.99 11.47
N ASP E 205 45.56 -7.95 11.48
CA ASP E 205 46.85 -7.78 10.84
C ASP E 205 46.83 -8.13 9.35
N THR E 206 45.68 -8.55 8.82
CA THR E 206 45.48 -8.89 7.41
C THR E 206 46.41 -10.00 6.94
N ARG E 207 46.99 -10.76 7.86
CA ARG E 207 47.79 -11.91 7.46
C ARG E 207 46.93 -13.14 7.18
N LEU E 208 45.77 -13.23 7.82
CA LEU E 208 44.83 -14.31 7.61
C LEU E 208 43.45 -13.73 7.34
N PHE E 209 42.60 -14.57 6.74
CA PHE E 209 41.19 -14.22 6.60
C PHE E 209 40.36 -15.50 6.67
N VAL E 210 39.10 -15.34 7.05
CA VAL E 210 38.19 -16.46 7.23
C VAL E 210 36.96 -16.23 6.38
N SER E 211 36.36 -17.32 5.91
CA SER E 211 35.21 -17.24 5.02
C SER E 211 34.21 -18.32 5.39
N GLY E 212 32.93 -17.99 5.25
CA GLY E 212 31.84 -18.93 5.45
C GLY E 212 31.12 -19.16 4.13
N ALA E 213 30.73 -20.40 3.89
CA ALA E 213 30.12 -20.79 2.62
C ALA E 213 28.80 -21.51 2.86
N CYS E 214 28.14 -21.84 1.76
CA CYS E 214 26.87 -22.55 1.77
C CYS E 214 27.03 -24.04 2.04
N ASP E 215 28.23 -24.50 2.40
CA ASP E 215 28.48 -25.87 2.79
C ASP E 215 28.43 -26.05 4.30
N ALA E 216 27.91 -25.06 5.03
CA ALA E 216 27.83 -25.08 6.50
C ALA E 216 29.20 -25.19 7.15
N SER E 217 30.21 -24.59 6.54
CA SER E 217 31.57 -24.68 7.04
C SER E 217 32.27 -23.34 6.89
N ALA E 218 33.25 -23.10 7.75
CA ALA E 218 34.09 -21.91 7.68
C ALA E 218 35.56 -22.35 7.63
N LYS E 219 36.35 -21.63 6.86
CA LYS E 219 37.75 -21.98 6.63
C LYS E 219 38.65 -20.80 6.90
N LEU E 220 39.74 -21.04 7.64
CA LEU E 220 40.76 -20.04 7.88
C LEU E 220 41.83 -20.16 6.80
N TRP E 221 42.10 -19.04 6.13
CA TRP E 221 43.01 -19.03 4.99
C TRP E 221 44.25 -18.21 5.32
N ASP E 222 45.42 -18.75 4.95
CA ASP E 222 46.67 -18.00 5.04
C ASP E 222 46.83 -17.22 3.75
N VAL E 223 46.84 -15.88 3.87
CA VAL E 223 46.84 -15.03 2.69
C VAL E 223 48.14 -15.18 1.90
N ARG E 224 49.28 -15.00 2.58
CA ARG E 224 50.57 -15.01 1.88
C ARG E 224 50.95 -16.40 1.40
N GLU E 225 50.36 -17.46 1.95
CA GLU E 225 50.66 -18.82 1.53
C GLU E 225 49.58 -19.46 0.68
N GLY E 226 48.34 -18.99 0.77
CA GLY E 226 47.27 -19.48 -0.08
C GLY E 226 46.69 -20.82 0.30
N MET E 227 46.95 -21.31 1.51
CA MET E 227 46.44 -22.60 1.95
C MET E 227 45.30 -22.42 2.95
N CYS E 228 44.60 -23.52 3.22
CA CYS E 228 43.50 -23.54 4.17
C CYS E 228 44.02 -24.11 5.49
N ARG E 229 44.29 -23.22 6.45
CA ARG E 229 44.83 -23.65 7.73
C ARG E 229 43.86 -24.59 8.45
N GLN E 230 42.65 -24.10 8.72
CA GLN E 230 41.69 -24.83 9.52
C GLN E 230 40.32 -24.79 8.86
N THR E 231 39.48 -25.74 9.23
CA THR E 231 38.09 -25.80 8.78
C THR E 231 37.20 -26.00 9.99
N PHE E 232 36.14 -25.21 10.09
CA PHE E 232 35.28 -25.18 11.27
C PHE E 232 33.88 -25.62 10.88
N THR E 233 33.38 -26.63 11.57
CA THR E 233 32.01 -27.12 11.38
C THR E 233 31.20 -26.90 12.65
N GLY E 234 29.92 -27.22 12.56
CA GLY E 234 29.02 -27.04 13.68
C GLY E 234 27.69 -26.45 13.27
N HIS E 235 27.70 -25.59 12.24
CA HIS E 235 26.47 -25.07 11.71
C HIS E 235 25.71 -26.15 10.96
N GLU E 236 24.41 -25.92 10.80
CA GLU E 236 23.55 -26.88 10.13
C GLU E 236 23.14 -26.47 8.72
N SER E 237 23.32 -25.21 8.36
CA SER E 237 22.88 -24.72 7.06
C SER E 237 23.91 -23.71 6.56
N ASP E 238 23.54 -22.98 5.50
CA ASP E 238 24.47 -22.07 4.85
C ASP E 238 24.91 -20.96 5.79
N ILE E 239 26.21 -20.68 5.79
CA ILE E 239 26.76 -19.57 6.56
C ILE E 239 26.67 -18.32 5.70
N ASN E 240 25.93 -17.32 6.19
CA ASN E 240 25.69 -16.10 5.45
C ASN E 240 26.62 -14.96 5.84
N ALA E 241 27.21 -15.01 7.03
CA ALA E 241 28.00 -13.89 7.52
C ALA E 241 29.12 -14.41 8.42
N ILE E 242 30.19 -13.63 8.53
CA ILE E 242 31.36 -13.99 9.30
C ILE E 242 32.07 -12.71 9.72
N CYS E 243 32.69 -12.75 10.89
CA CYS E 243 33.37 -11.57 11.42
C CYS E 243 34.41 -12.01 12.44
N PHE E 244 35.59 -11.42 12.35
CA PHE E 244 36.68 -11.73 13.27
C PHE E 244 36.46 -11.06 14.62
N PHE E 245 36.97 -11.72 15.66
CA PHE E 245 37.06 -11.07 16.97
C PHE E 245 38.11 -9.97 16.92
N PRO E 246 37.93 -8.88 17.68
CA PRO E 246 38.88 -7.77 17.62
C PRO E 246 40.33 -8.14 17.93
N ASN E 247 40.59 -9.32 18.49
CA ASN E 247 41.97 -9.72 18.75
C ASN E 247 42.53 -10.64 17.66
N GLY E 248 41.70 -11.10 16.74
CA GLY E 248 42.16 -11.98 15.67
C GLY E 248 42.30 -13.44 16.05
N ASN E 249 41.87 -13.83 17.25
CA ASN E 249 41.99 -15.20 17.71
C ASN E 249 40.67 -15.95 17.68
N ALA E 250 39.57 -15.28 17.36
CA ALA E 250 38.26 -15.93 17.28
C ALA E 250 37.45 -15.24 16.18
N PHE E 251 36.32 -15.85 15.84
CA PHE E 251 35.43 -15.28 14.84
C PHE E 251 34.03 -15.84 15.05
N ALA E 252 33.04 -15.08 14.58
CA ALA E 252 31.64 -15.44 14.71
C ALA E 252 31.04 -15.65 13.32
N THR E 253 30.06 -16.55 13.25
CA THR E 253 29.39 -16.89 12.00
C THR E 253 27.88 -16.82 12.19
N GLY E 254 27.18 -16.40 11.15
CA GLY E 254 25.73 -16.39 11.15
C GLY E 254 25.20 -17.25 10.01
N SER E 255 24.24 -18.11 10.32
CA SER E 255 23.80 -19.13 9.40
C SER E 255 22.28 -19.08 9.20
N ASP E 256 21.82 -19.83 8.20
CA ASP E 256 20.39 -20.00 7.97
C ASP E 256 19.73 -20.90 9.00
N ASP E 257 20.50 -21.53 9.88
CA ASP E 257 19.95 -22.36 10.95
C ASP E 257 19.46 -21.54 12.14
N ALA E 258 19.34 -20.22 11.97
CA ALA E 258 18.86 -19.30 13.00
C ALA E 258 19.79 -19.19 14.19
N THR E 259 21.08 -19.52 14.04
CA THR E 259 22.03 -19.46 15.12
C THR E 259 23.26 -18.67 14.70
N CYS E 260 23.89 -18.04 15.69
CA CYS E 260 25.24 -17.52 15.58
C CYS E 260 26.16 -18.38 16.44
N ARG E 261 27.38 -18.58 15.97
CA ARG E 261 28.33 -19.43 16.68
C ARG E 261 29.69 -18.77 16.73
N LEU E 262 30.38 -18.93 17.86
CA LEU E 262 31.71 -18.39 18.06
C LEU E 262 32.73 -19.50 17.97
N PHE E 263 33.79 -19.29 17.19
CA PHE E 263 34.84 -20.27 16.98
C PHE E 263 36.18 -19.68 17.39
N ASP E 264 36.98 -20.46 18.10
CA ASP E 264 38.32 -20.06 18.51
C ASP E 264 39.33 -20.68 17.55
N LEU E 265 40.26 -19.86 17.06
CA LEU E 265 41.26 -20.35 16.13
C LEU E 265 42.22 -21.33 16.80
N ARG E 266 42.73 -20.97 17.97
CA ARG E 266 43.71 -21.81 18.64
C ARG E 266 43.09 -23.07 19.23
N ALA E 267 41.81 -23.01 19.60
CA ALA E 267 41.12 -24.21 20.08
C ALA E 267 40.59 -25.06 18.93
N ASP E 268 40.46 -24.49 17.73
CA ASP E 268 40.05 -25.24 16.54
C ASP E 268 38.69 -25.89 16.72
N GLN E 269 37.79 -25.20 17.40
CA GLN E 269 36.44 -25.73 17.62
C GLN E 269 35.52 -24.60 18.04
N GLU E 270 34.22 -24.90 18.03
CA GLU E 270 33.21 -23.93 18.44
C GLU E 270 33.24 -23.72 19.94
N LEU E 271 32.98 -22.49 20.38
CA LEU E 271 32.97 -22.15 21.79
C LEU E 271 31.59 -21.78 22.32
N MET E 272 30.72 -21.21 21.49
CA MET E 272 29.45 -20.72 21.97
C MET E 272 28.46 -20.65 20.82
N THR E 273 27.19 -20.90 21.12
CA THR E 273 26.11 -20.80 20.16
C THR E 273 25.12 -19.74 20.66
N TYR E 274 24.72 -18.84 19.77
CA TYR E 274 23.81 -17.74 20.09
C TYR E 274 22.51 -18.00 19.35
N SER E 275 21.51 -18.51 20.07
CA SER E 275 20.23 -18.84 19.46
C SER E 275 19.11 -18.65 20.47
N HIS E 276 17.89 -18.56 19.95
CA HIS E 276 16.69 -18.46 20.77
C HIS E 276 15.60 -19.29 20.12
N ASP E 277 14.74 -19.89 20.96
CA ASP E 277 13.73 -20.81 20.44
C ASP E 277 12.72 -20.09 19.55
N ASN E 278 12.38 -18.85 19.89
CA ASN E 278 11.45 -18.08 19.06
C ASN E 278 12.15 -17.41 17.88
N ILE E 279 13.45 -17.61 17.71
CA ILE E 279 14.19 -17.11 16.57
C ILE E 279 14.32 -18.26 15.57
N ILE E 280 13.58 -18.17 14.48
CA ILE E 280 13.54 -19.22 13.46
C ILE E 280 13.94 -18.72 12.09
N CYS E 281 14.40 -17.47 11.99
CA CYS E 281 14.88 -16.91 10.73
C CYS E 281 16.39 -16.91 10.70
N GLY E 282 16.95 -16.83 9.49
CA GLY E 282 18.39 -16.85 9.34
C GLY E 282 19.05 -15.54 9.72
N ILE E 283 20.37 -15.62 9.92
CA ILE E 283 21.20 -14.45 10.21
C ILE E 283 21.85 -13.98 8.92
N THR E 284 21.75 -12.69 8.63
CA THR E 284 22.29 -12.14 7.40
C THR E 284 23.61 -11.40 7.59
N SER E 285 23.93 -10.99 8.81
CA SER E 285 25.11 -10.16 9.05
C SER E 285 25.50 -10.26 10.52
N VAL E 286 26.79 -10.21 10.78
CA VAL E 286 27.33 -10.24 12.14
C VAL E 286 28.49 -9.26 12.24
N SER E 287 28.66 -8.69 13.43
CA SER E 287 29.79 -7.82 13.70
C SER E 287 29.94 -7.67 15.21
N PHE E 288 31.19 -7.56 15.65
CA PHE E 288 31.49 -7.40 17.06
C PHE E 288 31.58 -5.92 17.43
N SER E 289 31.44 -5.65 18.72
CA SER E 289 31.74 -4.33 19.26
C SER E 289 33.26 -4.18 19.39
N LYS E 290 33.68 -2.97 19.77
CA LYS E 290 35.12 -2.71 19.86
C LYS E 290 35.79 -3.58 20.92
N SER E 291 35.11 -3.80 22.05
CA SER E 291 35.66 -4.67 23.08
C SER E 291 35.50 -6.16 22.74
N GLY E 292 34.58 -6.50 21.84
CA GLY E 292 34.26 -7.88 21.57
C GLY E 292 33.28 -8.49 22.54
N ARG E 293 32.77 -7.72 23.51
CA ARG E 293 31.80 -8.23 24.45
C ARG E 293 30.41 -8.40 23.83
N LEU E 294 30.09 -7.58 22.83
CA LEU E 294 28.80 -7.62 22.17
C LEU E 294 28.94 -8.20 20.77
N LEU E 295 28.03 -9.10 20.42
CA LEU E 295 27.96 -9.69 19.08
C LEU E 295 26.64 -9.25 18.46
N LEU E 296 26.71 -8.32 17.52
CA LEU E 296 25.53 -7.81 16.83
C LEU E 296 25.26 -8.67 15.60
N ALA E 297 24.02 -9.13 15.47
CA ALA E 297 23.61 -9.97 14.35
C ALA E 297 22.31 -9.43 13.75
N GLY E 298 22.28 -9.38 12.43
CA GLY E 298 21.07 -9.03 11.70
C GLY E 298 20.32 -10.28 11.29
N TYR E 299 18.99 -10.19 11.28
CA TYR E 299 18.14 -11.34 11.06
C TYR E 299 17.16 -11.08 9.92
N ASP E 300 16.54 -12.15 9.44
CA ASP E 300 15.55 -12.05 8.37
C ASP E 300 14.24 -11.46 8.85
N ASP E 301 13.99 -11.42 10.16
CA ASP E 301 12.74 -10.92 10.72
C ASP E 301 12.75 -9.40 10.91
N PHE E 302 13.59 -8.69 10.17
CA PHE E 302 13.69 -7.23 10.08
C PHE E 302 14.38 -6.63 11.31
N ASN E 303 14.84 -7.44 12.25
CA ASN E 303 15.43 -6.95 13.49
C ASN E 303 16.91 -7.32 13.58
N CYS E 304 17.60 -6.67 14.50
CA CYS E 304 18.98 -6.98 14.83
C CYS E 304 19.07 -7.23 16.33
N ASN E 305 19.67 -8.34 16.71
CA ASN E 305 19.77 -8.74 18.11
C ASN E 305 21.19 -8.54 18.60
N VAL E 306 21.33 -7.86 19.73
CA VAL E 306 22.62 -7.66 20.38
C VAL E 306 22.82 -8.80 21.37
N TRP E 307 23.90 -9.56 21.18
CA TRP E 307 24.20 -10.70 22.03
C TRP E 307 25.36 -10.39 22.95
N ASP E 308 25.38 -11.07 24.10
CA ASP E 308 26.54 -11.06 24.99
C ASP E 308 27.47 -12.18 24.53
N ALA E 309 28.62 -11.80 23.93
CA ALA E 309 29.51 -12.78 23.34
C ALA E 309 30.10 -13.73 24.37
N LEU E 310 30.16 -13.33 25.64
CA LEU E 310 30.74 -14.17 26.67
C LEU E 310 29.72 -15.03 27.40
N LYS E 311 28.47 -14.55 27.50
CA LYS E 311 27.46 -15.24 28.29
C LYS E 311 26.30 -15.79 27.46
N ALA E 312 26.32 -15.62 26.13
CA ALA E 312 25.27 -16.10 25.24
C ALA E 312 23.91 -15.48 25.54
N ASP E 313 23.90 -14.33 26.23
CA ASP E 313 22.68 -13.64 26.56
C ASP E 313 22.28 -12.69 25.43
N ARG E 314 20.99 -12.41 25.35
CA ARG E 314 20.47 -11.36 24.49
C ARG E 314 20.30 -10.09 25.32
N ALA E 315 21.03 -9.05 24.96
CA ALA E 315 21.07 -7.83 25.75
C ALA E 315 20.45 -6.62 25.06
N GLY E 316 19.85 -6.82 23.90
CA GLY E 316 19.23 -5.70 23.20
C GLY E 316 18.75 -6.11 21.83
N VAL E 317 17.90 -5.26 21.27
CA VAL E 317 17.33 -5.46 19.95
C VAL E 317 17.31 -4.12 19.22
N LEU E 318 17.60 -4.14 17.92
CA LEU E 318 17.48 -2.97 17.05
C LEU E 318 16.35 -3.25 16.08
N ALA E 319 15.17 -2.68 16.35
CA ALA E 319 13.96 -3.05 15.62
C ALA E 319 13.39 -1.89 14.81
N GLY E 320 14.23 -1.15 14.10
CA GLY E 320 13.77 -0.01 13.34
C GLY E 320 13.36 -0.32 11.91
N HIS E 321 14.06 -1.24 11.26
CA HIS E 321 13.90 -1.44 9.83
C HIS E 321 12.56 -2.11 9.51
N ASP E 322 12.09 -1.85 8.29
CA ASP E 322 10.81 -2.35 7.82
C ASP E 322 10.92 -3.58 6.93
N ASN E 323 12.14 -3.99 6.56
CA ASN E 323 12.35 -5.15 5.72
C ASN E 323 13.60 -5.88 6.21
N ARG E 324 13.99 -6.91 5.48
CA ARG E 324 15.11 -7.77 5.86
C ARG E 324 16.37 -6.96 6.10
N VAL E 325 16.94 -7.10 7.30
CA VAL E 325 18.24 -6.50 7.59
C VAL E 325 19.31 -7.29 6.86
N SER E 326 19.92 -6.67 5.85
CA SER E 326 20.85 -7.35 4.98
C SER E 326 22.31 -7.20 5.39
N CYS E 327 22.65 -6.12 6.08
CA CYS E 327 24.04 -5.83 6.37
C CYS E 327 24.13 -4.94 7.60
N LEU E 328 25.26 -5.00 8.28
CA LEU E 328 25.54 -4.11 9.40
C LEU E 328 27.04 -4.04 9.60
N GLY E 329 27.45 -3.00 10.32
CA GLY E 329 28.86 -2.80 10.60
C GLY E 329 29.10 -1.82 11.72
N VAL E 330 30.10 -2.09 12.55
CA VAL E 330 30.48 -1.22 13.67
C VAL E 330 31.69 -0.40 13.25
N THR E 331 31.70 0.88 13.64
CA THR E 331 32.83 1.73 13.35
C THR E 331 34.09 1.22 14.04
N ASP E 332 35.25 1.63 13.51
CA ASP E 332 36.51 1.17 14.09
C ASP E 332 36.75 1.78 15.47
N ASP E 333 36.20 2.95 15.74
CA ASP E 333 36.27 3.52 17.08
C ASP E 333 35.17 3.00 18.01
N GLY E 334 34.23 2.22 17.48
CA GLY E 334 33.19 1.62 18.28
C GLY E 334 32.08 2.56 18.69
N MET E 335 32.05 3.78 18.14
CA MET E 335 31.06 4.76 18.58
C MET E 335 29.66 4.44 18.10
N ALA E 336 29.52 3.86 16.91
CA ALA E 336 28.20 3.60 16.35
C ALA E 336 28.21 2.32 15.55
N VAL E 337 27.02 1.80 15.29
CA VAL E 337 26.81 0.65 14.42
C VAL E 337 25.76 1.04 13.38
N ALA E 338 26.08 0.77 12.12
CA ALA E 338 25.16 1.02 11.02
C ALA E 338 24.48 -0.27 10.60
N THR E 339 23.24 -0.15 10.13
CA THR E 339 22.47 -1.30 9.67
C THR E 339 21.79 -0.96 8.36
N GLY E 340 22.04 -1.77 7.33
CA GLY E 340 21.34 -1.66 6.07
C GLY E 340 20.22 -2.69 5.99
N SER E 341 19.23 -2.40 5.16
CA SER E 341 18.06 -3.26 5.09
C SER E 341 17.48 -3.24 3.68
N TRP E 342 16.59 -4.21 3.43
CA TRP E 342 15.90 -4.28 2.15
C TRP E 342 14.85 -3.18 2.00
N ASP E 343 14.61 -2.38 3.03
CA ASP E 343 13.71 -1.23 2.92
C ASP E 343 14.40 0.00 2.33
N SER E 344 15.65 -0.14 1.86
CA SER E 344 16.41 0.94 1.23
C SER E 344 16.79 2.04 2.21
N PHE E 345 17.00 1.70 3.49
CA PHE E 345 17.39 2.67 4.50
C PHE E 345 18.59 2.18 5.28
N LEU E 346 19.46 3.11 5.65
CA LEU E 346 20.59 2.85 6.53
C LEU E 346 20.37 3.61 7.84
N LYS E 347 20.37 2.89 8.95
CA LYS E 347 20.17 3.48 10.26
C LYS E 347 21.47 3.41 11.05
N ILE E 348 21.89 4.54 11.60
CA ILE E 348 23.04 4.61 12.49
C ILE E 348 22.54 4.53 13.92
N TRP E 349 22.99 3.52 14.66
CA TRP E 349 22.58 3.31 16.03
C TRP E 349 23.73 3.62 16.98
N ASN E 350 23.40 4.14 18.14
CA ASN E 350 24.41 4.43 19.16
C ASN E 350 23.89 4.09 20.55
N SER F 8 35.25 -39.00 -9.37
CA SER F 8 36.54 -38.31 -9.49
C SER F 8 37.40 -38.56 -8.25
N ILE F 9 38.49 -39.30 -8.42
CA ILE F 9 39.39 -39.55 -7.30
C ILE F 9 40.22 -38.33 -6.97
N ALA F 10 40.26 -37.33 -7.85
CA ALA F 10 41.05 -36.13 -7.59
C ALA F 10 40.48 -35.30 -6.46
N GLN F 11 39.15 -35.29 -6.29
CA GLN F 11 38.55 -34.55 -5.20
C GLN F 11 38.70 -35.28 -3.87
N ALA F 12 38.59 -36.62 -3.89
CA ALA F 12 38.90 -37.39 -2.70
C ALA F 12 40.39 -37.41 -2.42
N ARG F 13 41.23 -37.16 -3.43
CA ARG F 13 42.66 -37.03 -3.20
C ARG F 13 42.97 -35.84 -2.31
N LYS F 14 42.47 -34.67 -2.68
CA LYS F 14 42.77 -33.45 -1.94
C LYS F 14 42.14 -33.46 -0.55
N LEU F 15 41.01 -34.16 -0.39
CA LEU F 15 40.36 -34.19 0.92
C LEU F 15 41.25 -34.84 1.97
N VAL F 16 41.95 -35.91 1.60
CA VAL F 16 42.84 -36.58 2.54
C VAL F 16 44.09 -35.75 2.79
N GLU F 17 44.61 -35.10 1.74
CA GLU F 17 45.80 -34.28 1.91
C GLU F 17 45.51 -33.03 2.72
N GLN F 18 44.30 -32.46 2.56
CA GLN F 18 43.94 -31.27 3.31
C GLN F 18 43.67 -31.58 4.78
N LEU F 19 42.95 -32.68 5.04
CA LEU F 19 42.60 -33.01 6.43
C LEU F 19 43.84 -33.37 7.24
N LYS F 20 44.82 -34.03 6.61
CA LYS F 20 46.07 -34.31 7.31
C LYS F 20 46.83 -33.01 7.61
N MET F 21 46.68 -32.00 6.77
CA MET F 21 47.28 -30.70 7.08
C MET F 21 46.52 -30.00 8.21
N GLU F 22 45.24 -30.32 8.37
CA GLU F 22 44.46 -29.74 9.46
C GLU F 22 44.63 -30.55 10.75
N ALA F 23 44.78 -31.86 10.64
CA ALA F 23 44.96 -32.69 11.83
C ALA F 23 46.32 -32.45 12.46
N ASN F 24 47.32 -32.02 11.70
CA ASN F 24 48.67 -31.82 12.20
C ASN F 24 48.87 -30.38 12.69
N ILE F 25 48.06 -30.01 13.68
CA ILE F 25 48.13 -28.69 14.30
C ILE F 25 48.13 -28.84 15.81
N ASP F 26 48.59 -27.79 16.49
CA ASP F 26 48.60 -27.74 17.94
C ASP F 26 47.37 -26.99 18.42
N ARG F 27 46.48 -27.69 19.11
CA ARG F 27 45.24 -27.10 19.60
C ARG F 27 45.38 -26.83 21.09
N ILE F 28 45.25 -25.56 21.48
CA ILE F 28 45.24 -25.22 22.91
C ILE F 28 43.90 -25.62 23.51
N LYS F 29 43.87 -25.65 24.84
CA LYS F 29 42.65 -26.03 25.54
C LYS F 29 41.64 -24.90 25.48
N VAL F 30 40.35 -25.27 25.52
CA VAL F 30 39.29 -24.27 25.46
C VAL F 30 39.32 -23.38 26.69
N SER F 31 39.81 -23.91 27.82
CA SER F 31 39.90 -23.10 29.04
C SER F 31 40.81 -21.90 28.83
N LYS F 32 41.97 -22.10 28.20
CA LYS F 32 42.84 -20.97 27.92
C LYS F 32 42.31 -20.13 26.76
N ALA F 33 41.67 -20.77 25.77
CA ALA F 33 41.07 -20.02 24.68
C ALA F 33 39.91 -19.16 25.17
N ALA F 34 39.13 -19.66 26.12
CA ALA F 34 38.02 -18.89 26.66
C ALA F 34 38.49 -17.78 27.59
N ALA F 35 39.55 -18.05 28.36
CA ALA F 35 40.06 -17.04 29.28
C ALA F 35 40.72 -15.88 28.53
N ASP F 36 41.36 -16.17 27.40
CA ASP F 36 41.95 -15.10 26.60
C ASP F 36 40.89 -14.17 26.03
N LEU F 37 39.80 -14.74 25.49
CA LEU F 37 38.70 -13.93 25.02
C LEU F 37 38.10 -13.11 26.16
N MET F 38 37.94 -13.73 27.33
CA MET F 38 37.41 -13.02 28.49
C MET F 38 38.35 -11.89 28.91
N ALA F 39 39.65 -12.15 28.94
CA ALA F 39 40.61 -11.13 29.37
C ALA F 39 40.67 -9.96 28.40
N TYR F 40 40.46 -10.23 27.10
CA TYR F 40 40.44 -9.14 26.13
C TYR F 40 39.24 -8.22 26.37
N CYS F 41 38.08 -8.79 26.69
CA CYS F 41 36.90 -7.97 26.93
C CYS F 41 37.04 -7.15 28.22
N GLU F 42 37.74 -7.67 29.23
CA GLU F 42 37.90 -6.94 30.48
C GLU F 42 38.80 -5.72 30.28
N ALA F 43 39.83 -5.84 29.46
CA ALA F 43 40.79 -4.75 29.31
C ALA F 43 40.25 -3.62 28.44
N HIS F 44 39.46 -3.95 27.41
CA HIS F 44 38.91 -2.96 26.50
C HIS F 44 37.45 -2.64 26.81
N ALA F 45 36.98 -2.95 28.02
CA ALA F 45 35.58 -2.70 28.36
C ALA F 45 35.28 -1.22 28.52
N LYS F 46 36.28 -0.41 28.85
CA LYS F 46 36.05 1.01 29.05
C LYS F 46 35.97 1.77 27.74
N GLU F 47 36.75 1.34 26.74
CA GLU F 47 36.79 2.01 25.44
C GLU F 47 35.80 1.42 24.45
N ASP F 48 34.71 0.81 24.93
CA ASP F 48 33.65 0.28 24.08
C ASP F 48 32.43 1.17 24.21
N PRO F 49 32.25 2.16 23.32
CA PRO F 49 31.11 3.08 23.45
C PRO F 49 29.76 2.39 23.41
N LEU F 50 29.62 1.31 22.64
CA LEU F 50 28.35 0.61 22.57
C LEU F 50 28.05 -0.18 23.86
N LEU F 51 29.05 -0.36 24.71
CA LEU F 51 28.88 -1.09 25.97
C LEU F 51 28.53 -0.16 27.13
N THR F 52 29.16 1.01 27.19
CA THR F 52 28.92 1.97 28.25
C THR F 52 28.18 3.18 27.69
N PRO F 53 27.10 3.62 28.33
CA PRO F 53 26.34 4.77 27.79
C PRO F 53 27.21 6.02 27.69
N VAL F 54 27.46 6.47 26.48
CA VAL F 54 28.34 7.60 26.25
C VAL F 54 27.57 8.90 26.49
N PRO F 55 28.15 9.88 27.18
CA PRO F 55 27.44 11.15 27.39
C PRO F 55 27.24 11.89 26.08
N ALA F 56 26.17 12.69 26.04
CA ALA F 56 25.86 13.46 24.84
C ALA F 56 26.96 14.44 24.47
N SER F 57 27.83 14.80 25.42
CA SER F 57 28.93 15.71 25.13
C SER F 57 29.95 15.08 24.18
N GLU F 58 30.12 13.77 24.23
CA GLU F 58 31.13 13.09 23.44
C GLU F 58 30.57 12.48 22.17
N ASN F 59 29.34 11.96 22.22
CA ASN F 59 28.71 11.26 21.10
C ASN F 59 28.57 12.18 19.89
N PRO F 60 29.29 11.91 18.79
CA PRO F 60 29.16 12.76 17.59
C PRO F 60 27.86 12.58 16.84
N PHE F 61 27.02 11.61 17.22
CA PHE F 61 25.70 11.44 16.65
C PHE F 61 24.60 12.00 17.55
N ARG F 62 24.94 13.00 18.36
CA ARG F 62 23.98 13.63 19.27
C ARG F 62 22.83 14.27 18.52
N GLN G 1 28.90 -30.92 12.05
CA GLN G 1 29.19 -31.56 10.77
C GLN G 1 27.97 -32.31 10.25
N VAL G 2 27.43 -31.83 9.13
CA VAL G 2 26.26 -32.46 8.50
C VAL G 2 26.72 -33.70 7.75
N GLN G 3 26.21 -34.86 8.15
CA GLN G 3 26.60 -36.12 7.54
C GLN G 3 25.35 -36.93 7.21
N LEU G 4 25.29 -37.44 5.98
CA LEU G 4 24.23 -38.32 5.54
C LEU G 4 24.88 -39.58 4.97
N GLN G 5 24.51 -40.74 5.52
CA GLN G 5 25.08 -42.01 5.09
C GLN G 5 23.94 -42.96 4.76
N GLU G 6 23.86 -43.37 3.51
CA GLU G 6 22.81 -44.27 3.05
C GLU G 6 23.26 -45.71 3.17
N SER G 7 22.38 -46.56 3.70
CA SER G 7 22.62 -47.99 3.82
C SER G 7 21.63 -48.75 2.94
N GLY G 8 21.87 -50.05 2.82
CA GLY G 8 21.07 -50.88 1.94
C GLY G 8 21.43 -50.68 0.48
N GLY G 9 20.95 -51.60 -0.34
CA GLY G 9 21.24 -51.56 -1.76
C GLY G 9 22.09 -52.74 -2.19
N GLY G 10 22.15 -52.95 -3.50
CA GLY G 10 22.91 -54.05 -4.06
C GLY G 10 22.25 -54.66 -5.27
N LEU G 11 22.39 -55.97 -5.44
CA LEU G 11 21.82 -56.68 -6.58
C LEU G 11 20.43 -57.19 -6.24
N VAL G 12 19.46 -56.86 -7.09
CA VAL G 12 18.07 -57.27 -6.93
C VAL G 12 17.59 -57.88 -8.24
N GLN G 13 16.67 -58.82 -8.11
CA GLN G 13 16.01 -59.37 -9.29
C GLN G 13 14.98 -58.38 -9.82
N PRO G 14 14.81 -58.31 -11.15
CA PRO G 14 13.75 -57.46 -11.70
C PRO G 14 12.38 -57.86 -11.18
N GLY G 15 11.75 -56.98 -10.41
CA GLY G 15 10.48 -57.26 -9.77
C GLY G 15 10.55 -57.44 -8.28
N GLY G 16 11.75 -57.54 -7.71
CA GLY G 16 11.92 -57.75 -6.29
C GLY G 16 11.66 -56.50 -5.48
N SER G 17 12.22 -56.47 -4.28
CA SER G 17 12.02 -55.36 -3.36
C SER G 17 13.32 -55.06 -2.63
N LEU G 18 13.35 -53.92 -1.96
CA LEU G 18 14.52 -53.46 -1.23
C LEU G 18 14.10 -52.32 -0.33
N ARG G 19 14.92 -52.02 0.67
CA ARG G 19 14.67 -50.94 1.61
C ARG G 19 15.96 -50.14 1.80
N LEU G 20 15.90 -48.85 1.49
CA LEU G 20 17.02 -47.95 1.67
C LEU G 20 16.85 -47.18 2.97
N SER G 21 17.96 -46.97 3.68
CA SER G 21 17.97 -46.24 4.94
C SER G 21 18.97 -45.10 4.85
N CYS G 22 18.66 -44.00 5.53
CA CYS G 22 19.52 -42.82 5.55
C CYS G 22 19.77 -42.43 6.99
N ALA G 23 21.00 -42.62 7.46
CA ALA G 23 21.39 -42.24 8.81
C ALA G 23 21.85 -40.79 8.81
N ALA G 24 21.06 -39.92 9.41
CA ALA G 24 21.34 -38.49 9.44
C ALA G 24 21.93 -38.08 10.78
N SER G 25 22.90 -37.17 10.74
CA SER G 25 23.50 -36.62 11.95
C SER G 25 24.04 -35.24 11.64
N GLY G 26 24.25 -34.45 12.69
CA GLY G 26 24.79 -33.12 12.56
C GLY G 26 23.77 -32.01 12.42
N PHE G 27 22.48 -32.31 12.54
CA PHE G 27 21.45 -31.29 12.43
C PHE G 27 20.19 -31.80 13.11
N THR G 28 19.27 -30.87 13.37
CA THR G 28 17.96 -31.21 13.92
C THR G 28 17.12 -31.83 12.81
N PHE G 29 17.03 -33.16 12.82
CA PHE G 29 16.38 -33.87 11.72
C PHE G 29 14.94 -33.45 11.52
N SER G 30 14.22 -33.17 12.62
CA SER G 30 12.80 -32.88 12.56
C SER G 30 12.50 -31.46 12.11
N ASN G 31 13.48 -30.73 11.59
CA ASN G 31 13.28 -29.37 11.11
C ASN G 31 13.41 -29.24 9.59
N TYR G 32 13.80 -30.32 8.91
CA TYR G 32 14.12 -30.25 7.49
C TYR G 32 13.27 -31.22 6.68
N LYS G 33 12.86 -30.79 5.49
CA LYS G 33 12.33 -31.70 4.51
C LYS G 33 13.44 -32.59 3.98
N MET G 34 13.14 -33.87 3.79
CA MET G 34 14.11 -34.83 3.29
C MET G 34 13.74 -35.27 1.89
N ASN G 35 14.73 -35.67 1.11
CA ASN G 35 14.53 -36.06 -0.27
C ASN G 35 15.31 -37.32 -0.58
N TRP G 36 14.86 -38.03 -1.61
CA TRP G 36 15.62 -39.08 -2.26
C TRP G 36 15.84 -38.68 -3.71
N VAL G 37 17.10 -38.68 -4.14
CA VAL G 37 17.45 -38.42 -5.53
C VAL G 37 18.32 -39.57 -6.01
N ARG G 38 18.43 -39.70 -7.33
CA ARG G 38 19.19 -40.78 -7.91
C ARG G 38 19.88 -40.31 -9.17
N GLN G 39 20.92 -41.05 -9.56
CA GLN G 39 21.70 -40.76 -10.76
C GLN G 39 21.92 -42.07 -11.51
N ALA G 40 21.16 -42.29 -12.57
CA ALA G 40 21.34 -43.46 -13.40
C ALA G 40 22.64 -43.37 -14.18
N PRO G 41 23.23 -44.50 -14.57
CA PRO G 41 24.48 -44.47 -15.35
C PRO G 41 24.35 -43.59 -16.58
N GLY G 42 25.24 -42.59 -16.67
CA GLY G 42 25.22 -41.63 -17.75
C GLY G 42 24.16 -40.56 -17.63
N LYS G 43 23.17 -40.73 -16.76
CA LYS G 43 22.11 -39.75 -16.59
C LYS G 43 22.49 -38.73 -15.53
N GLY G 44 21.78 -37.61 -15.54
CA GLY G 44 21.94 -36.62 -14.49
C GLY G 44 21.17 -37.01 -13.24
N LEU G 45 21.32 -36.20 -12.20
CA LEU G 45 20.58 -36.42 -10.98
C LEU G 45 19.11 -36.05 -11.18
N GLU G 46 18.23 -36.88 -10.64
CA GLU G 46 16.80 -36.64 -10.73
C GLU G 46 16.15 -36.89 -9.38
N TRP G 47 15.14 -36.08 -9.06
CA TRP G 47 14.43 -36.20 -7.80
C TRP G 47 13.47 -37.39 -7.84
N VAL G 48 13.47 -38.18 -6.77
CA VAL G 48 12.65 -39.37 -6.67
C VAL G 48 11.46 -39.17 -5.75
N SER G 49 11.70 -38.67 -4.54
CA SER G 49 10.62 -38.51 -3.57
C SER G 49 11.09 -37.56 -2.48
N ASP G 50 10.12 -36.86 -1.88
CA ASP G 50 10.40 -36.02 -0.72
C ASP G 50 9.31 -36.24 0.32
N ILE G 51 9.65 -35.94 1.57
CA ILE G 51 8.71 -36.03 2.68
C ILE G 51 8.90 -34.81 3.56
N SER G 52 7.79 -34.26 4.06
CA SER G 52 7.83 -33.05 4.87
C SER G 52 8.47 -33.35 6.23
N GLN G 53 8.57 -32.31 7.06
CA GLN G 53 9.19 -32.47 8.36
C GLN G 53 8.33 -33.31 9.29
N SER G 54 7.02 -33.04 9.32
CA SER G 54 6.12 -33.82 10.18
C SER G 54 5.93 -35.23 9.64
N GLY G 55 6.06 -35.42 8.33
CA GLY G 55 5.82 -36.71 7.71
C GLY G 55 4.43 -36.87 7.13
N ALA G 56 3.59 -35.84 7.20
CA ALA G 56 2.23 -35.96 6.70
C ALA G 56 2.14 -35.70 5.21
N SER G 57 3.00 -34.83 4.67
CA SER G 57 3.01 -34.51 3.25
C SER G 57 4.10 -35.30 2.54
N ILE G 58 3.71 -36.04 1.51
CA ILE G 58 4.62 -36.94 0.78
C ILE G 58 4.39 -36.76 -0.70
N SER G 59 5.48 -36.73 -1.47
CA SER G 59 5.40 -36.62 -2.91
C SER G 59 6.35 -37.62 -3.56
N TYR G 60 5.96 -38.10 -4.74
CA TYR G 60 6.77 -39.04 -5.51
C TYR G 60 6.85 -38.57 -6.96
N THR G 61 7.94 -38.93 -7.61
CA THR G 61 8.00 -38.76 -9.06
C THR G 61 7.14 -39.82 -9.73
N GLY G 62 6.68 -39.50 -10.94
CA GLY G 62 5.70 -40.36 -11.59
C GLY G 62 6.22 -41.75 -11.90
N SER G 63 7.51 -41.86 -12.19
CA SER G 63 8.09 -43.15 -12.58
C SER G 63 8.12 -44.16 -11.45
N VAL G 64 7.95 -43.74 -10.20
CA VAL G 64 8.01 -44.65 -9.05
C VAL G 64 6.75 -44.63 -8.22
N LYS G 65 5.76 -43.80 -8.54
CA LYS G 65 4.55 -43.72 -7.75
C LYS G 65 3.80 -45.06 -7.79
N GLY G 66 3.39 -45.52 -6.60
CA GLY G 66 2.76 -46.81 -6.45
C GLY G 66 3.69 -47.94 -6.11
N ARG G 67 4.98 -47.82 -6.40
CA ARG G 67 5.96 -48.85 -6.11
C ARG G 67 6.91 -48.47 -4.97
N PHE G 68 7.32 -47.20 -4.88
CA PHE G 68 8.25 -46.76 -3.86
C PHE G 68 7.47 -46.12 -2.71
N THR G 69 7.98 -46.32 -1.49
CA THR G 69 7.38 -45.74 -0.29
C THR G 69 8.47 -45.04 0.51
N ILE G 70 8.27 -43.76 0.79
CA ILE G 70 9.21 -42.98 1.57
C ILE G 70 8.66 -42.79 2.97
N SER G 71 9.55 -42.76 3.96
CA SER G 71 9.15 -42.59 5.34
C SER G 71 10.35 -42.09 6.13
N ARG G 72 10.08 -41.58 7.33
CA ARG G 72 11.13 -41.03 8.18
C ARG G 72 10.79 -41.30 9.64
N ASP G 73 11.83 -41.52 10.44
CA ASP G 73 11.71 -41.69 11.88
C ASP G 73 12.44 -40.52 12.53
N ASN G 74 11.69 -39.49 12.90
CA ASN G 74 12.30 -38.29 13.49
C ASN G 74 12.97 -38.58 14.83
N ALA G 75 12.57 -39.66 15.51
CA ALA G 75 13.22 -40.02 16.76
C ALA G 75 14.56 -40.69 16.52
N LYS G 76 14.68 -41.47 15.45
CA LYS G 76 15.90 -42.18 15.13
C LYS G 76 16.76 -41.46 14.10
N ASN G 77 16.34 -40.28 13.65
CA ASN G 77 17.08 -39.49 12.67
C ASN G 77 17.37 -40.31 11.41
N THR G 78 16.35 -41.02 10.94
CA THR G 78 16.50 -41.92 9.81
C THR G 78 15.46 -41.61 8.74
N LEU G 79 15.89 -41.67 7.49
CA LEU G 79 15.02 -41.56 6.33
C LEU G 79 15.00 -42.88 5.60
N TYR G 80 13.81 -43.41 5.34
CA TYR G 80 13.66 -44.72 4.72
C TYR G 80 13.08 -44.60 3.32
N LEU G 81 13.37 -45.61 2.50
CA LEU G 81 12.80 -45.70 1.16
C LEU G 81 12.54 -47.16 0.86
N GLN G 82 11.27 -47.56 0.89
CA GLN G 82 10.87 -48.93 0.58
C GLN G 82 10.58 -49.01 -0.91
N MET G 83 11.39 -49.78 -1.64
CA MET G 83 11.30 -49.89 -3.09
C MET G 83 10.75 -51.27 -3.45
N ASN G 84 9.48 -51.33 -3.80
CA ASN G 84 8.82 -52.57 -4.18
C ASN G 84 8.73 -52.68 -5.70
N SER G 85 8.68 -53.92 -6.18
CA SER G 85 8.54 -54.24 -7.61
C SER G 85 9.52 -53.43 -8.46
N LEU G 86 10.80 -53.65 -8.20
CA LEU G 86 11.84 -52.90 -8.89
C LEU G 86 11.93 -53.29 -10.35
N LYS G 87 12.23 -52.30 -11.19
CA LYS G 87 12.42 -52.48 -12.61
C LYS G 87 13.88 -52.28 -12.99
N PRO G 88 14.31 -52.81 -14.13
CA PRO G 88 15.70 -52.56 -14.57
C PRO G 88 16.03 -51.08 -14.76
N GLU G 89 15.03 -50.23 -14.97
CA GLU G 89 15.25 -48.79 -15.11
C GLU G 89 15.51 -48.10 -13.78
N ASP G 90 15.37 -48.80 -12.66
CA ASP G 90 15.63 -48.23 -11.34
C ASP G 90 17.08 -48.40 -10.91
N THR G 91 17.94 -48.93 -11.77
CA THR G 91 19.35 -49.09 -11.44
C THR G 91 20.03 -47.73 -11.41
N ALA G 92 20.46 -47.31 -10.23
CA ALA G 92 21.09 -46.01 -10.05
C ALA G 92 21.70 -45.94 -8.66
N VAL G 93 22.48 -44.89 -8.43
CA VAL G 93 22.96 -44.55 -7.10
C VAL G 93 21.95 -43.63 -6.45
N TYR G 94 21.42 -44.05 -5.31
CA TYR G 94 20.37 -43.31 -4.61
C TYR G 94 20.98 -42.49 -3.48
N TYR G 95 20.72 -41.19 -3.51
CA TYR G 95 21.28 -40.24 -2.55
C TYR G 95 20.21 -39.76 -1.58
N CYS G 96 20.61 -39.53 -0.35
CA CYS G 96 19.76 -38.94 0.68
C CYS G 96 20.12 -37.46 0.76
N ALA G 97 19.19 -36.59 0.38
CA ALA G 97 19.43 -35.16 0.30
C ALA G 97 18.57 -34.42 1.31
N ARG G 98 19.20 -33.60 2.13
CA ARG G 98 18.48 -32.74 3.07
C ARG G 98 18.16 -31.41 2.41
N CYS G 99 16.99 -30.88 2.71
CA CYS G 99 16.60 -29.57 2.21
C CYS G 99 17.54 -28.51 2.81
N PRO G 100 17.90 -27.49 2.03
CA PRO G 100 18.98 -26.59 2.49
C PRO G 100 18.68 -25.86 3.79
N ALA G 101 17.46 -25.38 4.00
CA ALA G 101 17.17 -24.55 5.15
C ALA G 101 16.04 -25.14 5.98
N PRO G 102 16.06 -24.93 7.30
CA PRO G 102 14.99 -25.45 8.15
C PRO G 102 13.78 -24.53 8.17
N PHE G 103 12.63 -25.14 8.47
CA PHE G 103 11.34 -24.43 8.54
C PHE G 103 11.01 -23.71 7.24
N THR G 104 11.24 -24.37 6.11
CA THR G 104 11.00 -23.78 4.80
C THR G 104 10.09 -24.68 3.98
N ARG G 105 9.25 -24.04 3.17
CA ARG G 105 8.40 -24.77 2.24
C ARG G 105 9.12 -25.07 0.92
N ASP G 106 9.99 -24.17 0.48
CA ASP G 106 10.75 -24.39 -0.74
C ASP G 106 11.94 -25.31 -0.46
N CYS G 107 12.46 -25.91 -1.54
CA CYS G 107 13.57 -26.85 -1.43
C CYS G 107 14.44 -26.71 -2.69
N PHE G 108 15.48 -25.90 -2.58
CA PHE G 108 16.34 -25.59 -3.72
C PHE G 108 17.54 -26.53 -3.79
N ASP G 109 17.97 -26.82 -5.01
CA ASP G 109 19.30 -27.32 -5.34
C ASP G 109 19.58 -28.75 -4.89
N VAL G 110 18.56 -29.51 -4.47
CA VAL G 110 18.83 -30.85 -3.96
C VAL G 110 19.34 -31.79 -5.06
N THR G 111 19.05 -31.50 -6.32
CA THR G 111 19.54 -32.30 -7.43
C THR G 111 20.71 -31.64 -8.15
N SER G 112 21.34 -30.65 -7.55
CA SER G 112 22.47 -29.98 -8.20
C SER G 112 23.70 -30.88 -8.17
N THR G 113 24.65 -30.56 -9.06
CA THR G 113 25.83 -31.42 -9.21
C THR G 113 26.66 -31.48 -7.92
N THR G 114 26.86 -30.35 -7.27
CA THR G 114 27.74 -30.26 -6.11
C THR G 114 26.98 -29.80 -4.87
N TYR G 115 25.81 -30.37 -4.63
CA TYR G 115 25.03 -30.03 -3.45
C TYR G 115 25.69 -30.59 -2.19
N ALA G 116 25.76 -29.76 -1.15
CA ALA G 116 26.53 -30.11 0.03
C ALA G 116 25.78 -31.04 0.97
N TYR G 117 24.49 -30.78 1.19
CA TYR G 117 23.71 -31.51 2.19
C TYR G 117 23.09 -32.78 1.58
N ARG G 118 23.98 -33.63 1.07
CA ARG G 118 23.60 -34.87 0.42
C ARG G 118 24.63 -35.93 0.75
N GLY G 119 24.17 -37.17 0.90
CA GLY G 119 25.06 -38.27 1.18
C GLY G 119 25.88 -38.65 -0.04
N GLN G 120 26.75 -39.65 0.16
CA GLN G 120 27.55 -40.17 -0.94
C GLN G 120 26.80 -41.20 -1.78
N GLY G 121 25.63 -41.63 -1.34
CA GLY G 121 24.78 -42.50 -2.14
C GLY G 121 25.09 -43.97 -1.94
N THR G 122 24.08 -44.80 -2.20
CA THR G 122 24.22 -46.24 -2.17
C THR G 122 23.80 -46.81 -3.51
N GLN G 123 24.53 -47.82 -3.97
CA GLN G 123 24.30 -48.38 -5.30
C GLN G 123 23.15 -49.38 -5.28
N VAL G 124 22.21 -49.21 -6.20
CA VAL G 124 21.09 -50.12 -6.37
C VAL G 124 21.11 -50.60 -7.82
N THR G 125 21.29 -51.91 -8.00
CA THR G 125 21.35 -52.51 -9.33
C THR G 125 20.22 -53.52 -9.45
N VAL G 126 19.39 -53.36 -10.49
CA VAL G 126 18.25 -54.24 -10.74
C VAL G 126 18.49 -54.88 -12.10
N SER G 127 19.09 -56.07 -12.10
CA SER G 127 19.31 -56.80 -13.34
C SER G 127 19.49 -58.28 -13.01
N SER G 128 18.84 -59.13 -13.80
CA SER G 128 18.93 -60.57 -13.60
C SER G 128 20.18 -61.14 -14.26
#